data_7S62
#
_entry.id   7S62
#
_cell.length_a   1.00
_cell.length_b   1.00
_cell.length_c   1.00
_cell.angle_alpha   90.00
_cell.angle_beta   90.00
_cell.angle_gamma   90.00
#
_symmetry.space_group_name_H-M   'P 1'
#
loop_
_entity.id
_entity.type
_entity.pdbx_description
1 polymer 'Alpha 2-macroglobulin'
2 non-polymer 2-acetamido-2-deoxy-beta-D-glucopyranose
#
_entity_poly.entity_id   1
_entity_poly.type   'polypeptide(L)'
_entity_poly.pdbx_seq_one_letter_code
;MSPNRFLLCVCILGLIAGGAAKVQYALTIPALLKSGETQRACVNLIGYHQPLALSVVLEHQRVNISIFSEKVQPPHYFKC
NKFMVPTVITNAPDFVTLSVSGGGEDIKDRKAVVIAPLNTICLIQMDKPVYKPGCKVRFRLISLNTMLLPISEKYTAVYL
EDPSGSRIAQWQNQESVGGVVQLEFPLISDAAPGSYTITAEGESCESARQGFTVDEYILPRFSVIVDPPNTISILDDILT
LNVSAIYTYGQPVPGSVTIKCCREASSYYGRKGNCFKGNRGICTNITGELGPDGAFYGVVSLLPFQMGQSGFQMSLGVAL
TVTEEGTGIQVTHQFFIMITSQLATLIFDYDALKEFYKRGIPYLVKVILTDANDNPMANEQVEVELAGKTIGAVLTDKEG
RAEYAIDTSSFVQENFTVVVSYENPHQCYYTEWEGPDFPTAQHFVMRFYSETGSFLDIQGSSVELNCGQVHNISVRYILS
LDGMGEGATTATFYYLAMSRAKIVQHGQRDVHLNQSKSGLFNIGLNVTSDLAPGAELIVYCILDLELIADTISLDIEKCF
QNQVSLSFSDDLGPTASNVSLNLSAAPGSLCGVKVIDSSLLLINPYESLSASGVYYSIPYLSLFGYNYGGFNLEEPEPPC
EDPNTVIFCKGRYYLPVSSSTEGDTYQNLRRVGLVLGTSSKIRKPVVCGMEAKFSVPRKSSGESDFGSSLSNGHVETLRK
NFSETFLWRLVSVDSEGQNTITETVPDTITKWQGSMFCVSEKEGFGITKYSANFTSFLPFFVELSLPYSLTREEILVMKA
FVSNYLEECIKIIVTLQPSADFEVIPQDVKQDQCICSGGRSSYSWNIIASSLGRISFIVSAETTHIGASCDGPSDQSQST
RKDTVIQTILVQPEGIRKEETSSNLVCVEDSNVEMPINLTLPENIVQGSASAFVTFVGDVLGLPLSNLQNLLQMPYGCGE
QNLARMAPIPYVLEYLNNTNQLTDELLQTAVQFLNEGYYRQLRYKLPSGAYDAFWSSPSDGSSWLSAYTFKTFEKAKKYI
YVDGKIQQQTLLYLQTSQKLDNGCFKAEGNLFMRQCGQERDLCFTAYLAIALLESNYSSGMTLLDDALGCLEAAMSSAST
LYFKSYTVYVFTLVQNWEIRNTLLNELKSKVVSERGTLHWEREDKLGQEGIPLYYPNYSPAEVEITAYMLLSIAKGSDPT
HDDLTYMAQISVWLIQQQNSYGGFRSTQDTVVALQALAFYAQLLFKSNAHHNVFLRSEYGDVGQLNLSEHNRLVVQRLQL
PEVSGNYSISINGTGCCLVQSTIRYNIPVPKENSAFYVAADSVSKNCLNGVAYTITITVSVSYRGLRNETNMVIIDIQML
SGYQADYPSLRQLENSQQVSKTEEQDNHVFLYLNAVPLKTIQLSFKVLIGSRVLNVKSASVYVYDYYETGENGFASYSQP
C
;
_entity_poly.pdbx_strand_id   A
#
loop_
_chem_comp.id
_chem_comp.type
_chem_comp.name
_chem_comp.formula
NAG D-saccharide, beta linking 2-acetamido-2-deoxy-beta-D-glucopyranose 'C8 H15 N O6'
#
# COMPACT_ATOMS: atom_id res chain seq x y z
N LYS A 22 -25.82 62.52 18.13
CA LYS A 22 -25.90 61.78 16.87
C LYS A 22 -25.87 60.28 17.14
N VAL A 23 -26.21 59.48 16.14
CA VAL A 23 -26.16 58.02 16.24
C VAL A 23 -25.18 57.51 15.21
N GLN A 24 -24.23 56.70 15.66
CA GLN A 24 -23.33 55.99 14.77
C GLN A 24 -23.45 54.50 15.08
N TYR A 25 -23.72 53.71 14.05
CA TYR A 25 -24.04 52.30 14.23
C TYR A 25 -23.21 51.47 13.27
N ALA A 26 -23.10 50.19 13.58
CA ALA A 26 -22.41 49.25 12.71
C ALA A 26 -22.92 47.84 12.99
N LEU A 27 -23.32 47.15 11.91
CA LEU A 27 -23.53 45.71 11.92
C LEU A 27 -22.29 45.00 11.42
N THR A 28 -21.88 43.97 12.15
CA THR A 28 -20.82 43.08 11.70
C THR A 28 -21.39 41.67 11.66
N ILE A 29 -21.50 41.13 10.45
CA ILE A 29 -21.93 39.75 10.21
C ILE A 29 -21.17 39.18 9.04
N PRO A 30 -20.94 37.87 9.03
CA PRO A 30 -20.30 37.24 7.89
C PRO A 30 -21.19 37.30 6.66
N ALA A 31 -20.56 37.34 5.49
CA ALA A 31 -21.34 37.47 4.25
C ALA A 31 -22.02 36.17 3.88
N LEU A 32 -21.46 35.03 4.30
CA LEU A 32 -21.98 33.71 3.95
C LEU A 32 -22.30 32.97 5.23
N LEU A 33 -23.58 32.97 5.61
CA LEU A 33 -24.01 32.22 6.77
C LEU A 33 -24.08 30.73 6.46
N LYS A 34 -23.79 29.91 7.47
CA LYS A 34 -23.81 28.46 7.34
C LYS A 34 -25.12 27.93 7.91
N SER A 35 -25.83 27.14 7.11
CA SER A 35 -27.17 26.72 7.48
C SER A 35 -27.16 25.73 8.64
N GLY A 36 -28.07 25.92 9.57
CA GLY A 36 -28.31 24.97 10.63
C GLY A 36 -27.41 25.07 11.84
N GLU A 37 -26.46 26.00 11.86
CA GLU A 37 -25.56 26.13 12.99
C GLU A 37 -25.54 27.58 13.48
N THR A 38 -25.37 27.73 14.79
CA THR A 38 -25.47 29.04 15.42
C THR A 38 -24.33 29.95 14.99
N GLN A 39 -24.67 31.20 14.67
CA GLN A 39 -23.69 32.22 14.38
C GLN A 39 -23.93 33.42 15.30
N ARG A 40 -23.13 34.46 15.11
CA ARG A 40 -23.23 35.66 15.92
C ARG A 40 -23.26 36.89 15.02
N ALA A 41 -23.98 37.91 15.46
CA ALA A 41 -24.06 39.20 14.79
C ALA A 41 -23.78 40.29 15.81
N CYS A 42 -22.89 41.22 15.49
CA CYS A 42 -22.44 42.19 16.48
C CYS A 42 -22.88 43.60 16.07
N VAL A 43 -23.37 44.39 17.02
CA VAL A 43 -23.91 45.71 16.78
C VAL A 43 -23.18 46.71 17.66
N ASN A 44 -22.93 47.91 17.10
CA ASN A 44 -22.01 48.89 17.67
C ASN A 44 -22.64 50.29 17.76
N LEU A 45 -23.80 50.41 18.40
CA LEU A 45 -24.44 51.71 18.55
C LEU A 45 -23.67 52.62 19.50
N ILE A 46 -23.58 53.91 19.14
CA ILE A 46 -22.84 54.86 19.95
C ILE A 46 -23.35 56.27 19.65
N GLY A 47 -23.24 57.15 20.64
CA GLY A 47 -23.43 58.58 20.45
C GLY A 47 -24.72 59.14 21.02
N TYR A 48 -25.83 58.45 20.76
CA TYR A 48 -27.15 58.84 21.26
C TYR A 48 -27.13 59.12 22.76
N HIS A 49 -28.16 59.84 23.22
CA HIS A 49 -28.32 60.18 24.63
C HIS A 49 -29.57 59.56 25.25
N GLN A 50 -30.73 59.71 24.60
CA GLN A 50 -31.95 59.10 25.09
C GLN A 50 -31.91 57.59 24.88
N PRO A 51 -32.74 56.83 25.59
CA PRO A 51 -32.86 55.40 25.28
C PRO A 51 -33.48 55.16 23.91
N LEU A 52 -33.09 54.04 23.30
CA LEU A 52 -33.51 53.64 21.96
C LEU A 52 -34.18 52.26 22.01
N ALA A 53 -34.43 51.70 20.82
CA ALA A 53 -35.04 50.39 20.69
C ALA A 53 -34.58 49.80 19.36
N LEU A 54 -33.82 48.71 19.44
CA LEU A 54 -33.17 48.10 18.28
C LEU A 54 -33.99 46.91 17.79
N SER A 55 -33.81 46.59 16.51
CA SER A 55 -34.43 45.40 15.94
C SER A 55 -33.63 44.95 14.74
N VAL A 56 -33.10 43.73 14.76
CA VAL A 56 -32.37 43.17 13.64
C VAL A 56 -33.06 41.87 13.22
N VAL A 57 -33.37 41.77 11.93
CA VAL A 57 -34.16 40.68 11.39
C VAL A 57 -33.42 40.07 10.21
N LEU A 58 -33.25 38.74 10.23
CA LEU A 58 -32.69 38.00 9.11
C LEU A 58 -33.87 37.51 8.28
N GLU A 59 -34.29 38.32 7.31
CA GLU A 59 -35.49 38.05 6.54
C GLU A 59 -35.26 36.84 5.63
N HIS A 60 -35.81 35.70 6.01
CA HIS A 60 -35.79 34.51 5.16
C HIS A 60 -36.94 34.59 4.17
N GLN A 61 -37.26 33.47 3.54
CA GLN A 61 -38.33 33.46 2.54
C GLN A 61 -39.66 33.91 3.14
N ARG A 62 -40.01 33.39 4.31
CA ARG A 62 -41.32 33.67 4.89
C ARG A 62 -41.21 34.15 6.34
N VAL A 63 -40.17 33.69 7.05
CA VAL A 63 -40.08 33.88 8.49
C VAL A 63 -39.14 35.05 8.79
N ASN A 64 -39.38 35.67 9.94
CA ASN A 64 -38.53 36.75 10.45
C ASN A 64 -37.79 36.26 11.68
N ILE A 65 -36.48 36.35 11.64
CA ILE A 65 -35.65 36.02 12.79
C ILE A 65 -35.46 37.29 13.63
N SER A 66 -35.13 37.11 14.90
CA SER A 66 -35.21 38.17 15.91
C SER A 66 -33.87 38.38 16.58
N ILE A 67 -32.83 38.62 15.78
CA ILE A 67 -31.46 38.62 16.30
C ILE A 67 -31.32 39.57 17.49
N PHE A 68 -31.85 40.78 17.37
CA PHE A 68 -31.85 41.75 18.46
C PHE A 68 -33.25 42.28 18.64
N SER A 69 -33.74 42.29 19.88
CA SER A 69 -35.01 42.93 20.23
C SER A 69 -34.89 43.61 21.58
N GLU A 70 -33.77 44.30 21.81
CA GLU A 70 -33.44 44.82 23.12
C GLU A 70 -33.82 46.29 23.27
N LYS A 71 -34.00 46.71 24.52
CA LYS A 71 -34.22 48.10 24.87
C LYS A 71 -32.85 48.71 25.21
N VAL A 72 -32.28 49.46 24.28
CA VAL A 72 -30.94 50.01 24.44
C VAL A 72 -31.01 51.21 25.37
N GLN A 73 -29.99 51.36 26.22
CA GLN A 73 -30.02 52.28 27.35
C GLN A 73 -28.70 53.05 27.49
N PRO A 74 -28.75 54.38 27.63
CA PRO A 74 -27.53 55.25 27.48
C PRO A 74 -26.46 54.76 26.51
N PRO A 75 -25.39 55.54 26.29
CA PRO A 75 -24.50 55.27 25.15
C PRO A 75 -23.61 54.05 25.35
N HIS A 76 -22.74 53.83 24.36
CA HIS A 76 -21.81 52.70 24.33
C HIS A 76 -22.55 51.36 24.37
N TYR A 77 -23.27 51.07 23.28
CA TYR A 77 -23.90 49.76 23.14
C TYR A 77 -23.11 48.96 22.12
N PHE A 78 -22.13 48.20 22.59
CA PHE A 78 -21.43 47.24 21.75
C PHE A 78 -21.77 45.85 22.26
N LYS A 79 -22.70 45.18 21.57
CA LYS A 79 -23.12 43.84 21.99
C LYS A 79 -23.18 42.94 20.77
N CYS A 80 -22.79 41.69 20.95
CA CYS A 80 -22.77 40.75 19.85
C CYS A 80 -23.53 39.50 20.28
N ASN A 81 -24.62 39.20 19.58
CA ASN A 81 -25.62 38.25 20.06
C ASN A 81 -25.74 37.08 19.09
N LYS A 82 -26.18 35.94 19.61
CA LYS A 82 -26.27 34.71 18.87
C LYS A 82 -27.59 34.60 18.12
N PHE A 83 -27.57 33.83 17.04
CA PHE A 83 -28.79 33.47 16.32
C PHE A 83 -28.57 32.15 15.61
N MET A 84 -29.67 31.53 15.19
CA MET A 84 -29.65 30.23 14.54
C MET A 84 -30.03 30.41 13.08
N VAL A 85 -29.13 30.04 12.18
CA VAL A 85 -29.39 30.14 10.75
C VAL A 85 -30.33 29.01 10.34
N PRO A 86 -31.46 29.32 9.72
CA PRO A 86 -32.37 28.25 9.29
C PRO A 86 -31.74 27.37 8.22
N THR A 87 -32.05 26.08 8.28
CA THR A 87 -31.46 25.13 7.35
C THR A 87 -32.03 25.29 5.96
N VAL A 88 -31.14 25.25 4.96
CA VAL A 88 -31.53 25.42 3.56
C VAL A 88 -30.69 24.47 2.72
N ILE A 89 -31.32 23.86 1.72
CA ILE A 89 -30.66 22.84 0.92
C ILE A 89 -29.84 23.38 -0.26
N THR A 90 -30.16 24.58 -0.74
CA THR A 90 -29.42 25.19 -1.85
C THR A 90 -29.18 26.65 -1.53
N ASN A 91 -27.94 27.11 -1.74
CA ASN A 91 -27.55 28.44 -1.30
C ASN A 91 -28.48 29.51 -1.85
N ALA A 92 -29.00 30.33 -0.95
CA ALA A 92 -29.99 31.34 -1.30
C ALA A 92 -29.64 32.67 -0.66
N PRO A 93 -29.95 33.78 -1.33
CA PRO A 93 -29.66 35.09 -0.74
C PRO A 93 -30.82 35.61 0.10
N ASP A 94 -30.48 36.13 1.27
CA ASP A 94 -31.44 36.76 2.15
C ASP A 94 -30.90 38.11 2.61
N PHE A 95 -31.76 38.85 3.31
CA PHE A 95 -31.45 40.21 3.72
C PHE A 95 -31.42 40.31 5.23
N VAL A 96 -30.65 41.26 5.73
CA VAL A 96 -30.60 41.58 7.15
C VAL A 96 -31.02 43.03 7.30
N THR A 97 -32.09 43.25 8.07
CA THR A 97 -32.66 44.57 8.26
C THR A 97 -32.41 45.04 9.68
N LEU A 98 -32.05 46.31 9.83
CA LEU A 98 -31.74 46.93 11.11
C LEU A 98 -32.62 48.16 11.29
N SER A 99 -33.18 48.29 12.50
CA SER A 99 -34.02 49.43 12.87
C SER A 99 -33.58 49.95 14.23
N VAL A 100 -33.52 51.28 14.34
CA VAL A 100 -32.92 51.97 15.49
C VAL A 100 -33.99 52.88 16.10
N SER A 101 -35.22 52.41 16.16
CA SER A 101 -36.32 53.30 16.48
C SER A 101 -36.17 53.85 17.89
N GLY A 102 -36.30 55.18 18.02
CA GLY A 102 -36.08 55.79 19.31
C GLY A 102 -36.79 57.12 19.43
N GLY A 103 -36.51 57.81 20.54
CA GLY A 103 -37.11 59.11 20.76
C GLY A 103 -36.67 60.16 19.77
N GLY A 104 -35.42 60.09 19.33
CA GLY A 104 -34.90 61.05 18.36
C GLY A 104 -34.74 60.47 16.98
N GLU A 105 -33.50 60.45 16.50
CA GLU A 105 -33.22 59.96 15.16
C GLU A 105 -33.43 58.44 15.10
N ASP A 106 -33.98 57.97 13.98
CA ASP A 106 -34.17 56.56 13.73
C ASP A 106 -33.42 56.16 12.47
N ILE A 107 -32.79 54.99 12.52
CA ILE A 107 -31.94 54.51 11.45
C ILE A 107 -32.52 53.20 10.92
N LYS A 108 -32.66 53.10 9.60
CA LYS A 108 -33.08 51.87 8.95
C LYS A 108 -32.02 51.47 7.94
N ASP A 109 -31.61 50.21 7.99
CA ASP A 109 -30.54 49.70 7.13
C ASP A 109 -30.91 48.32 6.63
N ARG A 110 -30.36 47.96 5.46
CA ARG A 110 -30.69 46.69 4.83
C ARG A 110 -29.49 46.18 4.06
N LYS A 111 -28.83 45.16 4.59
CA LYS A 111 -27.69 44.53 3.93
C LYS A 111 -28.09 43.16 3.42
N ALA A 112 -27.21 42.55 2.62
CA ALA A 112 -27.51 41.29 1.97
C ALA A 112 -26.46 40.25 2.32
N VAL A 113 -26.92 39.03 2.61
CA VAL A 113 -26.03 37.90 2.90
C VAL A 113 -26.54 36.68 2.14
N VAL A 114 -25.71 35.64 2.10
CA VAL A 114 -26.03 34.40 1.40
C VAL A 114 -26.00 33.27 2.41
N ILE A 115 -27.09 32.53 2.52
CA ILE A 115 -27.13 31.35 3.37
C ILE A 115 -26.80 30.14 2.50
N ALA A 116 -25.77 29.39 2.91
CA ALA A 116 -25.28 28.28 2.10
C ALA A 116 -25.61 26.94 2.76
N PRO A 117 -25.73 25.87 1.97
CA PRO A 117 -25.94 24.55 2.55
C PRO A 117 -24.63 23.91 2.97
N LEU A 118 -24.74 22.87 3.79
CA LEU A 118 -23.58 22.15 4.27
C LEU A 118 -23.83 20.64 4.18
N ASN A 119 -22.79 19.91 3.79
CA ASN A 119 -22.83 18.46 3.75
C ASN A 119 -22.26 17.89 5.04
N THR A 120 -22.08 16.57 5.07
CA THR A 120 -21.40 15.90 6.16
C THR A 120 -20.13 15.26 5.62
N ILE A 121 -19.10 15.19 6.45
CA ILE A 121 -17.77 14.81 6.02
C ILE A 121 -17.50 13.37 6.42
N CYS A 122 -16.96 12.59 5.48
CA CYS A 122 -16.60 11.20 5.70
C CYS A 122 -15.08 11.06 5.62
N LEU A 123 -14.50 10.41 6.62
CA LEU A 123 -13.05 10.24 6.71
C LEU A 123 -12.71 8.77 6.85
N ILE A 124 -11.54 8.42 6.33
CA ILE A 124 -11.03 7.06 6.35
C ILE A 124 -9.77 7.05 7.19
N GLN A 125 -9.76 6.24 8.25
CA GLN A 125 -8.55 6.04 9.05
C GLN A 125 -7.85 4.79 8.57
N MET A 126 -6.77 4.97 7.81
CA MET A 126 -5.97 3.85 7.31
C MET A 126 -4.75 3.72 8.20
N ASP A 127 -4.83 2.84 9.20
CA ASP A 127 -3.66 2.53 9.98
C ASP A 127 -2.66 1.76 9.13
N LYS A 128 -1.39 1.78 9.57
CA LYS A 128 -0.33 1.13 8.81
C LYS A 128 -0.25 1.77 7.43
N PRO A 129 0.29 2.99 7.32
CA PRO A 129 0.21 3.71 6.03
C PRO A 129 0.73 2.94 4.84
N VAL A 130 1.78 2.14 5.00
CA VAL A 130 2.30 1.31 3.92
C VAL A 130 1.95 -0.15 4.23
N TYR A 131 1.53 -0.87 3.19
CA TYR A 131 1.10 -2.25 3.31
C TYR A 131 2.02 -3.16 2.49
N LYS A 132 2.12 -4.39 2.94
CA LYS A 132 2.87 -5.45 2.26
C LYS A 132 1.99 -6.68 2.17
N PRO A 133 2.24 -7.55 1.19
CA PRO A 133 1.43 -8.77 1.07
C PRO A 133 1.50 -9.61 2.35
N GLY A 134 0.38 -10.25 2.66
CA GLY A 134 0.25 -11.04 3.86
C GLY A 134 -0.23 -10.28 5.08
N CYS A 135 -0.80 -9.09 4.90
CA CYS A 135 -1.24 -8.25 5.99
C CYS A 135 -2.77 -8.20 6.04
N LYS A 136 -3.30 -7.35 6.93
CA LYS A 136 -4.73 -7.13 7.06
C LYS A 136 -4.99 -5.65 7.01
N VAL A 137 -5.72 -5.20 5.99
CA VAL A 137 -6.11 -3.80 5.89
C VAL A 137 -7.24 -3.55 6.87
N ARG A 138 -7.05 -2.59 7.77
CA ARG A 138 -8.02 -2.28 8.81
C ARG A 138 -8.64 -0.92 8.54
N PHE A 139 -9.88 -0.92 8.07
CA PHE A 139 -10.60 0.29 7.74
C PHE A 139 -11.00 1.04 8.99
N ARG A 140 -11.50 2.26 8.79
CA ARG A 140 -12.33 2.92 9.79
C ARG A 140 -13.04 4.08 9.11
N LEU A 141 -14.37 4.00 9.03
CA LEU A 141 -15.19 5.05 8.44
C LEU A 141 -15.69 5.96 9.55
N ILE A 142 -15.54 7.28 9.38
CA ILE A 142 -16.00 8.24 10.37
C ILE A 142 -16.85 9.30 9.66
N SER A 143 -18.04 9.54 10.18
CA SER A 143 -18.95 10.54 9.64
C SER A 143 -19.12 11.66 10.65
N LEU A 144 -18.98 12.91 10.19
CA LEU A 144 -19.06 14.06 11.08
C LEU A 144 -19.92 15.15 10.45
N ASN A 145 -20.55 15.94 11.32
CA ASN A 145 -21.25 17.14 10.90
C ASN A 145 -20.23 18.20 10.48
N THR A 146 -20.71 19.36 10.03
CA THR A 146 -19.80 20.45 9.72
C THR A 146 -19.03 20.88 10.96
N MET A 147 -19.73 21.03 12.08
CA MET A 147 -19.07 21.01 13.38
C MET A 147 -18.70 19.57 13.71
N LEU A 148 -17.54 19.38 14.31
CA LEU A 148 -16.97 18.04 14.46
C LEU A 148 -17.75 17.27 15.53
N LEU A 149 -18.93 16.79 15.14
CA LEU A 149 -19.79 15.99 15.98
C LEU A 149 -20.20 14.73 15.23
N PRO A 150 -20.42 13.62 15.95
CA PRO A 150 -20.80 12.37 15.28
C PRO A 150 -22.28 12.36 14.92
N ILE A 151 -22.56 11.76 13.77
CA ILE A 151 -23.94 11.54 13.33
C ILE A 151 -24.05 10.12 12.79
N SER A 152 -25.26 9.57 12.85
CA SER A 152 -25.51 8.24 12.30
C SER A 152 -25.57 8.32 10.78
N GLU A 153 -24.78 7.50 10.11
CA GLU A 153 -24.71 7.50 8.66
C GLU A 153 -24.86 6.08 8.14
N LYS A 154 -25.52 5.95 6.99
CA LYS A 154 -25.77 4.67 6.34
C LYS A 154 -25.03 4.63 5.01
N TYR A 155 -24.27 3.56 4.78
CA TYR A 155 -23.52 3.36 3.56
C TYR A 155 -24.16 2.26 2.73
N THR A 156 -23.96 2.32 1.41
CA THR A 156 -24.51 1.32 0.51
C THR A 156 -23.51 0.74 -0.48
N ALA A 157 -22.41 1.43 -0.78
CA ALA A 157 -21.49 0.99 -1.83
C ALA A 157 -20.05 1.12 -1.37
N VAL A 158 -19.73 0.58 -0.19
CA VAL A 158 -18.36 0.53 0.28
C VAL A 158 -17.64 -0.61 -0.44
N TYR A 159 -16.53 -0.29 -1.10
CA TYR A 159 -15.79 -1.33 -1.81
C TYR A 159 -14.37 -0.88 -2.07
N LEU A 160 -13.51 -1.86 -2.38
CA LEU A 160 -12.13 -1.61 -2.76
C LEU A 160 -11.96 -1.64 -4.28
N GLU A 161 -10.80 -1.20 -4.73
CA GLU A 161 -10.47 -1.21 -6.16
C GLU A 161 -8.99 -1.45 -6.33
N ASP A 162 -8.65 -2.46 -7.14
CA ASP A 162 -7.26 -2.80 -7.42
C ASP A 162 -6.65 -1.78 -8.38
N PRO A 163 -5.33 -1.76 -8.51
CA PRO A 163 -4.71 -0.83 -9.47
C PRO A 163 -5.19 -1.04 -10.90
N SER A 164 -5.62 -2.24 -11.26
CA SER A 164 -6.23 -2.46 -12.56
C SER A 164 -7.60 -1.80 -12.69
N GLY A 165 -8.21 -1.39 -11.58
CA GLY A 165 -9.49 -0.71 -11.61
C GLY A 165 -10.69 -1.58 -11.32
N SER A 166 -10.49 -2.82 -10.91
CA SER A 166 -11.60 -3.74 -10.67
C SER A 166 -11.86 -3.90 -9.18
N ARG A 167 -13.12 -4.04 -8.83
CA ARG A 167 -13.51 -4.17 -7.43
C ARG A 167 -13.12 -5.54 -6.91
N ILE A 168 -12.47 -5.56 -5.74
CA ILE A 168 -12.01 -6.78 -5.12
C ILE A 168 -12.96 -7.26 -4.04
N ALA A 169 -13.43 -6.34 -3.19
CA ALA A 169 -14.37 -6.70 -2.13
C ALA A 169 -15.35 -5.55 -1.93
N GLN A 170 -16.55 -5.92 -1.46
CA GLN A 170 -17.65 -4.99 -1.27
C GLN A 170 -18.39 -5.33 0.02
N TRP A 171 -18.93 -4.30 0.66
CA TRP A 171 -19.77 -4.45 1.84
C TRP A 171 -21.12 -3.78 1.58
N GLN A 172 -22.18 -4.40 2.06
CA GLN A 172 -23.54 -3.93 1.81
C GLN A 172 -24.20 -3.47 3.09
N ASN A 173 -24.75 -2.25 3.07
CA ASN A 173 -25.55 -1.71 4.17
C ASN A 173 -24.75 -1.69 5.48
N GLN A 174 -23.68 -0.90 5.49
CA GLN A 174 -22.82 -0.76 6.66
C GLN A 174 -23.41 0.33 7.55
N GLU A 175 -24.12 -0.08 8.61
CA GLU A 175 -24.71 0.87 9.53
C GLU A 175 -23.69 1.30 10.57
N SER A 176 -23.70 2.60 10.88
CA SER A 176 -22.77 3.17 11.85
C SER A 176 -23.37 3.12 13.24
N VAL A 177 -22.57 2.69 14.22
CA VAL A 177 -23.05 2.55 15.59
C VAL A 177 -22.86 3.83 16.39
N GLY A 178 -21.72 4.50 16.25
CA GLY A 178 -21.46 5.72 16.99
C GLY A 178 -20.79 6.76 16.12
N GLY A 179 -21.15 6.77 14.84
CA GLY A 179 -20.46 7.58 13.86
C GLY A 179 -19.20 6.95 13.31
N VAL A 180 -18.88 5.73 13.71
CA VAL A 180 -17.68 5.03 13.26
C VAL A 180 -18.07 3.62 12.83
N VAL A 181 -17.52 3.20 11.69
CA VAL A 181 -17.73 1.86 11.14
C VAL A 181 -16.39 1.18 11.03
N GLN A 182 -16.27 0.00 11.62
CA GLN A 182 -15.02 -0.73 11.69
C GLN A 182 -15.07 -1.92 10.72
N LEU A 183 -14.08 -1.98 9.83
CA LEU A 183 -14.04 -3.01 8.80
C LEU A 183 -12.64 -3.61 8.73
N GLU A 184 -12.58 -4.86 8.28
CA GLU A 184 -11.31 -5.57 8.12
C GLU A 184 -11.29 -6.24 6.75
N PHE A 185 -10.08 -6.41 6.22
CA PHE A 185 -9.93 -7.08 4.93
C PHE A 185 -8.56 -7.72 4.82
N PRO A 186 -8.47 -9.05 4.88
CA PRO A 186 -7.17 -9.70 4.70
C PRO A 186 -6.65 -9.49 3.29
N LEU A 187 -5.33 -9.47 3.15
CA LEU A 187 -4.69 -9.24 1.86
C LEU A 187 -3.92 -10.49 1.47
N ILE A 188 -4.18 -11.00 0.26
CA ILE A 188 -3.59 -12.26 -0.15
C ILE A 188 -2.06 -12.15 -0.21
N SER A 189 -1.40 -13.29 -0.12
CA SER A 189 0.06 -13.31 -0.14
C SER A 189 0.63 -12.84 -1.47
N ASP A 190 -0.18 -12.79 -2.52
CA ASP A 190 0.29 -12.25 -3.79
C ASP A 190 0.23 -10.73 -3.78
N ALA A 191 -0.97 -10.16 -3.69
CA ALA A 191 -1.17 -8.74 -3.43
C ALA A 191 -0.40 -7.87 -4.42
N ALA A 192 -0.88 -7.90 -5.67
CA ALA A 192 -0.31 -7.12 -6.76
C ALA A 192 0.05 -5.71 -6.31
N PRO A 193 1.33 -5.35 -6.34
CA PRO A 193 1.75 -4.03 -5.84
C PRO A 193 1.16 -2.91 -6.68
N GLY A 194 0.92 -1.78 -6.02
CA GLY A 194 0.33 -0.63 -6.68
C GLY A 194 -0.28 0.34 -5.70
N SER A 195 -1.49 0.81 -6.01
CA SER A 195 -2.20 1.75 -5.13
C SER A 195 -3.68 1.40 -5.18
N TYR A 196 -4.11 0.55 -4.25
CA TYR A 196 -5.53 0.25 -4.11
C TYR A 196 -6.28 1.50 -3.67
N THR A 197 -7.49 1.65 -4.17
CA THR A 197 -8.36 2.76 -3.78
C THR A 197 -9.61 2.23 -3.10
N ILE A 198 -10.33 3.13 -2.45
CA ILE A 198 -11.54 2.79 -1.69
C ILE A 198 -12.64 3.76 -2.07
N THR A 199 -13.87 3.24 -2.19
CA THR A 199 -15.05 4.09 -2.32
C THR A 199 -16.01 3.77 -1.18
N ALA A 200 -16.55 4.82 -0.56
CA ALA A 200 -17.51 4.65 0.54
C ALA A 200 -18.66 5.61 0.30
N GLU A 201 -19.68 5.15 -0.43
CA GLU A 201 -20.84 5.97 -0.72
C GLU A 201 -21.80 5.97 0.47
N GLY A 202 -22.38 7.13 0.77
CA GLY A 202 -23.26 7.27 1.90
C GLY A 202 -24.49 8.08 1.55
N GLU A 203 -25.47 8.03 2.44
CA GLU A 203 -26.72 8.77 2.23
C GLU A 203 -26.51 10.28 2.33
N SER A 204 -25.45 10.73 2.99
CA SER A 204 -25.12 12.15 3.09
C SER A 204 -23.84 12.51 2.36
N CYS A 205 -22.78 11.72 2.58
CA CYS A 205 -21.54 11.93 1.85
C CYS A 205 -21.71 11.53 0.39
N GLU A 206 -20.78 11.99 -0.45
CA GLU A 206 -20.78 11.66 -1.87
C GLU A 206 -19.75 10.59 -2.22
N SER A 207 -18.51 10.76 -1.76
CA SER A 207 -17.47 9.77 -2.03
C SER A 207 -16.36 9.95 -1.01
N ALA A 208 -16.12 8.96 -0.18
CA ALA A 208 -15.04 8.99 0.80
C ALA A 208 -13.82 8.22 0.27
N ARG A 209 -13.26 8.74 -0.82
CA ARG A 209 -12.16 8.05 -1.50
C ARG A 209 -10.91 8.04 -0.63
N GLN A 210 -10.07 7.03 -0.86
CA GLN A 210 -8.83 6.88 -0.14
C GLN A 210 -7.86 6.07 -1.01
N GLY A 211 -6.59 6.10 -0.63
CA GLY A 211 -5.56 5.45 -1.41
C GLY A 211 -4.69 4.54 -0.57
N PHE A 212 -4.00 3.65 -1.27
CA PHE A 212 -3.02 2.74 -0.68
C PHE A 212 -1.65 3.08 -1.23
N THR A 213 -0.63 2.45 -0.63
CA THR A 213 0.72 2.49 -1.18
C THR A 213 1.38 1.13 -1.02
N VAL A 214 0.61 0.06 -1.23
CA VAL A 214 1.15 -1.28 -1.07
C VAL A 214 2.27 -1.49 -2.08
N ASP A 215 3.39 -2.02 -1.62
CA ASP A 215 4.58 -2.15 -2.43
C ASP A 215 5.11 -3.57 -2.36
N GLU A 216 5.81 -3.97 -3.41
CA GLU A 216 6.38 -5.31 -3.46
C GLU A 216 7.46 -5.44 -2.40
N TYR A 217 7.34 -6.46 -1.56
CA TYR A 217 8.29 -6.67 -0.46
C TYR A 217 9.56 -7.32 -0.99
N ILE A 218 10.51 -6.47 -1.40
CA ILE A 218 11.84 -6.91 -1.77
C ILE A 218 12.82 -6.31 -0.77
N LEU A 219 13.78 -7.13 -0.35
CA LEU A 219 14.75 -6.75 0.68
C LEU A 219 16.16 -6.89 0.11
N PRO A 220 16.69 -5.84 -0.52
CA PRO A 220 18.07 -5.90 -1.00
C PRO A 220 19.04 -6.13 0.15
N ARG A 221 20.11 -6.87 -0.13
CA ARG A 221 21.05 -7.25 0.91
C ARG A 221 21.92 -6.09 1.38
N PHE A 222 21.87 -4.94 0.70
CA PHE A 222 22.65 -3.78 1.09
C PHE A 222 21.76 -2.55 1.17
N SER A 223 22.20 -1.58 1.98
CA SER A 223 21.58 -0.26 2.02
C SER A 223 22.66 0.75 2.30
N VAL A 224 22.89 1.67 1.38
CA VAL A 224 23.97 2.64 1.47
C VAL A 224 23.38 3.99 1.88
N ILE A 225 24.05 4.65 2.83
CA ILE A 225 23.60 5.92 3.38
C ILE A 225 24.68 6.97 3.13
N VAL A 226 24.26 8.09 2.52
CA VAL A 226 25.16 9.21 2.25
C VAL A 226 24.34 10.50 2.36
N ASP A 227 24.96 11.55 2.88
CA ASP A 227 24.31 12.84 3.11
C ASP A 227 25.20 13.97 2.58
N PRO A 228 25.12 14.26 1.29
CA PRO A 228 25.97 15.33 0.74
C PRO A 228 25.50 16.68 1.22
N PRO A 229 26.39 17.68 1.24
CA PRO A 229 25.95 19.04 1.59
C PRO A 229 24.98 19.64 0.60
N ASN A 230 24.90 19.09 -0.63
CA ASN A 230 23.92 19.45 -1.64
C ASN A 230 24.21 20.81 -2.28
N THR A 231 25.23 21.51 -1.80
CA THR A 231 25.63 22.78 -2.40
C THR A 231 27.02 23.14 -1.90
N ILE A 232 27.91 23.46 -2.83
CA ILE A 232 29.29 23.83 -2.50
C ILE A 232 29.63 25.14 -3.21
N SER A 233 30.32 26.03 -2.50
CA SER A 233 30.77 27.28 -3.07
C SER A 233 32.02 27.07 -3.92
N ILE A 234 32.31 28.06 -4.75
CA ILE A 234 33.50 27.98 -5.59
C ILE A 234 34.76 27.96 -4.75
N LEU A 235 34.84 28.83 -3.73
CA LEU A 235 36.03 28.93 -2.91
C LEU A 235 36.03 27.87 -1.81
N ASP A 236 35.84 26.62 -2.20
CA ASP A 236 35.94 25.46 -1.31
C ASP A 236 37.00 24.52 -1.85
N ASP A 237 37.83 23.99 -0.96
CA ASP A 237 38.92 23.11 -1.34
C ASP A 237 38.72 21.66 -0.93
N ILE A 238 37.93 21.41 0.11
CA ILE A 238 37.71 20.06 0.61
C ILE A 238 36.22 19.75 0.51
N LEU A 239 35.89 18.61 -0.07
CA LEU A 239 34.52 18.09 -0.06
C LEU A 239 34.53 16.83 0.77
N THR A 240 33.86 16.87 1.92
CA THR A 240 33.83 15.74 2.84
C THR A 240 32.56 14.92 2.62
N LEU A 241 32.72 13.60 2.58
CA LEU A 241 31.61 12.68 2.42
C LEU A 241 31.53 11.76 3.63
N ASN A 242 30.33 11.61 4.17
CA ASN A 242 30.08 10.77 5.33
C ASN A 242 29.15 9.65 4.88
N VAL A 243 29.76 8.58 4.37
CA VAL A 243 29.02 7.50 3.73
C VAL A 243 29.26 6.20 4.49
N SER A 244 28.20 5.40 4.58
CA SER A 244 28.29 4.09 5.18
C SER A 244 27.36 3.14 4.43
N ALA A 245 27.45 1.86 4.78
CA ALA A 245 26.54 0.86 4.23
C ALA A 245 26.17 -0.13 5.33
N ILE A 246 25.02 -0.77 5.19
CA ILE A 246 24.47 -1.63 6.22
C ILE A 246 23.75 -2.81 5.56
N TYR A 247 23.66 -3.91 6.30
CA TYR A 247 22.90 -5.07 5.86
C TYR A 247 21.41 -4.81 6.06
N THR A 248 20.60 -5.85 5.86
CA THR A 248 19.17 -5.73 6.11
C THR A 248 18.87 -5.68 7.59
N TYR A 249 19.59 -6.48 8.39
CA TYR A 249 19.33 -6.59 9.82
C TYR A 249 20.37 -5.85 10.66
N GLY A 250 21.09 -4.91 10.07
CA GLY A 250 22.01 -4.08 10.83
C GLY A 250 23.32 -4.73 11.19
N GLN A 251 24.11 -5.08 10.18
CA GLN A 251 25.44 -5.62 10.39
C GLN A 251 26.45 -4.85 9.56
N PRO A 252 27.69 -4.73 10.04
CA PRO A 252 28.72 -4.03 9.26
C PRO A 252 29.03 -4.76 7.97
N VAL A 253 29.49 -4.01 6.99
CA VAL A 253 29.77 -4.54 5.66
C VAL A 253 31.24 -4.33 5.31
N PRO A 254 32.13 -5.21 5.71
CA PRO A 254 33.53 -5.09 5.29
C PRO A 254 33.64 -5.19 3.77
N GLY A 255 34.54 -4.39 3.21
CA GLY A 255 34.70 -4.36 1.77
C GLY A 255 35.45 -3.10 1.35
N SER A 256 35.28 -2.75 0.09
CA SER A 256 35.91 -1.58 -0.51
C SER A 256 34.83 -0.62 -0.99
N VAL A 257 34.99 0.66 -0.66
CA VAL A 257 34.08 1.71 -1.11
C VAL A 257 34.91 2.65 -1.96
N THR A 258 34.57 2.75 -3.24
CA THR A 258 35.30 3.62 -4.16
C THR A 258 34.36 4.68 -4.71
N ILE A 259 34.81 5.93 -4.68
CA ILE A 259 34.00 7.08 -5.08
C ILE A 259 34.75 7.85 -6.16
N LYS A 260 34.04 8.16 -7.25
CA LYS A 260 34.60 8.88 -8.38
C LYS A 260 33.70 10.06 -8.69
N CYS A 261 34.27 11.27 -8.70
CA CYS A 261 33.49 12.47 -8.92
C CYS A 261 34.19 13.37 -9.92
N CYS A 262 33.41 13.93 -10.84
CA CYS A 262 33.92 14.93 -11.77
C CYS A 262 32.75 15.57 -12.51
N ARG A 263 33.07 16.36 -13.54
CA ARG A 263 32.07 17.06 -14.33
C ARG A 263 32.63 17.36 -15.70
N GLU A 264 31.72 17.58 -16.65
CA GLU A 264 32.12 18.10 -17.95
C GLU A 264 32.38 19.60 -17.84
N ALA A 265 32.99 20.18 -18.87
CA ALA A 265 33.43 21.56 -18.81
C ALA A 265 32.66 22.48 -19.74
N SER A 266 32.69 22.22 -21.05
CA SER A 266 32.09 23.14 -22.01
C SER A 266 32.06 22.55 -23.41
N SER A 267 31.60 23.34 -24.38
CA SER A 267 31.57 22.92 -25.78
C SER A 267 32.47 23.80 -26.63
N ILE A 282 38.10 17.04 -16.73
CA ILE A 282 38.99 16.40 -15.77
C ILE A 282 38.16 15.51 -14.84
N CYS A 283 38.77 14.43 -14.34
CA CYS A 283 38.09 13.54 -13.42
C CYS A 283 39.06 13.02 -12.38
N THR A 284 38.54 12.72 -11.20
CA THR A 284 39.32 12.19 -10.09
C THR A 284 38.57 10.99 -9.49
N ASN A 285 39.29 10.23 -8.67
CA ASN A 285 38.78 8.96 -8.17
C ASN A 285 39.58 8.51 -6.95
N ILE A 286 38.90 8.14 -5.87
CA ILE A 286 39.56 7.65 -4.67
C ILE A 286 38.84 6.42 -4.15
N THR A 287 39.55 5.66 -3.31
CA THR A 287 39.08 4.39 -2.80
C THR A 287 39.39 4.31 -1.31
N GLY A 288 38.59 3.53 -0.58
CA GLY A 288 38.82 3.36 0.84
C GLY A 288 38.27 2.05 1.34
N GLU A 289 38.64 1.73 2.58
CA GLU A 289 38.24 0.50 3.23
C GLU A 289 37.52 0.82 4.54
N LEU A 290 36.70 -0.12 4.98
CA LEU A 290 35.92 0.02 6.20
C LEU A 290 35.99 -1.30 6.97
N GLY A 291 35.14 -1.46 7.96
CA GLY A 291 35.11 -2.69 8.72
C GLY A 291 34.89 -2.60 10.22
N PRO A 292 35.39 -1.53 10.90
CA PRO A 292 35.13 -1.40 12.34
C PRO A 292 33.64 -1.40 12.67
N ASP A 293 32.90 -0.46 12.09
CA ASP A 293 31.45 -0.42 12.24
C ASP A 293 30.74 -0.08 10.94
N GLY A 294 31.45 0.31 9.89
CA GLY A 294 30.85 0.74 8.65
C GLY A 294 30.86 2.25 8.56
N ALA A 295 31.89 2.80 7.91
CA ALA A 295 32.06 4.24 7.83
C ALA A 295 33.18 4.58 6.87
N PHE A 296 32.99 5.63 6.06
CA PHE A 296 34.04 6.10 5.15
C PHE A 296 34.04 7.63 5.17
N TYR A 297 35.15 8.22 5.57
CA TYR A 297 35.32 9.67 5.59
C TYR A 297 36.06 10.07 4.32
N GLY A 298 35.32 10.06 3.21
CA GLY A 298 35.92 10.25 1.90
C GLY A 298 36.19 11.69 1.52
N VAL A 299 37.24 12.28 2.07
CA VAL A 299 37.62 13.64 1.70
C VAL A 299 38.10 13.67 0.27
N VAL A 300 37.63 14.66 -0.49
CA VAL A 300 38.03 14.85 -1.88
C VAL A 300 38.57 16.27 -2.01
N SER A 301 39.81 16.39 -2.48
CA SER A 301 40.39 17.69 -2.75
C SER A 301 39.90 18.21 -4.09
N LEU A 302 39.61 19.51 -4.14
CA LEU A 302 39.11 20.14 -5.36
C LEU A 302 40.21 20.81 -6.16
N LEU A 303 41.47 20.67 -5.74
CA LEU A 303 42.57 21.28 -6.48
C LEU A 303 42.69 20.76 -7.91
N PRO A 304 42.63 19.46 -8.19
CA PRO A 304 42.59 19.04 -9.60
C PRO A 304 41.39 19.57 -10.34
N PHE A 305 40.26 19.73 -9.68
CA PHE A 305 39.12 20.38 -10.30
C PHE A 305 39.43 21.85 -10.52
N GLN A 306 38.92 22.40 -11.62
CA GLN A 306 39.12 23.83 -11.91
C GLN A 306 38.00 24.61 -11.23
N MET A 307 38.15 24.75 -9.91
CA MET A 307 37.27 25.60 -9.12
C MET A 307 37.81 27.01 -9.12
N GLY A 308 37.05 27.94 -9.68
CA GLY A 308 37.51 29.29 -9.91
C GLY A 308 37.95 29.59 -11.32
N GLN A 309 37.78 28.65 -12.25
CA GLN A 309 38.18 28.86 -13.64
C GLN A 309 37.00 28.59 -14.56
N SER A 310 37.27 28.51 -15.87
CA SER A 310 36.21 28.39 -16.87
C SER A 310 35.76 26.95 -17.08
N GLY A 311 36.34 25.99 -16.36
CA GLY A 311 35.92 24.60 -16.46
C GLY A 311 34.72 24.28 -15.61
N PHE A 312 33.71 25.14 -15.65
CA PHE A 312 32.53 25.02 -14.80
C PHE A 312 31.40 24.31 -15.53
N GLN A 313 30.59 23.59 -14.77
CA GLN A 313 29.33 23.07 -15.25
C GLN A 313 28.20 23.20 -14.25
N MET A 314 28.44 23.83 -13.09
CA MET A 314 27.44 24.07 -12.06
C MET A 314 26.85 22.79 -11.49
N SER A 315 27.54 21.66 -11.70
CA SER A 315 27.06 20.38 -11.18
C SER A 315 28.22 19.40 -11.16
N LEU A 316 28.56 18.90 -9.97
CA LEU A 316 29.63 17.93 -9.79
C LEU A 316 29.00 16.56 -9.62
N GLY A 317 29.16 15.68 -10.61
CA GLY A 317 28.60 14.35 -10.51
C GLY A 317 29.48 13.45 -9.66
N VAL A 318 28.84 12.64 -8.83
CA VAL A 318 29.52 11.75 -7.91
C VAL A 318 28.91 10.37 -8.05
N ALA A 319 29.75 9.35 -8.19
CA ALA A 319 29.32 7.95 -8.25
C ALA A 319 30.08 7.18 -7.20
N LEU A 320 29.35 6.52 -6.30
CA LEU A 320 29.93 5.80 -5.17
C LEU A 320 29.50 4.34 -5.26
N THR A 321 30.48 3.43 -5.21
CA THR A 321 30.20 2.01 -5.34
C THR A 321 30.83 1.26 -4.17
N VAL A 322 30.03 0.40 -3.53
CA VAL A 322 30.44 -0.39 -2.38
C VAL A 322 30.46 -1.85 -2.78
N THR A 323 31.51 -2.57 -2.37
CA THR A 323 31.64 -3.99 -2.72
C THR A 323 31.80 -4.86 -1.48
N GLU A 324 32.14 -6.14 -1.69
CA GLU A 324 32.41 -7.08 -0.62
C GLU A 324 33.66 -7.88 -0.95
N GLU A 325 34.33 -8.37 0.10
CA GLU A 325 35.55 -9.15 -0.11
C GLU A 325 35.24 -10.48 -0.80
N GLY A 326 34.27 -11.22 -0.28
CA GLY A 326 33.95 -12.52 -0.83
C GLY A 326 33.09 -12.44 -2.07
N THR A 327 31.87 -11.93 -1.92
CA THR A 327 30.97 -11.78 -3.05
C THR A 327 31.41 -10.61 -3.92
N GLY A 328 31.26 -10.76 -5.22
CA GLY A 328 31.65 -9.71 -6.15
C GLY A 328 30.52 -8.72 -6.40
N ILE A 329 29.46 -8.82 -5.62
CA ILE A 329 28.29 -7.96 -5.76
C ILE A 329 28.65 -6.56 -5.28
N GLN A 330 28.10 -5.55 -5.96
CA GLN A 330 28.37 -4.16 -5.63
C GLN A 330 27.08 -3.35 -5.69
N VAL A 331 27.06 -2.27 -4.93
CA VAL A 331 25.93 -1.35 -4.88
C VAL A 331 26.41 0.02 -5.34
N THR A 332 25.68 0.59 -6.29
CA THR A 332 26.05 1.85 -6.93
C THR A 332 25.05 2.93 -6.55
N HIS A 333 25.55 4.13 -6.25
CA HIS A 333 24.71 5.27 -5.91
C HIS A 333 25.32 6.52 -6.55
N GLN A 334 24.53 7.23 -7.34
CA GLN A 334 25.01 8.41 -8.06
C GLN A 334 24.18 9.62 -7.67
N PHE A 335 24.86 10.74 -7.42
CA PHE A 335 24.15 11.97 -7.10
C PHE A 335 24.95 13.17 -7.60
N PHE A 336 24.25 14.27 -7.83
CA PHE A 336 24.84 15.51 -8.32
C PHE A 336 24.89 16.52 -7.19
N ILE A 337 26.07 17.11 -6.99
CA ILE A 337 26.28 18.14 -5.98
C ILE A 337 26.26 19.49 -6.67
N MET A 338 25.42 20.39 -6.20
CA MET A 338 25.28 21.69 -6.84
C MET A 338 26.49 22.58 -6.56
N ILE A 339 26.91 23.32 -7.58
CA ILE A 339 27.97 24.30 -7.45
C ILE A 339 27.33 25.69 -7.49
N THR A 340 27.55 26.47 -6.45
CA THR A 340 26.93 27.78 -6.32
C THR A 340 27.97 28.88 -6.41
N SER A 341 27.50 30.08 -6.71
CA SER A 341 28.34 31.27 -6.71
C SER A 341 27.81 32.40 -5.86
N GLN A 342 26.51 32.44 -5.56
CA GLN A 342 25.91 33.45 -4.70
C GLN A 342 26.16 33.07 -3.26
N LEU A 343 27.29 33.51 -2.71
CA LEU A 343 27.61 33.21 -1.33
C LEU A 343 26.59 33.79 -0.36
N ALA A 344 26.17 35.03 -0.58
CA ALA A 344 25.28 35.74 0.32
C ALA A 344 23.94 35.98 -0.35
N THR A 345 22.85 35.75 0.38
CA THR A 345 21.50 35.95 -0.10
C THR A 345 20.71 36.77 0.91
N LEU A 346 20.01 37.79 0.41
CA LEU A 346 19.16 38.66 1.23
C LEU A 346 17.75 38.58 0.70
N ILE A 347 16.78 38.30 1.58
CA ILE A 347 15.39 38.08 1.20
C ILE A 347 14.47 38.84 2.15
N PHE A 348 13.21 38.94 1.73
CA PHE A 348 12.17 39.59 2.52
C PHE A 348 11.27 38.51 3.11
N ASP A 349 11.09 38.55 4.43
CA ASP A 349 10.23 37.57 5.10
C ASP A 349 8.78 38.02 4.96
N TYR A 350 8.01 37.27 4.16
CA TYR A 350 6.64 37.70 3.84
C TYR A 350 5.65 37.28 4.91
N ASP A 351 5.97 37.58 6.17
CA ASP A 351 5.00 37.45 7.27
C ASP A 351 4.71 38.79 7.92
N ALA A 352 5.75 39.51 8.33
CA ALA A 352 5.65 40.93 8.63
C ALA A 352 5.77 41.69 7.31
N LEU A 353 6.06 42.99 7.37
CA LEU A 353 6.27 43.80 6.18
C LEU A 353 4.99 43.83 5.32
N LYS A 354 3.97 44.46 5.89
CA LYS A 354 2.70 44.62 5.20
C LYS A 354 2.88 45.43 3.91
N GLU A 355 1.88 45.32 3.03
CA GLU A 355 1.96 45.89 1.69
C GLU A 355 1.32 47.27 1.59
N PHE A 356 0.86 47.84 2.70
CA PHE A 356 0.31 49.18 2.72
C PHE A 356 1.10 50.03 3.71
N TYR A 357 1.34 51.29 3.35
CA TYR A 357 1.97 52.22 4.28
C TYR A 357 0.95 53.26 4.73
N LYS A 358 1.01 53.61 5.99
CA LYS A 358 0.12 54.59 6.60
C LYS A 358 0.91 55.80 7.05
N ARG A 359 0.35 56.98 6.86
CA ARG A 359 1.01 58.21 7.27
C ARG A 359 1.11 58.27 8.79
N GLY A 360 2.30 58.56 9.30
CA GLY A 360 2.53 58.69 10.72
C GLY A 360 2.86 57.41 11.43
N ILE A 361 2.71 56.26 10.77
CA ILE A 361 3.02 54.95 11.33
C ILE A 361 4.29 54.44 10.66
N PRO A 362 5.38 54.24 11.39
CA PRO A 362 6.61 53.78 10.75
C PRO A 362 6.44 52.43 10.07
N TYR A 363 7.07 52.30 8.91
CA TYR A 363 7.04 51.07 8.13
C TYR A 363 8.19 50.17 8.58
N LEU A 364 7.87 48.95 8.98
CA LEU A 364 8.87 48.02 9.52
C LEU A 364 9.41 47.16 8.40
N VAL A 365 10.68 47.35 8.06
CA VAL A 365 11.34 46.57 7.02
C VAL A 365 12.19 45.50 7.69
N LYS A 366 11.89 44.25 7.42
CA LYS A 366 12.63 43.12 7.98
C LYS A 366 13.29 42.33 6.87
N VAL A 367 14.60 42.13 6.99
CA VAL A 367 15.40 41.46 5.97
C VAL A 367 16.10 40.28 6.58
N ILE A 368 16.09 39.15 5.86
CA ILE A 368 16.67 37.89 6.32
C ILE A 368 17.89 37.61 5.45
N LEU A 369 19.03 37.41 6.09
CA LEU A 369 20.30 37.23 5.41
C LEU A 369 20.85 35.85 5.73
N THR A 370 21.13 35.07 4.67
CA THR A 370 21.66 33.73 4.82
C THR A 370 22.78 33.52 3.81
N ASP A 371 23.68 32.59 4.11
CA ASP A 371 24.78 32.27 3.22
C ASP A 371 24.79 30.79 2.87
N ALA A 372 25.19 30.50 1.63
CA ALA A 372 25.34 29.14 1.13
C ALA A 372 24.09 28.31 1.37
N ASN A 373 24.17 27.34 2.28
CA ASN A 373 23.05 26.47 2.59
C ASN A 373 22.28 26.99 3.81
N ASP A 374 21.85 28.25 3.71
CA ASP A 374 20.88 28.86 4.62
C ASP A 374 21.40 28.84 6.07
N ASN A 375 22.46 29.61 6.28
CA ASN A 375 23.03 29.76 7.61
C ASN A 375 23.04 31.22 8.02
N PRO A 376 22.84 31.52 9.29
CA PRO A 376 22.81 32.91 9.74
C PRO A 376 24.18 33.58 9.62
N MET A 377 24.13 34.91 9.53
CA MET A 377 25.32 35.74 9.39
C MET A 377 25.64 36.46 10.69
N ALA A 378 26.88 36.91 10.81
CA ALA A 378 27.32 37.70 11.95
C ALA A 378 27.06 39.17 11.67
N ASN A 379 27.61 40.05 12.49
CA ASN A 379 27.37 41.49 12.38
C ASN A 379 27.69 41.99 10.98
N GLU A 380 26.65 42.44 10.27
CA GLU A 380 26.78 42.90 8.90
C GLU A 380 25.89 44.13 8.70
N GLN A 381 26.20 44.89 7.67
CA GLN A 381 25.45 46.09 7.32
C GLN A 381 24.67 45.83 6.03
N VAL A 382 23.36 46.00 6.10
CA VAL A 382 22.50 45.96 4.92
C VAL A 382 22.02 47.37 4.65
N GLU A 383 22.25 47.87 3.44
CA GLU A 383 21.88 49.24 3.09
C GLU A 383 20.54 49.24 2.39
N VAL A 384 19.60 50.02 2.94
CA VAL A 384 18.25 50.13 2.40
C VAL A 384 18.12 51.48 1.71
N GLU A 385 17.72 51.43 0.44
CA GLU A 385 17.42 52.63 -0.32
C GLU A 385 15.92 52.86 -0.34
N LEU A 386 15.52 54.07 0.08
CA LEU A 386 14.11 54.40 0.23
C LEU A 386 13.46 54.60 -1.13
N ALA A 387 13.96 55.55 -1.89
CA ALA A 387 13.57 55.75 -3.28
C ALA A 387 14.75 55.62 -4.24
N GLY A 388 15.80 56.41 -4.03
CA GLY A 388 17.01 56.30 -4.82
C GLY A 388 18.27 56.55 -4.02
N LYS A 389 18.14 56.67 -2.70
CA LYS A 389 19.24 57.00 -1.82
C LYS A 389 19.26 56.07 -0.62
N THR A 390 20.44 55.60 -0.25
CA THR A 390 20.58 54.76 0.93
C THR A 390 20.29 55.58 2.17
N ILE A 391 19.45 55.05 3.06
CA ILE A 391 19.04 55.81 4.23
C ILE A 391 19.33 55.04 5.52
N GLY A 392 19.36 53.72 5.45
CA GLY A 392 19.36 52.94 6.66
C GLY A 392 20.70 52.49 7.22
N ALA A 393 21.47 51.76 6.41
CA ALA A 393 22.69 51.10 6.87
C ALA A 393 22.43 50.33 8.17
N VAL A 394 21.51 49.39 8.09
CA VAL A 394 21.03 48.66 9.26
C VAL A 394 22.03 47.56 9.61
N LEU A 395 22.42 47.53 10.88
CA LEU A 395 23.22 46.42 11.40
C LEU A 395 22.32 45.23 11.71
N THR A 396 22.82 44.03 11.40
CA THR A 396 22.05 42.83 11.68
C THR A 396 22.13 42.49 13.16
N ASP A 397 21.42 41.44 13.57
CA ASP A 397 21.29 41.07 14.97
C ASP A 397 21.88 39.69 15.25
N LYS A 398 23.06 39.42 14.67
CA LYS A 398 23.84 38.20 14.86
C LYS A 398 23.14 36.95 14.34
N GLU A 399 21.95 37.08 13.75
CA GLU A 399 21.29 35.94 13.13
C GLU A 399 20.64 36.31 11.79
N GLY A 400 21.10 37.38 11.15
CA GLY A 400 20.58 37.76 9.85
C GLY A 400 19.12 38.12 9.85
N ARG A 401 18.66 38.82 10.89
CA ARG A 401 17.24 39.12 11.09
C ARG A 401 17.05 40.63 11.20
N ALA A 402 17.64 41.39 10.28
CA ALA A 402 17.75 42.82 10.49
C ALA A 402 16.41 43.53 10.31
N GLU A 403 16.24 44.62 11.05
CA GLU A 403 14.98 45.35 11.09
C GLU A 403 15.24 46.85 11.10
N TYR A 404 14.48 47.59 10.30
CA TYR A 404 14.56 49.04 10.25
C TYR A 404 13.15 49.61 10.30
N ALA A 405 13.05 50.86 10.75
CA ALA A 405 11.77 51.55 10.90
C ALA A 405 11.79 52.80 10.04
N ILE A 406 11.36 52.66 8.78
CA ILE A 406 11.27 53.81 7.89
C ILE A 406 10.20 54.75 8.41
N ASP A 407 10.58 55.98 8.74
CA ASP A 407 9.59 56.97 9.16
C ASP A 407 8.69 57.31 7.98
N THR A 408 7.39 57.12 8.14
CA THR A 408 6.45 57.28 7.05
C THR A 408 5.67 58.58 7.11
N SER A 409 6.03 59.49 8.01
CA SER A 409 5.33 60.77 8.07
C SER A 409 5.60 61.58 6.82
N SER A 410 4.57 62.26 6.34
CA SER A 410 4.66 63.15 5.18
C SER A 410 4.95 62.39 3.88
N PHE A 411 4.66 61.09 3.84
CA PHE A 411 4.63 60.35 2.59
C PHE A 411 3.21 60.38 2.03
N VAL A 412 3.04 61.02 0.89
CA VAL A 412 1.75 61.10 0.22
C VAL A 412 1.82 60.49 -1.18
N GLN A 413 2.91 59.80 -1.50
CA GLN A 413 3.07 59.17 -2.81
C GLN A 413 2.10 58.01 -2.94
N GLU A 414 2.25 57.23 -4.01
CA GLU A 414 1.34 56.11 -4.26
C GLU A 414 2.03 54.78 -4.54
N ASN A 415 3.35 54.76 -4.77
CA ASN A 415 4.05 53.50 -5.05
C ASN A 415 5.06 53.15 -3.98
N PHE A 416 6.08 53.99 -3.74
CA PHE A 416 7.01 53.81 -2.63
C PHE A 416 7.65 52.42 -2.65
N THR A 417 8.50 52.19 -3.65
CA THR A 417 9.25 50.94 -3.73
C THR A 417 10.47 51.03 -2.85
N VAL A 418 10.54 50.18 -1.82
CA VAL A 418 11.68 50.12 -0.92
C VAL A 418 12.62 49.03 -1.41
N VAL A 419 13.93 49.25 -1.32
CA VAL A 419 14.89 48.26 -1.79
C VAL A 419 15.97 48.08 -0.74
N VAL A 420 16.43 46.84 -0.57
CA VAL A 420 17.50 46.53 0.37
C VAL A 420 18.60 45.82 -0.39
N SER A 421 19.84 46.01 0.05
CA SER A 421 20.97 45.39 -0.60
C SER A 421 22.06 45.11 0.42
N TYR A 422 22.89 44.12 0.10
CA TYR A 422 24.01 43.74 0.96
C TYR A 422 25.29 44.35 0.39
N GLU A 423 25.49 45.63 0.69
CA GLU A 423 26.63 46.36 0.17
C GLU A 423 27.87 46.06 1.01
N ASN A 424 28.79 45.30 0.44
CA ASN A 424 30.07 45.00 1.10
C ASN A 424 31.10 44.72 0.02
N PRO A 425 31.98 45.68 -0.27
CA PRO A 425 32.99 45.50 -1.32
C PRO A 425 34.16 44.62 -0.90
N HIS A 426 33.84 43.49 -0.27
CA HIS A 426 34.82 42.45 0.05
C HIS A 426 34.35 41.05 -0.27
N GLN A 427 33.05 40.81 -0.41
CA GLN A 427 32.53 39.46 -0.58
C GLN A 427 32.88 38.92 -1.96
N CYS A 428 32.64 37.63 -2.13
CA CYS A 428 32.85 36.94 -3.41
C CYS A 428 31.47 36.69 -4.02
N TYR A 429 31.06 37.57 -4.93
CA TYR A 429 29.75 37.49 -5.58
C TYR A 429 29.96 37.59 -7.09
N TYR A 430 30.20 36.45 -7.72
CA TYR A 430 30.38 36.39 -9.17
C TYR A 430 29.13 35.70 -9.75
N THR A 431 28.12 36.51 -10.02
CA THR A 431 26.87 35.99 -10.54
C THR A 431 27.08 35.38 -11.92
N GLU A 432 26.09 34.58 -12.34
CA GLU A 432 26.17 33.85 -13.60
C GLU A 432 25.21 34.35 -14.67
N TRP A 433 23.97 34.68 -14.30
CA TRP A 433 22.99 35.19 -15.26
C TRP A 433 23.00 36.72 -15.35
N GLU A 434 24.19 37.28 -15.53
CA GLU A 434 24.44 38.72 -15.69
C GLU A 434 23.60 39.57 -14.75
N GLY A 435 23.47 39.15 -13.50
CA GLY A 435 22.66 39.86 -12.53
C GLY A 435 23.44 40.89 -11.75
N PRO A 436 22.86 41.39 -10.67
CA PRO A 436 23.55 42.40 -9.85
C PRO A 436 24.76 41.81 -9.15
N ASP A 437 25.68 42.70 -8.78
CA ASP A 437 26.92 42.30 -8.13
C ASP A 437 26.82 42.26 -6.62
N PHE A 438 25.63 42.48 -6.06
CA PHE A 438 25.41 42.34 -4.63
C PHE A 438 23.99 41.88 -4.40
N PRO A 439 23.71 41.19 -3.29
CA PRO A 439 22.33 40.74 -3.03
C PRO A 439 21.39 41.93 -2.93
N THR A 440 20.22 41.79 -3.56
CA THR A 440 19.27 42.89 -3.65
C THR A 440 17.86 42.34 -3.60
N ALA A 441 16.98 43.03 -2.88
CA ALA A 441 15.57 42.69 -2.83
C ALA A 441 14.74 43.97 -2.92
N GLN A 442 13.57 43.87 -3.55
CA GLN A 442 12.69 45.02 -3.72
C GLN A 442 11.29 44.67 -3.23
N HIS A 443 10.65 45.61 -2.52
CA HIS A 443 9.27 45.46 -2.11
C HIS A 443 8.47 46.68 -2.53
N PHE A 444 7.34 46.44 -3.18
CA PHE A 444 6.48 47.47 -3.72
C PHE A 444 5.23 47.57 -2.86
N VAL A 445 4.94 48.77 -2.36
CA VAL A 445 3.84 48.95 -1.42
C VAL A 445 2.77 49.83 -2.05
N MET A 446 1.68 50.06 -1.31
CA MET A 446 0.64 50.99 -1.69
C MET A 446 0.43 51.99 -0.57
N ARG A 447 -0.39 53.01 -0.86
CA ARG A 447 -0.78 54.01 0.13
C ARG A 447 -2.09 53.59 0.78
N PHE A 448 -2.23 53.85 2.08
CA PHE A 448 -3.47 53.57 2.79
C PHE A 448 -4.23 54.85 3.04
N TYR A 449 -5.52 54.84 2.71
CA TYR A 449 -6.38 56.01 2.78
C TYR A 449 -7.18 56.05 4.07
N SER A 450 -7.40 57.26 4.58
CA SER A 450 -8.33 57.50 5.67
C SER A 450 -8.73 58.97 5.65
N GLU A 451 -10.04 59.22 5.70
CA GLU A 451 -10.58 60.56 5.45
C GLU A 451 -10.06 61.59 6.44
N THR A 452 -10.39 61.44 7.73
CA THR A 452 -10.03 62.46 8.70
C THR A 452 -8.53 62.50 8.95
N GLY A 453 -7.84 61.40 8.72
CA GLY A 453 -6.43 61.28 9.01
C GLY A 453 -6.27 60.56 10.32
N SER A 454 -6.11 59.25 10.25
CA SER A 454 -5.91 58.38 11.40
C SER A 454 -5.70 56.97 10.88
N PHE A 455 -4.86 56.19 11.54
CA PHE A 455 -4.53 54.88 10.98
C PHE A 455 -4.31 53.89 12.10
N LEU A 456 -4.65 52.64 11.81
CA LEU A 456 -4.57 51.53 12.73
C LEU A 456 -3.73 50.43 12.10
N ASP A 457 -2.77 49.89 12.84
CA ASP A 457 -1.92 48.82 12.37
C ASP A 457 -1.85 47.78 13.48
N ILE A 458 -1.80 46.51 13.09
CA ILE A 458 -1.75 45.40 14.03
C ILE A 458 -0.45 44.65 13.81
N GLN A 459 0.36 44.53 14.86
CA GLN A 459 1.64 43.86 14.76
C GLN A 459 1.42 42.36 14.58
N GLY A 460 1.68 41.86 13.37
CA GLY A 460 1.37 40.48 13.07
C GLY A 460 2.26 39.51 13.82
N SER A 461 1.74 38.29 13.96
CA SER A 461 2.44 37.19 14.61
C SER A 461 2.84 36.15 13.58
N SER A 462 4.06 35.63 13.72
CA SER A 462 4.59 34.63 12.79
C SER A 462 4.82 33.29 13.48
N VAL A 463 4.08 33.01 14.55
CA VAL A 463 4.20 31.77 15.30
C VAL A 463 2.83 31.15 15.48
N GLU A 464 2.82 29.85 15.71
CA GLU A 464 1.58 29.13 15.96
C GLU A 464 1.14 29.39 17.40
N LEU A 465 -0.03 30.00 17.57
CA LEU A 465 -0.52 30.33 18.90
C LEU A 465 -1.09 29.08 19.55
N ASN A 466 -0.65 28.81 20.79
CA ASN A 466 -1.09 27.62 21.50
C ASN A 466 -2.45 27.85 22.14
N CYS A 467 -3.08 26.76 22.56
CA CYS A 467 -4.39 26.83 23.18
C CYS A 467 -4.28 27.05 24.69
N GLY A 468 -5.34 27.62 25.26
CA GLY A 468 -5.43 27.82 26.69
C GLY A 468 -4.60 28.96 27.24
N GLN A 469 -3.96 29.76 26.39
CA GLN A 469 -3.11 30.86 26.82
C GLN A 469 -3.66 32.17 26.28
N VAL A 470 -3.80 33.15 27.17
CA VAL A 470 -4.19 34.49 26.73
C VAL A 470 -2.99 35.16 26.08
N HIS A 471 -3.21 35.69 24.88
CA HIS A 471 -2.17 36.37 24.13
C HIS A 471 -2.44 37.87 24.11
N ASN A 472 -1.40 38.64 23.88
CA ASN A 472 -1.45 40.09 24.01
C ASN A 472 -0.94 40.77 22.74
N ILE A 473 -1.55 40.41 21.60
CA ILE A 473 -1.23 41.04 20.33
C ILE A 473 -1.24 42.55 20.46
N SER A 474 -0.29 43.21 19.80
CA SER A 474 -0.09 44.64 19.90
C SER A 474 -0.69 45.37 18.71
N VAL A 475 -1.23 46.55 18.96
CA VAL A 475 -1.82 47.39 17.93
C VAL A 475 -1.26 48.80 18.08
N ARG A 476 -0.73 49.35 16.99
CA ARG A 476 -0.22 50.71 16.93
C ARG A 476 -1.23 51.59 16.23
N TYR A 477 -1.36 52.83 16.70
CA TYR A 477 -2.40 53.70 16.19
C TYR A 477 -1.90 55.14 16.14
N ILE A 478 -2.20 55.83 15.04
CA ILE A 478 -2.04 57.26 14.94
C ILE A 478 -3.42 57.87 14.91
N LEU A 479 -3.68 58.80 15.83
CA LEU A 479 -5.01 59.37 16.04
C LEU A 479 -4.85 60.88 15.99
N SER A 480 -4.94 61.43 14.79
CA SER A 480 -4.56 62.82 14.57
C SER A 480 -5.64 63.77 15.05
N LEU A 481 -5.26 65.03 15.18
CA LEU A 481 -6.20 66.10 15.50
C LEU A 481 -7.17 66.29 14.33
N ASP A 482 -8.18 67.13 14.56
CA ASP A 482 -9.28 67.33 13.62
C ASP A 482 -10.00 66.02 13.30
N GLY A 483 -9.86 65.03 14.18
CA GLY A 483 -10.46 63.73 14.00
C GLY A 483 -11.54 63.44 15.01
N MET A 484 -11.20 62.65 16.04
CA MET A 484 -12.18 62.28 17.05
C MET A 484 -12.63 63.47 17.88
N GLY A 485 -11.86 64.55 17.92
CA GLY A 485 -12.27 65.74 18.64
C GLY A 485 -11.35 66.10 19.78
N GLU A 486 -10.69 67.25 19.67
CA GLU A 486 -9.74 67.68 20.69
C GLU A 486 -10.45 67.97 22.01
N GLY A 487 -9.72 67.79 23.10
CA GLY A 487 -10.24 68.02 24.44
C GLY A 487 -10.61 66.76 25.20
N ALA A 488 -10.73 65.62 24.51
CA ALA A 488 -11.05 64.35 25.14
C ALA A 488 -9.87 63.40 24.93
N THR A 489 -9.18 63.07 26.02
CA THR A 489 -8.02 62.19 25.95
C THR A 489 -8.39 60.73 26.23
N THR A 490 -9.40 60.22 25.53
CA THR A 490 -9.82 58.84 25.71
C THR A 490 -10.47 58.34 24.42
N ALA A 491 -10.05 57.17 23.96
CA ALA A 491 -10.61 56.60 22.74
C ALA A 491 -10.82 55.10 22.92
N THR A 492 -11.93 54.61 22.40
CA THR A 492 -12.27 53.19 22.50
C THR A 492 -12.05 52.52 21.15
N PHE A 493 -11.32 51.41 21.14
CA PHE A 493 -11.10 50.61 19.94
C PHE A 493 -11.83 49.29 20.11
N TYR A 494 -12.76 49.01 19.20
CA TYR A 494 -13.54 47.79 19.24
C TYR A 494 -12.79 46.68 18.53
N TYR A 495 -13.07 45.45 18.94
CA TYR A 495 -12.22 44.31 18.72
C TYR A 495 -13.03 43.09 18.37
N LEU A 496 -12.60 42.34 17.35
CA LEU A 496 -13.40 41.25 16.82
C LEU A 496 -12.48 40.16 16.29
N ALA A 497 -12.96 38.91 16.36
CA ALA A 497 -12.22 37.77 15.85
C ALA A 497 -13.16 36.90 15.03
N MET A 498 -12.60 36.21 14.05
CA MET A 498 -13.37 35.39 13.13
C MET A 498 -12.66 34.05 12.96
N SER A 499 -13.28 32.98 13.47
CA SER A 499 -12.59 31.68 13.52
C SER A 499 -12.66 30.93 12.19
N ARG A 500 -13.85 30.48 11.81
CA ARG A 500 -14.00 29.79 10.53
C ARG A 500 -14.92 30.55 9.58
N ALA A 501 -16.17 30.75 9.96
CA ALA A 501 -17.05 31.68 9.24
C ALA A 501 -17.96 32.39 10.23
N LYS A 502 -17.65 32.34 11.51
CA LYS A 502 -18.50 32.89 12.56
C LYS A 502 -17.69 33.81 13.43
N ILE A 503 -18.36 34.78 14.03
CA ILE A 503 -17.71 35.76 14.88
C ILE A 503 -17.68 35.23 16.31
N VAL A 504 -16.49 35.15 16.88
CA VAL A 504 -16.31 34.70 18.26
C VAL A 504 -15.30 35.61 18.92
N GLN A 505 -15.44 35.79 20.24
CA GLN A 505 -14.53 36.58 21.05
C GLN A 505 -14.50 38.05 20.58
N HIS A 506 -15.62 38.72 20.79
CA HIS A 506 -15.68 40.16 20.64
C HIS A 506 -15.12 40.84 21.89
N GLY A 507 -14.79 42.13 21.75
CA GLY A 507 -14.22 42.83 22.89
C GLY A 507 -14.07 44.32 22.64
N GLN A 508 -13.73 45.02 23.71
CA GLN A 508 -13.54 46.47 23.69
C GLN A 508 -12.28 46.81 24.45
N ARG A 509 -11.39 47.59 23.85
CA ARG A 509 -10.21 48.06 24.55
C ARG A 509 -10.19 49.58 24.52
N ASP A 510 -10.24 50.20 25.69
CA ASP A 510 -10.25 51.65 25.81
C ASP A 510 -8.88 52.15 26.24
N VAL A 511 -8.41 53.21 25.57
CA VAL A 511 -7.08 53.74 25.80
C VAL A 511 -7.18 55.18 26.26
N HIS A 512 -6.34 55.54 27.22
CA HIS A 512 -6.26 56.90 27.74
C HIS A 512 -5.07 57.58 27.08
N LEU A 513 -5.33 58.66 26.35
CA LEU A 513 -4.31 59.35 25.57
C LEU A 513 -3.54 60.32 26.48
N ASN A 514 -2.71 59.74 27.34
CA ASN A 514 -1.84 60.55 28.19
C ASN A 514 -0.86 61.35 27.34
N GLN A 515 -0.29 60.72 26.32
CA GLN A 515 0.56 61.42 25.36
C GLN A 515 -0.33 62.03 24.28
N SER A 516 0.27 62.52 23.19
CA SER A 516 -0.46 63.38 22.27
C SER A 516 -1.33 62.58 21.30
N LYS A 517 -0.70 61.80 20.43
CA LYS A 517 -1.47 61.16 19.36
C LYS A 517 -1.05 59.74 19.01
N SER A 518 0.13 59.26 19.41
CA SER A 518 0.64 57.99 18.95
C SER A 518 0.84 57.04 20.12
N GLY A 519 1.38 55.86 19.81
CA GLY A 519 1.63 54.85 20.82
C GLY A 519 1.14 53.49 20.39
N LEU A 520 0.86 52.62 21.36
CA LEU A 520 0.30 51.31 21.08
C LEU A 520 -0.41 50.80 22.32
N PHE A 521 -1.27 49.79 22.11
CA PHE A 521 -1.96 49.12 23.19
C PHE A 521 -1.99 47.62 22.88
N ASN A 522 -2.26 46.83 23.91
CA ASN A 522 -2.22 45.38 23.81
C ASN A 522 -3.64 44.80 23.79
N ILE A 523 -3.83 43.79 22.96
CA ILE A 523 -5.13 43.14 22.78
C ILE A 523 -5.07 41.79 23.49
N GLY A 524 -5.85 41.64 24.54
CA GLY A 524 -5.81 40.42 25.34
C GLY A 524 -6.56 39.26 24.73
N LEU A 525 -6.14 38.81 23.55
CA LEU A 525 -6.83 37.71 22.88
C LEU A 525 -6.71 36.43 23.70
N ASN A 526 -7.82 35.71 23.83
CA ASN A 526 -7.91 34.49 24.63
C ASN A 526 -8.08 33.31 23.67
N VAL A 527 -6.95 32.77 23.19
CA VAL A 527 -7.00 31.68 22.24
C VAL A 527 -7.49 30.41 22.93
N THR A 528 -8.50 29.79 22.34
CA THR A 528 -9.12 28.61 22.91
C THR A 528 -9.40 27.64 21.78
N SER A 529 -9.78 26.41 22.13
CA SER A 529 -10.02 25.37 21.14
C SER A 529 -11.08 25.75 20.13
N ASP A 530 -12.01 26.65 20.49
CA ASP A 530 -13.06 27.03 19.55
C ASP A 530 -12.56 27.90 18.40
N LEU A 531 -11.31 28.36 18.44
CA LEU A 531 -10.69 29.01 17.30
C LEU A 531 -9.93 27.96 16.49
N ALA A 532 -10.47 27.61 15.34
CA ALA A 532 -9.85 26.65 14.44
C ALA A 532 -8.60 27.27 13.82
N PRO A 533 -7.86 26.52 13.00
CA PRO A 533 -6.74 27.13 12.28
C PRO A 533 -7.21 28.27 11.40
N GLY A 534 -6.38 29.31 11.30
CA GLY A 534 -6.72 30.46 10.48
C GLY A 534 -7.77 31.34 11.12
N ALA A 535 -7.43 31.99 12.22
CA ALA A 535 -8.34 32.93 12.89
C ALA A 535 -7.96 34.34 12.49
N GLU A 536 -8.90 35.08 11.93
CA GLU A 536 -8.62 36.41 11.42
C GLU A 536 -9.08 37.46 12.42
N LEU A 537 -8.21 38.42 12.70
CA LEU A 537 -8.42 39.39 13.75
C LEU A 537 -8.70 40.76 13.14
N ILE A 538 -9.70 41.45 13.68
CA ILE A 538 -10.14 42.74 13.18
C ILE A 538 -10.19 43.72 14.34
N VAL A 539 -9.61 44.90 14.15
CA VAL A 539 -9.71 45.98 15.13
C VAL A 539 -10.16 47.23 14.40
N TYR A 540 -11.21 47.88 14.92
CA TYR A 540 -11.69 49.09 14.27
C TYR A 540 -12.10 50.13 15.31
N CYS A 541 -12.02 51.39 14.91
CA CYS A 541 -12.49 52.51 15.71
C CYS A 541 -13.33 53.41 14.84
N ILE A 542 -14.42 53.93 15.41
CA ILE A 542 -15.33 54.83 14.71
C ILE A 542 -15.20 56.21 15.33
N LEU A 543 -14.62 57.15 14.58
CA LEU A 543 -14.12 58.37 15.21
C LEU A 543 -15.21 59.43 15.34
N ASP A 544 -15.56 60.09 14.23
CA ASP A 544 -16.71 60.98 14.19
C ASP A 544 -17.51 60.74 12.92
N LEU A 545 -16.80 60.50 11.82
CA LEU A 545 -17.44 60.13 10.56
C LEU A 545 -16.64 59.09 9.80
N GLU A 546 -15.65 58.46 10.42
CA GLU A 546 -14.78 57.52 9.73
C GLU A 546 -14.61 56.28 10.58
N LEU A 547 -14.73 55.11 9.96
CA LEU A 547 -14.51 53.82 10.59
C LEU A 547 -13.20 53.27 10.07
N ILE A 548 -12.17 53.30 10.91
CA ILE A 548 -10.84 52.83 10.54
C ILE A 548 -10.62 51.44 11.11
N ALA A 549 -10.26 50.49 10.25
CA ALA A 549 -10.14 49.09 10.65
C ALA A 549 -8.90 48.47 10.02
N ASP A 550 -8.30 47.55 10.76
CA ASP A 550 -7.19 46.74 10.25
C ASP A 550 -7.36 45.30 10.68
N THR A 551 -6.92 44.39 9.82
CA THR A 551 -7.13 42.96 10.00
C THR A 551 -5.83 42.20 9.76
N ILE A 552 -5.70 41.07 10.45
CA ILE A 552 -4.61 40.12 10.24
C ILE A 552 -5.19 38.71 10.24
N SER A 553 -4.32 37.72 10.01
CA SER A 553 -4.70 36.36 9.66
C SER A 553 -4.01 35.34 10.55
N LEU A 554 -4.13 35.49 11.87
CA LEU A 554 -3.39 34.67 12.81
C LEU A 554 -3.56 33.18 12.53
N ASP A 555 -2.53 32.41 12.85
CA ASP A 555 -2.56 30.96 12.75
C ASP A 555 -2.66 30.37 14.15
N ILE A 556 -3.61 29.47 14.35
CA ILE A 556 -3.85 28.82 15.64
C ILE A 556 -3.58 27.33 15.48
N GLU A 557 -2.93 26.74 16.49
CA GLU A 557 -2.70 25.30 16.45
C GLU A 557 -4.02 24.55 16.62
N LYS A 558 -4.03 23.32 16.14
CA LYS A 558 -5.25 22.51 16.10
C LYS A 558 -5.45 21.81 17.44
N CYS A 559 -6.59 22.04 18.08
CA CYS A 559 -6.85 21.53 19.42
C CYS A 559 -8.09 20.67 19.54
N PHE A 560 -9.03 20.74 18.59
CA PHE A 560 -10.10 19.76 18.42
C PHE A 560 -11.09 19.72 19.57
N GLN A 561 -11.16 20.77 20.39
CA GLN A 561 -12.17 20.98 21.43
C GLN A 561 -12.32 19.78 22.37
N ASN A 562 -11.35 18.86 22.38
CA ASN A 562 -11.41 17.67 23.21
C ASN A 562 -10.00 17.34 23.69
N GLN A 563 -9.93 16.60 24.79
CA GLN A 563 -8.67 16.22 25.41
C GLN A 563 -8.56 14.71 25.47
N VAL A 564 -7.41 14.18 25.12
CA VAL A 564 -7.12 12.75 25.20
C VAL A 564 -5.74 12.56 25.80
N SER A 565 -5.59 11.54 26.64
CA SER A 565 -4.37 11.32 27.41
C SER A 565 -3.88 9.89 27.26
N LEU A 566 -3.76 9.43 26.01
CA LEU A 566 -3.24 8.11 25.74
C LEU A 566 -1.83 7.97 26.32
N SER A 567 -1.60 6.88 27.06
CA SER A 567 -0.31 6.69 27.72
C SER A 567 -0.14 5.24 28.14
N PHE A 568 1.03 4.67 27.84
CA PHE A 568 1.33 3.32 28.27
C PHE A 568 1.69 3.30 29.77
N SER A 569 1.71 2.10 30.34
CA SER A 569 2.09 1.94 31.74
C SER A 569 3.58 1.68 31.92
N ASP A 570 4.32 1.48 30.84
CA ASP A 570 5.76 1.26 30.93
C ASP A 570 6.38 1.50 29.56
N ASP A 571 7.50 2.23 29.53
CA ASP A 571 8.16 2.51 28.27
C ASP A 571 8.93 1.29 27.75
N LEU A 572 9.49 0.48 28.65
CA LEU A 572 10.32 -0.65 28.27
C LEU A 572 9.74 -1.94 28.83
N GLY A 573 9.99 -3.04 28.11
CA GLY A 573 9.52 -4.33 28.53
C GLY A 573 10.03 -5.45 27.65
N PRO A 574 9.83 -6.69 28.07
CA PRO A 574 10.25 -7.84 27.27
C PRO A 574 9.33 -8.05 26.07
N THR A 575 9.75 -8.98 25.20
CA THR A 575 9.07 -9.21 23.94
C THR A 575 7.76 -9.97 24.07
N ALA A 576 7.47 -10.54 25.24
CA ALA A 576 6.24 -11.29 25.47
C ALA A 576 5.55 -10.79 26.73
N SER A 577 5.64 -9.49 26.99
CA SER A 577 5.07 -8.90 28.20
C SER A 577 3.58 -8.65 28.00
N ASN A 578 2.94 -8.17 29.06
CA ASN A 578 1.53 -7.79 29.05
C ASN A 578 1.46 -6.27 29.10
N VAL A 579 1.26 -5.64 27.95
CA VAL A 579 1.23 -4.19 27.87
C VAL A 579 -0.06 -3.67 28.47
N SER A 580 0.05 -2.67 29.34
CA SER A 580 -1.10 -2.00 29.94
C SER A 580 -1.17 -0.59 29.40
N LEU A 581 -2.37 -0.16 29.01
CA LEU A 581 -2.58 1.14 28.40
C LEU A 581 -3.66 1.88 29.17
N ASN A 582 -3.39 3.12 29.55
CA ASN A 582 -4.27 3.91 30.42
C ASN A 582 -4.70 5.15 29.66
N LEU A 583 -5.90 5.13 29.09
CA LEU A 583 -6.39 6.22 28.27
C LEU A 583 -7.51 6.96 28.98
N SER A 584 -7.57 8.27 28.81
CA SER A 584 -8.62 9.09 29.38
C SER A 584 -9.01 10.18 28.39
N ALA A 585 -10.29 10.52 28.40
CA ALA A 585 -10.84 11.53 27.50
C ALA A 585 -12.14 12.07 28.10
N ALA A 586 -12.91 12.77 27.28
CA ALA A 586 -14.17 13.33 27.73
C ALA A 586 -15.15 12.21 28.09
N PRO A 587 -16.01 12.43 29.08
CA PRO A 587 -16.94 11.38 29.50
C PRO A 587 -17.93 11.00 28.39
N GLY A 588 -18.34 9.74 28.42
CA GLY A 588 -19.32 9.24 27.48
C GLY A 588 -18.89 9.33 26.03
N SER A 589 -17.67 8.89 25.74
CA SER A 589 -17.08 9.03 24.42
C SER A 589 -16.75 7.66 23.85
N LEU A 590 -17.08 7.45 22.58
CA LEU A 590 -16.67 6.24 21.88
C LEU A 590 -15.35 6.54 21.21
N CYS A 591 -14.36 5.66 21.41
CA CYS A 591 -12.99 6.14 21.40
C CYS A 591 -12.12 5.01 20.85
N GLY A 592 -11.59 5.21 19.64
CA GLY A 592 -10.89 4.15 18.91
C GLY A 592 -9.39 4.32 19.01
N VAL A 593 -8.73 3.23 19.41
CA VAL A 593 -7.31 3.22 19.73
C VAL A 593 -6.58 2.44 18.64
N LYS A 594 -5.29 2.74 18.47
CA LYS A 594 -4.47 2.04 17.51
C LYS A 594 -3.01 2.11 17.96
N VAL A 595 -2.28 1.01 17.77
CA VAL A 595 -0.87 0.93 18.12
C VAL A 595 -0.12 0.39 16.92
N ILE A 596 0.88 1.12 16.46
CA ILE A 596 1.50 0.89 15.17
C ILE A 596 3.02 0.92 15.32
N ASP A 597 3.69 0.03 14.60
CA ASP A 597 5.14 0.12 14.45
C ASP A 597 5.51 1.45 13.81
N SER A 598 6.45 2.17 14.42
CA SER A 598 6.83 3.46 13.87
C SER A 598 7.88 3.36 12.79
N SER A 599 8.37 2.16 12.50
CA SER A 599 9.31 1.98 11.39
C SER A 599 8.68 2.42 10.08
N LEU A 600 7.36 2.39 9.99
CA LEU A 600 6.68 2.87 8.79
C LEU A 600 6.84 4.37 8.62
N LEU A 601 6.72 5.12 9.72
CA LEU A 601 6.76 6.57 9.66
C LEU A 601 8.11 7.09 9.16
N LEU A 602 9.16 6.27 9.23
CA LEU A 602 10.42 6.61 8.61
C LEU A 602 10.44 6.33 7.11
N ILE A 603 9.38 5.73 6.57
CA ILE A 603 9.29 5.40 5.17
C ILE A 603 8.25 6.28 4.47
N ASN A 604 7.02 6.29 5.00
CA ASN A 604 5.93 7.11 4.45
C ASN A 604 5.32 7.91 5.57
N PRO A 605 5.88 9.07 5.89
CA PRO A 605 5.38 9.89 7.01
C PRO A 605 4.16 10.71 6.63
N TYR A 606 3.13 10.02 6.12
CA TYR A 606 1.87 10.64 5.72
C TYR A 606 0.75 9.82 6.32
N GLU A 607 0.33 10.16 7.53
CA GLU A 607 -0.70 9.43 8.24
C GLU A 607 -2.08 9.95 7.84
N SER A 608 -2.96 9.05 7.43
CA SER A 608 -4.34 9.42 7.16
C SER A 608 -5.03 9.79 8.46
N LEU A 609 -5.97 10.73 8.36
CA LEU A 609 -6.66 11.29 9.53
C LEU A 609 -5.64 11.87 10.50
N SER A 610 -5.00 12.94 10.04
CA SER A 610 -4.08 13.70 10.86
C SER A 610 -4.82 14.84 11.56
N ALA A 611 -4.08 15.64 12.32
CA ALA A 611 -4.70 16.76 13.02
C ALA A 611 -5.12 17.87 12.07
N SER A 612 -4.60 17.89 10.84
CA SER A 612 -4.92 18.93 9.88
C SER A 612 -5.87 18.49 8.78
N GLY A 613 -5.89 17.20 8.44
CA GLY A 613 -6.80 16.73 7.41
C GLY A 613 -8.26 16.91 7.80
N VAL A 614 -8.58 16.64 9.06
CA VAL A 614 -9.95 16.82 9.55
C VAL A 614 -10.37 18.28 9.39
N TYR A 615 -9.51 19.20 9.82
CA TYR A 615 -9.86 20.62 9.77
C TYR A 615 -9.93 21.12 8.35
N TYR A 616 -9.05 20.65 7.47
CA TYR A 616 -9.13 21.07 6.08
C TYR A 616 -10.31 20.43 5.36
N SER A 617 -10.89 19.38 5.91
CA SER A 617 -12.13 18.82 5.38
C SER A 617 -13.35 19.50 5.98
N ILE A 618 -13.40 20.83 5.88
CA ILE A 618 -14.54 21.61 6.37
C ILE A 618 -14.87 22.68 5.33
N PRO A 619 -16.11 22.80 4.90
CA PRO A 619 -16.44 23.79 3.86
C PRO A 619 -16.43 25.20 4.43
N TYR A 620 -15.89 26.13 3.64
CA TYR A 620 -15.89 27.57 3.94
C TYR A 620 -15.33 27.83 5.34
N LEU A 621 -14.05 27.51 5.51
CA LEU A 621 -13.37 27.80 6.77
C LEU A 621 -12.62 29.13 6.74
N SER A 622 -12.63 29.83 5.60
CA SER A 622 -12.04 31.17 5.54
C SER A 622 -12.71 31.91 4.38
N LEU A 623 -13.63 32.80 4.70
CA LEU A 623 -14.30 33.60 3.68
C LEU A 623 -13.30 34.55 3.01
N PHE A 624 -13.52 34.82 1.73
CA PHE A 624 -12.62 35.70 0.99
C PHE A 624 -13.29 36.99 0.54
N GLY A 625 -14.41 36.94 -0.17
CA GLY A 625 -14.97 38.14 -0.75
C GLY A 625 -16.47 38.22 -0.54
N TYR A 626 -17.15 38.77 -1.54
CA TYR A 626 -18.59 38.87 -1.55
C TYR A 626 -19.26 38.06 -2.67
N ASN A 627 -18.48 37.53 -3.61
CA ASN A 627 -19.03 36.70 -4.68
C ASN A 627 -19.19 35.28 -4.16
N TYR A 628 -20.43 34.91 -3.83
CA TYR A 628 -20.71 33.59 -3.28
C TYR A 628 -21.95 33.03 -3.94
N GLY A 629 -21.82 31.85 -4.56
CA GLY A 629 -22.95 31.24 -5.22
C GLY A 629 -23.53 32.06 -6.35
N GLY A 630 -22.67 32.76 -7.09
CA GLY A 630 -23.14 33.58 -8.19
C GLY A 630 -23.90 34.81 -7.79
N PHE A 631 -23.72 35.29 -6.56
CA PHE A 631 -24.39 36.49 -6.07
C PHE A 631 -23.33 37.52 -5.70
N ASN A 632 -23.46 38.73 -6.24
CA ASN A 632 -22.45 39.76 -6.05
C ASN A 632 -22.42 40.25 -4.60
N LEU A 633 -23.58 40.54 -4.03
CA LEU A 633 -23.74 41.04 -2.66
C LEU A 633 -23.07 42.39 -2.44
N GLU A 634 -22.62 43.06 -3.50
CA GLU A 634 -21.92 44.33 -3.39
C GLU A 634 -22.85 45.45 -3.81
N GLU A 635 -22.98 46.47 -2.96
CA GLU A 635 -23.82 47.60 -3.27
C GLU A 635 -23.22 48.40 -4.43
N PRO A 636 -24.03 49.14 -5.17
CA PRO A 636 -23.50 49.94 -6.28
C PRO A 636 -22.51 50.99 -5.79
N GLU A 637 -21.52 51.28 -6.63
CA GLU A 637 -20.46 52.20 -6.25
C GLU A 637 -21.01 53.63 -6.17
N PRO A 638 -20.38 54.48 -5.35
CA PRO A 638 -20.82 55.87 -5.23
C PRO A 638 -20.49 56.65 -6.49
N PRO A 639 -21.08 57.83 -6.67
CA PRO A 639 -20.77 58.63 -7.87
C PRO A 639 -19.33 59.09 -7.89
N CYS A 640 -18.82 59.28 -9.11
CA CYS A 640 -17.44 59.69 -9.32
C CYS A 640 -17.34 61.21 -9.34
N GLU A 641 -16.43 61.75 -8.52
CA GLU A 641 -16.27 63.19 -8.41
C GLU A 641 -15.64 63.76 -9.67
N ASP A 642 -16.17 64.90 -10.11
CA ASP A 642 -15.69 65.52 -11.35
C ASP A 642 -14.29 66.08 -11.12
N PRO A 643 -13.30 65.71 -11.93
CA PRO A 643 -11.92 66.18 -11.72
C PRO A 643 -11.60 67.55 -12.29
N ASN A 644 -12.59 68.37 -12.65
CA ASN A 644 -12.34 69.68 -13.21
C ASN A 644 -12.91 70.80 -12.35
N THR A 645 -13.11 70.56 -11.05
CA THR A 645 -13.61 71.55 -10.11
C THR A 645 -12.47 71.95 -9.17
N VAL A 646 -12.01 73.20 -9.28
CA VAL A 646 -10.85 73.64 -8.54
C VAL A 646 -11.17 73.77 -7.06
N ILE A 647 -10.12 73.87 -6.25
CA ILE A 647 -10.22 73.93 -4.80
C ILE A 647 -9.27 74.99 -4.27
N PHE A 648 -9.73 75.79 -3.32
CA PHE A 648 -8.92 76.82 -2.66
C PHE A 648 -8.53 76.27 -1.29
N CYS A 649 -7.45 75.49 -1.25
CA CYS A 649 -7.09 74.78 -0.02
C CYS A 649 -6.30 75.67 0.93
N LYS A 650 -5.06 76.03 0.56
CA LYS A 650 -4.26 76.92 1.39
C LYS A 650 -3.98 78.24 0.68
N GLY A 651 -3.31 78.21 -0.47
CA GLY A 651 -3.14 79.42 -1.25
C GLY A 651 -3.14 79.17 -2.74
N ARG A 652 -3.25 77.90 -3.15
CA ARG A 652 -3.14 77.52 -4.55
C ARG A 652 -4.38 76.74 -4.96
N TYR A 653 -4.78 76.94 -6.21
CA TYR A 653 -5.82 76.10 -6.80
C TYR A 653 -5.37 74.65 -6.84
N TYR A 654 -6.26 73.74 -6.49
CA TYR A 654 -5.96 72.32 -6.48
C TYR A 654 -7.03 71.59 -7.27
N LEU A 655 -6.69 70.40 -7.74
CA LEU A 655 -7.67 69.55 -8.41
C LEU A 655 -7.71 68.19 -7.74
N PRO A 656 -8.85 67.52 -7.76
CA PRO A 656 -8.92 66.18 -7.19
C PRO A 656 -8.10 65.18 -7.98
N VAL A 657 -7.61 64.17 -7.27
CA VAL A 657 -6.86 63.06 -7.87
C VAL A 657 -7.01 61.87 -6.94
N SER A 658 -7.11 60.67 -7.53
CA SER A 658 -7.29 59.46 -6.75
C SER A 658 -6.46 58.34 -7.35
N SER A 659 -5.82 57.57 -6.48
CA SER A 659 -4.99 56.45 -6.94
C SER A 659 -5.88 55.29 -7.39
N SER A 660 -5.46 54.64 -8.48
CA SER A 660 -6.20 53.48 -8.96
C SER A 660 -6.02 52.29 -8.03
N THR A 661 -4.79 52.00 -7.64
CA THR A 661 -4.47 50.89 -6.74
C THR A 661 -4.14 51.47 -5.37
N GLU A 662 -5.04 51.31 -4.42
CA GLU A 662 -4.90 51.86 -3.09
C GLU A 662 -5.63 50.91 -2.13
N GLY A 663 -5.64 51.24 -0.85
CA GLY A 663 -6.36 50.44 0.10
C GLY A 663 -6.95 51.26 1.23
N ASP A 664 -8.13 50.88 1.70
CA ASP A 664 -8.76 51.59 2.80
C ASP A 664 -9.55 50.57 3.61
N THR A 665 -10.48 51.04 4.44
CA THR A 665 -11.22 50.13 5.31
C THR A 665 -12.06 49.14 4.49
N TYR A 666 -12.59 49.58 3.35
CA TYR A 666 -13.45 48.68 2.57
C TYR A 666 -12.67 47.51 2.00
N GLN A 667 -11.46 47.74 1.51
CA GLN A 667 -10.66 46.62 1.06
C GLN A 667 -9.99 45.87 2.20
N ASN A 668 -9.87 46.48 3.38
CA ASN A 668 -9.45 45.71 4.54
C ASN A 668 -10.52 44.70 4.92
N LEU A 669 -11.78 45.11 4.89
CA LEU A 669 -12.89 44.17 4.85
C LEU A 669 -13.07 43.73 3.40
N ARG A 670 -14.15 43.02 3.09
CA ARG A 670 -14.35 42.47 1.75
C ARG A 670 -13.22 41.52 1.39
N ARG A 671 -12.31 41.33 2.33
CA ARG A 671 -11.21 40.36 2.27
C ARG A 671 -11.27 39.39 3.43
N VAL A 672 -11.58 39.89 4.63
CA VAL A 672 -11.93 39.00 5.73
C VAL A 672 -13.29 38.36 5.48
N GLY A 673 -14.23 39.13 4.93
CA GLY A 673 -15.54 38.63 4.56
C GLY A 673 -16.70 39.27 5.27
N LEU A 674 -16.51 40.24 6.15
CA LEU A 674 -17.60 40.82 6.90
C LEU A 674 -18.45 41.76 6.04
N VAL A 675 -19.61 42.10 6.58
CA VAL A 675 -20.53 43.06 5.97
C VAL A 675 -20.80 44.15 7.00
N LEU A 676 -20.50 45.40 6.65
CA LEU A 676 -20.85 46.53 7.47
C LEU A 676 -22.04 47.26 6.87
N GLY A 677 -22.67 48.08 7.71
CA GLY A 677 -23.75 48.93 7.28
C GLY A 677 -23.67 50.29 7.92
N THR A 678 -22.46 50.69 8.31
CA THR A 678 -22.27 51.91 9.06
C THR A 678 -22.57 53.14 8.21
N SER A 679 -22.98 54.22 8.89
CA SER A 679 -23.16 55.50 8.22
C SER A 679 -21.83 56.15 7.87
N SER A 680 -20.76 55.80 8.58
CA SER A 680 -19.47 56.42 8.35
C SER A 680 -18.88 55.98 7.02
N LYS A 681 -17.98 56.80 6.49
CA LYS A 681 -17.33 56.51 5.22
C LYS A 681 -16.29 55.41 5.39
N ILE A 682 -16.33 54.42 4.49
CA ILE A 682 -15.35 53.33 4.50
C ILE A 682 -14.70 53.11 3.15
N ARG A 683 -14.98 53.94 2.15
CA ARG A 683 -14.41 53.77 0.83
C ARG A 683 -13.72 55.05 0.39
N LYS A 684 -12.64 54.89 -0.37
CA LYS A 684 -11.93 56.03 -0.91
C LYS A 684 -12.73 56.69 -2.02
N PRO A 685 -12.61 58.01 -2.18
CA PRO A 685 -13.27 58.67 -3.30
C PRO A 685 -12.55 58.34 -4.60
N VAL A 686 -13.32 58.33 -5.69
CA VAL A 686 -12.80 58.00 -7.00
C VAL A 686 -13.26 59.08 -7.98
N VAL A 687 -12.38 59.46 -8.91
CA VAL A 687 -12.69 60.46 -9.91
C VAL A 687 -12.66 59.81 -11.28
N CYS A 688 -13.51 60.29 -12.17
CA CYS A 688 -13.66 59.68 -13.48
C CYS A 688 -12.38 59.87 -14.30
N GLY A 689 -12.04 58.85 -15.08
CA GLY A 689 -10.81 58.86 -15.86
C GLY A 689 -9.64 58.17 -15.20
N MET A 690 -9.73 57.89 -13.90
CA MET A 690 -8.68 57.20 -13.15
C MET A 690 -9.29 56.07 -12.32
N GLU A 691 -10.12 55.27 -12.97
CA GLU A 691 -10.79 54.16 -12.31
C GLU A 691 -9.83 52.99 -12.10
N ALA A 692 -10.32 51.94 -11.44
CA ALA A 692 -9.47 50.81 -11.10
C ALA A 692 -9.06 50.02 -12.34
N LYS A 693 -9.97 49.88 -13.31
CA LYS A 693 -9.73 49.10 -14.52
C LYS A 693 -9.32 47.66 -14.18
N LEU A 718 11.17 0.11 1.33
CA LEU A 718 10.73 -0.74 2.44
C LEU A 718 11.89 -1.62 2.89
N ARG A 719 12.49 -1.29 4.04
CA ARG A 719 13.72 -1.94 4.48
C ARG A 719 13.60 -2.49 5.90
N LYS A 720 12.39 -2.86 6.31
CA LYS A 720 12.20 -3.42 7.64
C LYS A 720 11.07 -4.44 7.62
N ASN A 721 11.13 -5.40 8.54
CA ASN A 721 10.06 -6.37 8.69
C ASN A 721 9.14 -5.95 9.83
N PHE A 722 8.39 -4.89 9.58
CA PHE A 722 7.41 -4.41 10.55
C PHE A 722 6.30 -5.44 10.72
N SER A 723 5.78 -5.52 11.94
CA SER A 723 4.73 -6.48 12.26
C SER A 723 3.38 -5.77 12.30
N GLU A 724 2.33 -6.56 12.57
CA GLU A 724 0.96 -6.08 12.56
C GLU A 724 0.66 -5.23 13.78
N THR A 725 -0.31 -4.33 13.64
CA THR A 725 -0.85 -3.60 14.77
C THR A 725 -1.60 -4.56 15.68
N PHE A 726 -1.13 -4.73 16.91
CA PHE A 726 -1.64 -5.80 17.75
C PHE A 726 -2.83 -5.38 18.60
N LEU A 727 -3.34 -4.16 18.47
CA LEU A 727 -4.61 -3.81 19.08
C LEU A 727 -5.33 -2.81 18.20
N TRP A 728 -6.64 -3.01 18.05
CA TRP A 728 -7.49 -2.25 17.13
C TRP A 728 -8.82 -1.90 17.79
N ARG A 729 -8.82 -1.69 19.09
CA ARG A 729 -10.04 -1.63 19.87
C ARG A 729 -10.78 -0.30 19.67
N LEU A 730 -12.05 -0.30 20.05
CA LEU A 730 -13.01 0.77 19.84
C LEU A 730 -13.76 1.06 21.14
N VAL A 731 -13.02 1.30 22.21
CA VAL A 731 -13.59 1.20 23.55
C VAL A 731 -14.39 2.46 23.88
N SER A 732 -15.33 2.32 24.80
CA SER A 732 -16.14 3.44 25.28
C SER A 732 -15.60 3.89 26.64
N VAL A 733 -15.69 5.20 26.89
CA VAL A 733 -15.15 5.81 28.09
C VAL A 733 -16.27 5.96 29.11
N ASP A 734 -16.03 5.46 30.32
CA ASP A 734 -17.03 5.47 31.39
C ASP A 734 -16.64 6.46 32.47
N SER A 735 -17.63 7.22 32.95
CA SER A 735 -17.44 8.21 34.02
C SER A 735 -16.40 9.23 33.53
N GLU A 736 -15.46 9.65 34.37
CA GLU A 736 -14.46 10.62 33.94
C GLU A 736 -13.52 10.02 32.89
N GLY A 737 -13.27 8.71 32.95
CA GLY A 737 -12.42 8.05 31.97
C GLY A 737 -11.13 7.53 32.54
N GLN A 738 -11.10 6.24 32.87
CA GLN A 738 -9.90 5.56 33.34
C GLN A 738 -9.82 4.17 32.73
N ASN A 739 -10.16 4.04 31.45
CA ASN A 739 -10.17 2.74 30.80
C ASN A 739 -8.76 2.17 30.72
N THR A 740 -8.68 0.85 30.83
CA THR A 740 -7.42 0.12 30.76
C THR A 740 -7.51 -0.86 29.61
N ILE A 741 -6.77 -0.59 28.54
CA ILE A 741 -6.71 -1.49 27.38
C ILE A 741 -5.53 -2.43 27.59
N THR A 742 -5.82 -3.73 27.65
CA THR A 742 -4.82 -4.75 27.95
C THR A 742 -4.72 -5.71 26.78
N GLU A 743 -3.51 -5.87 26.24
CA GLU A 743 -3.27 -6.78 25.13
C GLU A 743 -1.93 -7.48 25.36
N THR A 744 -1.47 -8.23 24.37
CA THR A 744 -0.22 -8.95 24.43
C THR A 744 0.67 -8.53 23.27
N VAL A 745 1.89 -8.13 23.58
CA VAL A 745 2.81 -7.61 22.56
C VAL A 745 3.28 -8.74 21.66
N PRO A 746 3.42 -8.53 20.35
CA PRO A 746 4.04 -9.57 19.50
C PRO A 746 5.53 -9.70 19.76
N ASP A 747 6.18 -10.62 19.06
CA ASP A 747 7.59 -10.91 19.31
C ASP A 747 8.54 -9.95 18.60
N THR A 748 8.05 -9.15 17.67
CA THR A 748 8.93 -8.29 16.88
C THR A 748 9.51 -7.18 17.74
N ILE A 749 10.80 -6.91 17.56
CA ILE A 749 11.55 -5.96 18.39
C ILE A 749 11.61 -4.64 17.63
N THR A 750 10.60 -3.79 17.82
CA THR A 750 10.53 -2.47 17.18
C THR A 750 9.87 -1.49 18.14
N LYS A 751 9.50 -0.33 17.61
CA LYS A 751 8.77 0.71 18.32
C LYS A 751 7.27 0.41 18.27
N TRP A 752 6.52 1.04 19.17
CA TRP A 752 5.09 0.76 19.31
C TRP A 752 4.29 2.05 19.50
N GLN A 753 4.44 3.00 18.59
CA GLN A 753 3.76 4.29 18.75
C GLN A 753 2.25 4.12 18.78
N GLY A 754 1.61 4.72 19.76
CA GLY A 754 0.17 4.57 19.95
C GLY A 754 -0.57 5.89 19.73
N SER A 755 -1.70 5.81 19.03
CA SER A 755 -2.54 6.96 18.74
C SER A 755 -3.99 6.58 18.92
N MET A 756 -4.88 7.57 18.81
CA MET A 756 -6.31 7.31 18.91
C MET A 756 -7.07 8.49 18.33
N PHE A 757 -8.33 8.23 17.98
CA PHE A 757 -9.28 9.30 17.70
C PHE A 757 -10.50 9.00 18.57
N CYS A 758 -11.05 10.02 19.22
CA CYS A 758 -11.88 9.69 20.37
C CYS A 758 -13.12 10.60 20.34
N VAL A 759 -14.19 10.13 19.68
CA VAL A 759 -15.34 10.96 19.39
C VAL A 759 -16.32 10.92 20.55
N SER A 760 -17.17 11.95 20.63
CA SER A 760 -18.22 12.02 21.63
C SER A 760 -19.36 12.84 21.06
N GLU A 761 -20.59 12.37 21.25
CA GLU A 761 -21.76 13.02 20.68
C GLU A 761 -22.07 14.36 21.31
N LYS A 762 -21.44 14.69 22.44
CA LYS A 762 -21.74 15.93 23.14
C LYS A 762 -20.76 17.05 22.81
N GLU A 763 -19.46 16.74 22.76
CA GLU A 763 -18.43 17.75 22.60
C GLU A 763 -17.78 17.71 21.22
N GLY A 764 -17.25 16.57 20.82
CA GLY A 764 -16.45 16.44 19.63
C GLY A 764 -15.29 15.51 19.91
N PHE A 765 -14.41 15.33 18.93
CA PHE A 765 -13.31 14.38 19.10
C PHE A 765 -11.98 15.12 19.12
N GLY A 766 -11.05 14.59 19.90
CA GLY A 766 -9.70 15.11 19.90
C GLY A 766 -8.66 14.07 19.55
N ILE A 767 -8.02 14.22 18.39
CA ILE A 767 -6.90 13.36 18.04
C ILE A 767 -5.77 13.62 19.01
N THR A 768 -5.06 12.55 19.40
CA THR A 768 -3.90 12.72 20.25
C THR A 768 -2.82 13.48 19.50
N LYS A 769 -2.10 14.34 20.23
CA LYS A 769 -1.10 15.20 19.61
C LYS A 769 0.26 14.51 19.51
N TYR A 770 0.81 14.10 20.64
CA TYR A 770 2.09 13.40 20.70
C TYR A 770 1.82 11.94 21.02
N SER A 771 2.01 11.08 20.02
CA SER A 771 1.69 9.67 20.16
C SER A 771 2.55 9.02 21.23
N ALA A 772 1.92 8.24 22.10
CA ALA A 772 2.65 7.54 23.15
C ALA A 772 3.58 6.49 22.53
N ASN A 773 4.76 6.34 23.14
CA ASN A 773 5.82 5.52 22.59
C ASN A 773 6.12 4.34 23.52
N PHE A 774 6.37 3.18 22.91
CA PHE A 774 6.66 1.96 23.64
C PHE A 774 7.78 1.20 22.94
N THR A 775 8.63 0.55 23.73
CA THR A 775 9.77 -0.19 23.22
C THR A 775 9.84 -1.55 23.90
N SER A 776 9.99 -2.60 23.10
CA SER A 776 10.15 -3.96 23.62
C SER A 776 11.42 -4.55 23.03
N PHE A 777 12.31 -5.03 23.91
CA PHE A 777 13.56 -5.62 23.49
C PHE A 777 13.92 -6.78 24.41
N LEU A 778 14.70 -7.72 23.88
CA LEU A 778 15.18 -8.86 24.65
C LEU A 778 16.58 -8.58 25.14
N PRO A 779 16.84 -8.64 26.45
CA PRO A 779 18.20 -8.32 26.93
C PRO A 779 19.26 -9.29 26.46
N PHE A 780 18.90 -10.51 26.09
CA PHE A 780 19.87 -11.55 25.76
C PHE A 780 19.45 -12.21 24.45
N PHE A 781 20.21 -11.97 23.39
CA PHE A 781 19.84 -12.38 22.04
C PHE A 781 20.65 -13.61 21.62
N VAL A 782 19.97 -14.60 21.08
CA VAL A 782 20.60 -15.74 20.44
C VAL A 782 19.92 -15.97 19.09
N GLU A 783 20.73 -16.19 18.05
CA GLU A 783 20.22 -16.32 16.69
C GLU A 783 20.91 -17.48 15.99
N LEU A 784 20.14 -18.20 15.17
CA LEU A 784 20.63 -19.32 14.39
C LEU A 784 20.36 -19.06 12.91
N SER A 785 21.31 -19.46 12.07
CA SER A 785 21.16 -19.36 10.62
C SER A 785 21.40 -20.72 10.01
N LEU A 786 20.43 -21.22 9.24
CA LEU A 786 20.53 -22.51 8.60
C LEU A 786 19.98 -22.43 7.18
N PRO A 787 20.45 -23.27 6.28
CA PRO A 787 19.83 -23.38 4.96
C PRO A 787 18.49 -24.09 5.06
N TYR A 788 17.68 -23.96 4.01
CA TYR A 788 16.39 -24.62 3.99
C TYR A 788 16.53 -26.14 4.00
N SER A 789 17.46 -26.67 3.20
CA SER A 789 17.58 -28.11 3.04
C SER A 789 19.05 -28.51 2.96
N LEU A 790 19.27 -29.80 3.20
CA LEU A 790 20.61 -30.36 3.25
C LEU A 790 20.58 -31.72 2.57
N THR A 791 21.76 -32.21 2.20
CA THR A 791 21.91 -33.49 1.55
C THR A 791 22.48 -34.51 2.52
N ARG A 792 22.14 -35.78 2.33
CA ARG A 792 22.56 -36.83 3.24
C ARG A 792 24.09 -36.92 3.31
N GLU A 793 24.57 -37.28 4.50
CA GLU A 793 26.00 -37.38 4.84
C GLU A 793 26.80 -36.23 4.25
N GLU A 794 26.40 -35.01 4.65
CA GLU A 794 27.10 -33.79 4.29
C GLU A 794 27.44 -33.03 5.56
N ILE A 795 28.68 -32.55 5.66
CA ILE A 795 29.16 -31.89 6.87
C ILE A 795 28.80 -30.41 6.78
N LEU A 796 27.88 -29.98 7.63
CA LEU A 796 27.45 -28.59 7.70
C LEU A 796 28.00 -27.95 8.97
N VAL A 797 28.25 -26.64 8.90
CA VAL A 797 28.71 -25.86 10.04
C VAL A 797 27.53 -25.05 10.59
N MET A 798 27.39 -25.05 11.90
CA MET A 798 26.35 -24.27 12.56
C MET A 798 26.93 -22.96 13.05
N LYS A 799 26.19 -21.87 12.87
CA LYS A 799 26.65 -20.54 13.26
C LYS A 799 25.61 -19.91 14.18
N ALA A 800 25.90 -19.91 15.48
CA ALA A 800 25.03 -19.33 16.49
C ALA A 800 25.62 -18.01 16.95
N PHE A 801 24.84 -16.94 16.85
CA PHE A 801 25.26 -15.62 17.30
C PHE A 801 24.61 -15.32 18.65
N VAL A 802 25.42 -15.12 19.67
CA VAL A 802 24.95 -14.73 21.00
C VAL A 802 25.44 -13.31 21.27
N SER A 803 24.53 -12.44 21.67
CA SER A 803 24.82 -11.02 21.84
C SER A 803 24.42 -10.57 23.24
N ASN A 804 25.17 -9.60 23.76
CA ASN A 804 24.93 -9.04 25.08
C ASN A 804 24.56 -7.57 24.93
N TYR A 805 23.45 -7.18 25.55
CA TYR A 805 23.00 -5.79 25.53
C TYR A 805 22.98 -5.16 26.92
N LEU A 806 23.38 -5.88 27.95
CA LEU A 806 23.43 -5.31 29.29
C LEU A 806 24.58 -4.31 29.39
N GLU A 807 24.44 -3.39 30.36
CA GLU A 807 25.48 -2.38 30.56
C GLU A 807 26.76 -2.98 31.12
N GLU A 808 26.68 -4.15 31.74
CA GLU A 808 27.85 -4.78 32.34
C GLU A 808 28.37 -5.90 31.43
N CYS A 809 29.69 -6.06 31.42
CA CYS A 809 30.32 -7.12 30.63
C CYS A 809 29.94 -8.48 31.22
N ILE A 810 29.65 -9.44 30.34
CA ILE A 810 29.17 -10.75 30.77
C ILE A 810 29.98 -11.85 30.09
N LYS A 811 29.92 -13.03 30.67
CA LYS A 811 30.41 -14.26 30.05
C LYS A 811 29.24 -15.18 29.76
N ILE A 812 29.46 -16.15 28.87
CA ILE A 812 28.40 -17.02 28.39
C ILE A 812 28.99 -18.38 28.05
N ILE A 813 28.22 -19.43 28.34
CA ILE A 813 28.54 -20.79 27.94
C ILE A 813 27.35 -21.33 27.15
N VAL A 814 27.63 -21.89 25.98
CA VAL A 814 26.60 -22.37 25.07
C VAL A 814 26.78 -23.87 24.87
N THR A 815 25.68 -24.61 24.93
CA THR A 815 25.70 -26.07 24.79
C THR A 815 24.69 -26.50 23.74
N LEU A 816 25.05 -27.48 22.95
CA LEU A 816 24.18 -28.10 21.96
C LEU A 816 23.76 -29.48 22.46
N GLN A 817 22.45 -29.73 22.46
CA GLN A 817 21.94 -30.99 22.97
C GLN A 817 22.27 -32.12 22.01
N PRO A 818 23.02 -33.14 22.43
CA PRO A 818 23.33 -34.26 21.54
C PRO A 818 22.09 -35.09 21.24
N SER A 819 22.13 -35.78 20.11
CA SER A 819 21.02 -36.62 19.70
C SER A 819 21.57 -37.81 18.92
N ALA A 820 20.73 -38.84 18.77
CA ALA A 820 21.13 -40.06 18.08
C ALA A 820 20.74 -40.07 16.62
N ASP A 821 19.73 -39.28 16.21
CA ASP A 821 19.31 -39.28 14.81
C ASP A 821 20.42 -38.73 13.92
N PHE A 822 21.08 -37.66 14.35
CA PHE A 822 22.16 -37.06 13.59
C PHE A 822 23.40 -36.95 14.47
N GLU A 823 24.56 -37.15 13.87
CA GLU A 823 25.82 -37.11 14.59
C GLU A 823 26.39 -35.69 14.58
N VAL A 824 27.22 -35.41 15.58
CA VAL A 824 27.89 -34.13 15.71
C VAL A 824 29.40 -34.37 15.84
N ILE A 825 30.18 -33.62 15.09
CA ILE A 825 31.63 -33.72 15.18
C ILE A 825 32.10 -32.98 16.43
N PRO A 826 32.87 -33.62 17.31
CA PRO A 826 33.44 -32.87 18.44
C PRO A 826 34.55 -31.94 17.96
N GLN A 827 34.24 -30.65 17.88
CA GLN A 827 35.18 -29.68 17.34
C GLN A 827 36.32 -29.37 18.31
N ASP A 828 36.18 -29.75 19.58
CA ASP A 828 37.21 -29.48 20.60
C ASP A 828 37.52 -27.98 20.67
N VAL A 829 36.47 -27.17 20.60
CA VAL A 829 36.59 -25.71 20.72
C VAL A 829 35.82 -25.28 21.96
N LYS A 830 36.47 -24.50 22.82
CA LYS A 830 35.86 -24.08 24.07
C LYS A 830 36.53 -22.80 24.54
N GLN A 831 35.82 -21.68 24.45
CA GLN A 831 36.32 -20.41 24.96
C GLN A 831 35.14 -19.60 25.46
N ASP A 832 35.24 -19.11 26.70
CA ASP A 832 34.18 -18.29 27.30
C ASP A 832 34.57 -16.84 27.08
N GLN A 833 34.19 -16.30 25.93
CA GLN A 833 34.56 -14.93 25.58
C GLN A 833 33.89 -13.94 26.53
N CYS A 834 34.67 -12.94 26.96
CA CYS A 834 34.16 -11.90 27.85
C CYS A 834 33.52 -10.80 27.00
N ILE A 835 32.37 -11.13 26.43
CA ILE A 835 31.65 -10.18 25.61
C ILE A 835 31.03 -9.10 26.50
N CYS A 836 30.79 -7.93 25.93
CA CYS A 836 30.26 -6.83 26.71
C CYS A 836 29.15 -6.12 25.94
N SER A 837 28.76 -4.94 26.41
CA SER A 837 27.68 -4.19 25.78
C SER A 837 27.98 -3.94 24.30
N GLY A 838 26.97 -4.16 23.47
CA GLY A 838 27.13 -3.97 22.04
C GLY A 838 28.10 -4.92 21.38
N GLY A 839 28.07 -6.20 21.76
CA GLY A 839 28.97 -7.18 21.20
C GLY A 839 28.22 -8.44 20.81
N ARG A 840 28.89 -9.26 20.00
CA ARG A 840 28.30 -10.48 19.49
C ARG A 840 29.39 -11.50 19.23
N SER A 841 29.13 -12.75 19.59
CA SER A 841 30.07 -13.85 19.38
C SER A 841 29.60 -14.73 18.23
N SER A 842 30.50 -15.62 17.80
CA SER A 842 30.27 -16.45 16.62
C SER A 842 30.64 -17.91 16.90
N TYR A 843 30.14 -18.45 18.01
CA TYR A 843 30.36 -19.86 18.30
C TYR A 843 29.83 -20.73 17.19
N SER A 844 30.60 -21.75 16.81
CA SER A 844 30.26 -22.61 15.68
C SER A 844 30.46 -24.07 16.05
N TRP A 845 29.78 -24.94 15.30
CA TRP A 845 29.88 -26.38 15.49
C TRP A 845 29.78 -27.07 14.15
N ASN A 846 30.31 -28.29 14.10
CA ASN A 846 30.26 -29.13 12.90
C ASN A 846 29.18 -30.17 13.05
N ILE A 847 28.30 -30.27 12.07
CA ILE A 847 27.13 -31.14 12.13
C ILE A 847 27.19 -32.13 10.96
N ILE A 848 27.02 -33.41 11.27
CA ILE A 848 26.96 -34.45 10.25
C ILE A 848 25.50 -34.66 9.88
N ALA A 849 25.21 -34.60 8.58
CA ALA A 849 23.84 -34.81 8.09
C ALA A 849 23.59 -36.29 7.82
N SER A 850 23.84 -37.10 8.84
CA SER A 850 23.61 -38.54 8.76
C SER A 850 22.26 -38.89 9.38
N SER A 851 21.21 -38.39 8.75
CA SER A 851 19.85 -38.64 9.19
C SER A 851 18.93 -38.52 7.99
N LEU A 852 17.62 -38.68 8.24
CA LEU A 852 16.61 -38.60 7.20
C LEU A 852 15.51 -37.65 7.63
N GLY A 853 15.13 -36.74 6.73
CA GLY A 853 13.95 -35.93 6.98
C GLY A 853 14.15 -34.73 7.87
N ARG A 854 13.24 -34.53 8.82
CA ARG A 854 13.21 -33.34 9.66
C ARG A 854 14.00 -33.56 10.94
N ILE A 855 14.90 -32.64 11.25
CA ILE A 855 15.69 -32.68 12.48
C ILE A 855 15.67 -31.29 13.11
N SER A 856 15.54 -31.27 14.44
CA SER A 856 15.48 -30.04 15.21
C SER A 856 16.76 -29.85 16.00
N PHE A 857 17.33 -28.65 15.94
CA PHE A 857 18.51 -28.27 16.69
C PHE A 857 18.13 -27.33 17.82
N ILE A 858 18.66 -27.60 19.01
CA ILE A 858 18.39 -26.80 20.20
C ILE A 858 19.71 -26.29 20.76
N VAL A 859 19.80 -24.98 20.96
CA VAL A 859 20.95 -24.38 21.62
C VAL A 859 20.52 -23.98 23.03
N SER A 860 21.50 -23.58 23.84
CA SER A 860 21.22 -23.24 25.23
C SER A 860 22.23 -22.23 25.73
N ALA A 861 21.91 -21.62 26.86
CA ALA A 861 22.79 -20.67 27.53
C ALA A 861 22.57 -20.77 29.03
N GLU A 862 23.58 -20.36 29.78
CA GLU A 862 23.50 -20.42 31.24
C GLU A 862 23.75 -19.05 31.86
N THR A 863 24.48 -18.21 31.14
CA THR A 863 24.76 -16.82 31.52
C THR A 863 25.41 -16.75 32.91
N THR A 864 26.53 -17.45 33.04
CA THR A 864 27.47 -17.20 34.13
C THR A 864 28.38 -16.06 33.70
N HIS A 865 28.29 -14.94 34.40
CA HIS A 865 28.80 -13.73 33.77
C HIS A 865 29.91 -13.03 34.55
N ILE A 866 29.79 -12.92 35.87
CA ILE A 866 30.68 -12.10 36.67
C ILE A 866 30.63 -10.69 36.11
N GLY A 867 29.54 -9.98 36.40
CA GLY A 867 29.18 -8.75 35.71
C GLY A 867 30.20 -7.63 35.70
N ALA A 868 30.87 -7.39 36.84
CA ALA A 868 31.82 -6.29 36.91
C ALA A 868 33.08 -6.62 36.11
N SER A 869 33.03 -6.36 34.80
CA SER A 869 34.11 -6.69 33.86
C SER A 869 34.35 -8.19 33.95
N CYS A 870 35.53 -8.65 34.36
CA CYS A 870 35.77 -10.08 34.54
C CYS A 870 36.32 -10.35 35.93
N ASP A 871 37.17 -9.44 36.43
CA ASP A 871 37.77 -9.62 37.75
C ASP A 871 36.77 -9.35 38.87
N GLY A 872 35.95 -8.31 38.73
CA GLY A 872 35.00 -7.94 39.75
C GLY A 872 33.81 -8.88 39.79
N PRO A 873 33.60 -9.52 40.94
CA PRO A 873 32.49 -10.47 41.05
C PRO A 873 31.14 -9.79 40.88
N SER A 874 30.20 -10.54 40.29
CA SER A 874 28.84 -10.02 40.11
C SER A 874 28.13 -9.86 41.45
N ASP A 875 28.30 -10.84 42.34
CA ASP A 875 27.65 -10.87 43.66
C ASP A 875 26.15 -10.81 43.44
N GLN A 876 25.43 -9.86 44.05
CA GLN A 876 23.97 -9.78 43.93
C GLN A 876 23.62 -8.77 42.84
N SER A 877 23.79 -9.20 41.60
CA SER A 877 23.42 -8.40 40.44
C SER A 877 22.49 -9.14 39.49
N GLN A 878 22.68 -10.44 39.32
CA GLN A 878 21.80 -11.25 38.49
C GLN A 878 21.93 -12.70 38.92
N SER A 879 20.92 -13.50 38.56
CA SER A 879 20.88 -14.91 38.95
C SER A 879 21.05 -15.84 37.76
N THR A 880 20.19 -15.73 36.74
CA THR A 880 20.23 -16.64 35.61
C THR A 880 19.36 -16.12 34.46
N ARG A 881 19.92 -16.08 33.26
CA ARG A 881 19.19 -15.74 32.05
C ARG A 881 19.18 -16.96 31.13
N LYS A 882 18.00 -17.40 30.73
CA LYS A 882 17.83 -18.58 29.89
C LYS A 882 17.17 -18.18 28.58
N ASP A 883 17.78 -18.57 27.47
CA ASP A 883 17.24 -18.27 26.14
C ASP A 883 17.66 -19.38 25.20
N THR A 884 16.74 -20.28 24.89
CA THR A 884 16.99 -21.39 23.98
C THR A 884 16.09 -21.24 22.77
N VAL A 885 16.67 -21.35 21.58
CA VAL A 885 15.95 -21.18 20.32
C VAL A 885 15.95 -22.50 19.55
N ILE A 886 14.79 -22.90 19.09
CA ILE A 886 14.65 -24.10 18.25
C ILE A 886 14.96 -23.73 16.82
N GLN A 887 15.54 -24.67 16.08
CA GLN A 887 15.76 -24.48 14.66
C GLN A 887 15.48 -25.78 13.92
N THR A 888 15.13 -25.65 12.65
CA THR A 888 14.69 -26.77 11.84
C THR A 888 15.65 -27.01 10.69
N ILE A 889 15.78 -28.28 10.28
CA ILE A 889 16.55 -28.63 9.10
C ILE A 889 15.90 -29.84 8.44
N LEU A 890 15.98 -29.89 7.12
CA LEU A 890 15.41 -30.97 6.33
C LEU A 890 16.50 -31.57 5.46
N VAL A 891 16.91 -32.81 5.77
CA VAL A 891 17.89 -33.53 4.98
C VAL A 891 17.16 -34.47 4.05
N GLN A 892 17.52 -34.42 2.76
CA GLN A 892 16.84 -35.17 1.72
C GLN A 892 17.87 -35.97 0.91
N PRO A 893 17.62 -37.25 0.69
CA PRO A 893 18.55 -38.07 -0.07
C PRO A 893 18.96 -37.43 -1.39
N GLU A 894 20.19 -37.74 -1.82
CA GLU A 894 20.69 -37.27 -3.10
C GLU A 894 19.90 -37.90 -4.24
N GLY A 895 19.74 -37.13 -5.33
CA GLY A 895 19.03 -37.59 -6.50
C GLY A 895 17.80 -36.74 -6.77
N ILE A 896 16.79 -37.37 -7.38
CA ILE A 896 15.53 -36.71 -7.70
C ILE A 896 14.38 -37.56 -7.17
N ARG A 897 13.22 -36.92 -7.04
CA ARG A 897 12.03 -37.58 -6.51
C ARG A 897 11.32 -38.36 -7.61
N LYS A 898 10.78 -39.52 -7.24
CA LYS A 898 10.00 -40.34 -8.16
C LYS A 898 8.78 -40.88 -7.43
N GLU A 899 7.70 -41.07 -8.17
CA GLU A 899 6.46 -41.58 -7.61
C GLU A 899 5.89 -42.66 -8.52
N GLU A 900 5.11 -43.56 -7.93
CA GLU A 900 4.44 -44.61 -8.69
C GLU A 900 3.11 -44.91 -8.01
N THR A 901 2.03 -44.42 -8.58
CA THR A 901 0.70 -44.55 -8.01
C THR A 901 -0.16 -45.43 -8.90
N SER A 902 -0.91 -46.35 -8.29
CA SER A 902 -1.82 -47.24 -9.00
C SER A 902 -3.16 -47.23 -8.28
N SER A 903 -4.02 -46.28 -8.64
CA SER A 903 -5.33 -46.17 -8.02
C SER A 903 -6.27 -47.21 -8.61
N ASN A 904 -7.22 -47.66 -7.78
CA ASN A 904 -8.21 -48.64 -8.22
C ASN A 904 -9.55 -48.33 -7.56
N LEU A 905 -10.61 -48.77 -8.23
CA LEU A 905 -11.97 -48.64 -7.72
C LEU A 905 -12.54 -50.02 -7.45
N VAL A 906 -13.19 -50.19 -6.30
CA VAL A 906 -13.82 -51.44 -5.93
C VAL A 906 -15.34 -51.22 -5.86
N CYS A 907 -16.09 -52.06 -6.56
CA CYS A 907 -17.55 -52.02 -6.57
C CYS A 907 -18.03 -53.38 -6.12
N VAL A 908 -18.29 -53.52 -4.82
CA VAL A 908 -18.65 -54.79 -4.21
C VAL A 908 -20.08 -54.73 -3.71
N GLU A 909 -20.85 -55.77 -4.01
CA GLU A 909 -22.22 -55.92 -3.53
C GLU A 909 -22.25 -57.23 -2.73
N ASP A 910 -22.00 -57.12 -1.43
CA ASP A 910 -21.95 -58.27 -0.53
C ASP A 910 -20.91 -59.30 -1.00
N SER A 911 -19.75 -58.80 -1.43
CA SER A 911 -18.66 -59.63 -1.90
C SER A 911 -17.35 -59.16 -1.27
N ASN A 912 -16.30 -59.95 -1.48
CA ASN A 912 -14.98 -59.66 -0.94
C ASN A 912 -13.95 -59.69 -2.06
N VAL A 913 -12.96 -58.79 -1.96
CA VAL A 913 -11.91 -58.66 -2.96
C VAL A 913 -10.56 -58.78 -2.26
N GLU A 914 -9.65 -59.55 -2.85
CA GLU A 914 -8.35 -59.85 -2.26
C GLU A 914 -7.22 -59.50 -3.22
N MET A 915 -7.28 -58.30 -3.79
CA MET A 915 -6.23 -57.89 -4.71
C MET A 915 -4.90 -57.72 -3.96
N PRO A 916 -3.79 -58.15 -4.54
CA PRO A 916 -2.48 -57.92 -3.92
C PRO A 916 -1.96 -56.55 -4.28
N ILE A 917 -0.73 -56.26 -3.84
CA ILE A 917 -0.04 -55.03 -4.15
C ILE A 917 1.20 -55.39 -4.97
N ASN A 918 1.29 -54.85 -6.17
CA ASN A 918 2.37 -55.17 -7.10
C ASN A 918 3.37 -54.01 -7.10
N LEU A 919 4.30 -54.06 -6.15
CA LEU A 919 5.32 -53.03 -6.00
C LEU A 919 6.69 -53.66 -6.22
N THR A 920 7.51 -53.00 -7.03
CA THR A 920 8.86 -53.45 -7.34
C THR A 920 9.77 -52.24 -7.40
N LEU A 921 10.70 -52.14 -6.47
CA LEU A 921 11.61 -51.01 -6.45
C LEU A 921 12.59 -51.13 -7.60
N PRO A 922 12.76 -50.09 -8.42
CA PRO A 922 13.66 -50.21 -9.58
C PRO A 922 15.11 -50.37 -9.17
N GLU A 923 15.87 -51.04 -10.03
CA GLU A 923 17.30 -51.22 -9.82
C GLU A 923 18.02 -49.88 -9.91
N ASN A 924 19.20 -49.82 -9.28
CA ASN A 924 20.02 -48.61 -9.21
C ASN A 924 19.28 -47.51 -8.47
N ILE A 925 18.92 -47.81 -7.22
CA ILE A 925 18.13 -46.94 -6.37
C ILE A 925 18.96 -46.55 -5.16
N VAL A 926 18.67 -45.37 -4.62
CA VAL A 926 19.36 -44.88 -3.42
C VAL A 926 18.76 -45.55 -2.19
N GLN A 927 19.62 -46.17 -1.38
CA GLN A 927 19.16 -46.85 -0.19
C GLN A 927 18.71 -45.84 0.87
N GLY A 928 17.70 -46.24 1.65
CA GLY A 928 17.16 -45.42 2.71
C GLY A 928 16.03 -44.51 2.29
N SER A 929 15.86 -44.27 0.99
CA SER A 929 14.77 -43.45 0.49
C SER A 929 13.73 -44.37 -0.15
N ALA A 930 12.83 -44.86 0.69
CA ALA A 930 11.79 -45.79 0.23
C ALA A 930 10.64 -45.76 1.22
N SER A 931 9.43 -45.53 0.72
CA SER A 931 8.24 -45.53 1.56
C SER A 931 7.08 -46.13 0.77
N ALA A 932 6.27 -46.93 1.44
CA ALA A 932 5.10 -47.58 0.85
C ALA A 932 3.86 -47.03 1.52
N PHE A 933 2.94 -46.48 0.72
CA PHE A 933 1.84 -45.68 1.21
C PHE A 933 0.53 -46.25 0.68
N VAL A 934 -0.50 -46.26 1.52
CA VAL A 934 -1.81 -46.80 1.15
C VAL A 934 -2.87 -45.80 1.57
N THR A 935 -3.79 -45.48 0.66
CA THR A 935 -4.82 -44.49 0.87
C THR A 935 -6.19 -45.08 0.59
N PHE A 936 -7.13 -44.82 1.49
CA PHE A 936 -8.54 -45.19 1.34
C PHE A 936 -9.38 -43.94 1.47
N VAL A 937 -10.46 -43.85 0.69
CA VAL A 937 -11.41 -42.77 0.79
C VAL A 937 -12.82 -43.34 0.74
N GLY A 938 -13.72 -42.78 1.53
CA GLY A 938 -15.09 -43.25 1.58
C GLY A 938 -15.99 -42.77 0.47
N ASP A 939 -15.53 -41.80 -0.33
CA ASP A 939 -16.30 -41.27 -1.44
C ASP A 939 -15.45 -41.26 -2.69
N VAL A 940 -16.10 -41.40 -3.85
CA VAL A 940 -15.37 -41.46 -5.12
C VAL A 940 -14.59 -40.17 -5.33
N LEU A 941 -15.27 -39.03 -5.22
CA LEU A 941 -14.60 -37.73 -5.25
C LEU A 941 -14.40 -37.21 -3.82
N GLY A 942 -13.61 -37.95 -3.06
CA GLY A 942 -13.38 -37.60 -1.67
C GLY A 942 -11.96 -37.13 -1.40
N LEU A 943 -10.99 -37.72 -2.10
CA LEU A 943 -9.60 -37.33 -1.89
C LEU A 943 -9.32 -35.89 -2.29
N PRO A 944 -9.78 -35.37 -3.48
CA PRO A 944 -9.51 -33.98 -3.85
C PRO A 944 -10.36 -32.98 -3.07
N LEU A 945 -10.39 -33.14 -1.76
CA LEU A 945 -11.05 -32.20 -0.85
C LEU A 945 -10.09 -31.60 0.14
N SER A 946 -9.13 -32.37 0.64
CA SER A 946 -8.10 -31.85 1.51
C SER A 946 -6.88 -31.33 0.76
N ASN A 947 -6.82 -31.56 -0.56
CA ASN A 947 -5.67 -31.18 -1.36
C ASN A 947 -6.07 -30.22 -2.47
N LEU A 948 -7.14 -29.45 -2.27
CA LEU A 948 -7.66 -28.61 -3.35
C LEU A 948 -6.67 -27.50 -3.73
N GLN A 949 -6.02 -26.89 -2.75
CA GLN A 949 -5.08 -25.82 -3.07
C GLN A 949 -3.77 -26.35 -3.64
N ASN A 950 -3.47 -27.63 -3.43
CA ASN A 950 -2.24 -28.22 -3.95
C ASN A 950 -2.58 -29.47 -4.77
N LEU A 951 -3.57 -29.34 -5.66
CA LEU A 951 -4.06 -30.48 -6.41
C LEU A 951 -2.95 -31.15 -7.22
N LEU A 952 -1.97 -30.38 -7.67
CA LEU A 952 -0.86 -30.91 -8.44
C LEU A 952 0.45 -30.40 -7.87
N GLN A 953 1.50 -31.21 -7.99
CA GLN A 953 2.82 -30.81 -7.53
C GLN A 953 3.49 -29.80 -8.45
N MET A 954 2.89 -29.52 -9.61
CA MET A 954 3.49 -28.59 -10.56
C MET A 954 3.56 -27.19 -9.95
N PRO A 955 4.55 -26.40 -10.36
CA PRO A 955 4.56 -25.00 -9.96
C PRO A 955 3.53 -24.21 -10.75
N TYR A 956 2.82 -23.32 -10.06
CA TYR A 956 1.78 -22.49 -10.66
C TYR A 956 2.33 -21.09 -10.91
N GLY A 957 1.56 -20.30 -11.64
CA GLY A 957 2.00 -18.95 -11.95
C GLY A 957 1.63 -18.44 -13.32
N CYS A 958 1.02 -19.28 -14.15
CA CYS A 958 0.44 -18.81 -15.41
C CYS A 958 -1.07 -18.70 -15.26
N GLY A 959 -1.69 -18.08 -16.27
CA GLY A 959 -3.13 -17.86 -16.21
C GLY A 959 -3.92 -19.15 -16.16
N GLU A 960 -3.58 -20.10 -17.03
CA GLU A 960 -4.27 -21.37 -17.03
C GLU A 960 -3.87 -22.23 -15.83
N GLN A 961 -2.61 -22.13 -15.40
CA GLN A 961 -2.18 -22.92 -14.24
C GLN A 961 -2.91 -22.48 -12.99
N ASN A 962 -3.15 -21.18 -12.83
CA ASN A 962 -3.84 -20.71 -11.63
C ASN A 962 -5.29 -21.18 -11.60
N LEU A 963 -5.93 -21.33 -12.76
CA LEU A 963 -7.30 -21.81 -12.80
C LEU A 963 -7.32 -23.34 -12.69
N ALA A 964 -6.60 -23.86 -11.70
CA ALA A 964 -6.72 -25.26 -11.31
C ALA A 964 -6.90 -25.40 -9.81
N ARG A 965 -6.77 -24.32 -9.05
CA ARG A 965 -7.09 -24.31 -7.63
C ARG A 965 -8.45 -23.67 -7.35
N MET A 966 -9.14 -23.17 -8.38
CA MET A 966 -10.49 -22.67 -8.22
C MET A 966 -11.46 -23.14 -9.30
N ALA A 967 -11.01 -23.88 -10.30
CA ALA A 967 -11.87 -24.33 -11.38
C ALA A 967 -12.71 -25.56 -11.01
N PRO A 968 -12.17 -26.59 -10.35
CA PRO A 968 -12.98 -27.74 -9.99
C PRO A 968 -13.69 -27.63 -8.66
N ILE A 969 -13.39 -26.60 -7.87
CA ILE A 969 -13.99 -26.45 -6.55
C ILE A 969 -15.48 -26.09 -6.64
N PRO A 970 -15.96 -25.27 -7.59
CA PRO A 970 -17.41 -25.10 -7.69
C PRO A 970 -18.13 -26.40 -8.01
N TYR A 971 -17.54 -27.23 -8.86
CA TYR A 971 -18.20 -28.48 -9.24
C TYR A 971 -18.21 -29.47 -8.09
N VAL A 972 -17.09 -29.61 -7.37
CA VAL A 972 -17.09 -30.53 -6.23
C VAL A 972 -18.02 -30.01 -5.14
N LEU A 973 -18.10 -28.69 -4.95
CA LEU A 973 -19.01 -28.14 -3.95
C LEU A 973 -20.46 -28.38 -4.34
N GLU A 974 -20.78 -28.24 -5.63
CA GLU A 974 -22.13 -28.54 -6.10
C GLU A 974 -22.46 -30.01 -5.88
N TYR A 975 -21.51 -30.90 -6.16
CA TYR A 975 -21.74 -32.32 -5.93
C TYR A 975 -22.02 -32.60 -4.46
N LEU A 976 -21.21 -32.03 -3.57
CA LEU A 976 -21.43 -32.25 -2.13
C LEU A 976 -22.77 -31.70 -1.69
N ASN A 977 -23.14 -30.51 -2.16
CA ASN A 977 -24.43 -29.94 -1.79
C ASN A 977 -25.59 -30.79 -2.31
N ASN A 978 -25.45 -31.32 -3.53
CA ASN A 978 -26.53 -32.09 -4.12
C ASN A 978 -26.72 -33.44 -3.44
N THR A 979 -25.63 -34.11 -3.07
CA THR A 979 -25.80 -35.40 -2.40
C THR A 979 -25.81 -35.26 -0.88
N ASN A 980 -26.58 -34.27 -0.40
CA ASN A 980 -26.88 -34.06 1.02
C ASN A 980 -25.67 -34.33 1.92
N GLN A 981 -24.56 -33.65 1.61
CA GLN A 981 -23.33 -33.87 2.35
C GLN A 981 -22.58 -32.60 2.71
N LEU A 982 -23.05 -31.42 2.30
CA LEU A 982 -22.32 -30.20 2.56
C LEU A 982 -22.36 -29.87 4.05
N THR A 983 -21.24 -29.35 4.56
CA THR A 983 -21.11 -28.95 5.95
C THR A 983 -20.69 -27.48 6.00
N ASP A 984 -21.00 -26.83 7.12
CA ASP A 984 -20.77 -25.39 7.23
C ASP A 984 -19.29 -25.06 7.11
N GLU A 985 -18.43 -25.77 7.86
CA GLU A 985 -17.01 -25.47 7.83
C GLU A 985 -16.38 -25.85 6.49
N LEU A 986 -16.84 -26.93 5.88
CA LEU A 986 -16.33 -27.31 4.56
C LEU A 986 -16.69 -26.26 3.52
N LEU A 987 -17.93 -25.76 3.56
CA LEU A 987 -18.32 -24.69 2.66
C LEU A 987 -17.52 -23.43 2.91
N GLN A 988 -17.24 -23.12 4.18
CA GLN A 988 -16.43 -21.94 4.49
C GLN A 988 -15.02 -22.09 3.92
N THR A 989 -14.42 -23.26 4.05
CA THR A 989 -13.09 -23.48 3.49
C THR A 989 -13.11 -23.39 1.97
N ALA A 990 -14.14 -23.95 1.34
CA ALA A 990 -14.24 -23.86 -0.12
C ALA A 990 -14.40 -22.41 -0.56
N VAL A 991 -15.18 -21.62 0.17
CA VAL A 991 -15.35 -20.21 -0.17
C VAL A 991 -14.03 -19.48 0.00
N GLN A 992 -13.28 -19.80 1.05
CA GLN A 992 -11.97 -19.19 1.24
C GLN A 992 -11.04 -19.49 0.07
N PHE A 993 -11.01 -20.75 -0.37
CA PHE A 993 -10.15 -21.11 -1.50
C PHE A 993 -10.59 -20.40 -2.77
N LEU A 994 -11.90 -20.32 -3.01
CA LEU A 994 -12.41 -19.62 -4.18
C LEU A 994 -12.01 -18.15 -4.15
N ASN A 995 -12.12 -17.52 -2.99
CA ASN A 995 -11.84 -16.10 -2.89
C ASN A 995 -10.35 -15.83 -3.09
N GLU A 996 -9.49 -16.69 -2.53
CA GLU A 996 -8.06 -16.56 -2.75
C GLU A 996 -7.71 -16.74 -4.22
N GLY A 997 -8.34 -17.72 -4.88
CA GLY A 997 -8.11 -17.91 -6.30
C GLY A 997 -8.54 -16.71 -7.12
N TYR A 998 -9.67 -16.10 -6.74
CA TYR A 998 -10.13 -14.90 -7.44
C TYR A 998 -9.12 -13.77 -7.28
N TYR A 999 -8.61 -13.57 -6.07
CA TYR A 999 -7.58 -12.55 -5.86
C TYR A 999 -6.34 -12.82 -6.71
N ARG A 1000 -5.87 -14.07 -6.73
CA ARG A 1000 -4.67 -14.37 -7.49
C ARG A 1000 -4.89 -14.18 -8.99
N GLN A 1001 -6.04 -14.60 -9.51
CA GLN A 1001 -6.31 -14.53 -10.93
C GLN A 1001 -6.61 -13.12 -11.41
N LEU A 1002 -7.11 -12.25 -10.53
CA LEU A 1002 -7.40 -10.89 -10.95
C LEU A 1002 -6.15 -10.11 -11.36
N ARG A 1003 -4.96 -10.62 -11.01
CA ARG A 1003 -3.72 -9.92 -11.31
C ARG A 1003 -3.33 -9.98 -12.78
N TYR A 1004 -3.80 -10.98 -13.52
CA TYR A 1004 -3.39 -11.16 -14.91
C TYR A 1004 -4.27 -10.39 -15.88
N LYS A 1005 -5.27 -9.66 -15.40
CA LYS A 1005 -6.21 -9.01 -16.29
C LYS A 1005 -5.56 -7.81 -16.96
N LEU A 1006 -5.71 -7.73 -18.28
CA LEU A 1006 -5.24 -6.59 -19.04
C LEU A 1006 -6.28 -5.47 -19.00
N PRO A 1007 -5.85 -4.21 -19.16
CA PRO A 1007 -6.82 -3.12 -19.24
C PRO A 1007 -7.78 -3.25 -20.42
N SER A 1008 -7.41 -3.99 -21.46
CA SER A 1008 -8.29 -4.20 -22.60
C SER A 1008 -9.47 -5.10 -22.27
N GLY A 1009 -9.48 -5.73 -21.10
CA GLY A 1009 -10.55 -6.63 -20.71
C GLY A 1009 -10.24 -8.10 -20.95
N ALA A 1010 -9.20 -8.40 -21.71
CA ALA A 1010 -8.82 -9.79 -21.97
C ALA A 1010 -7.82 -10.27 -20.94
N TYR A 1011 -7.79 -11.58 -20.73
CA TYR A 1011 -6.92 -12.22 -19.75
C TYR A 1011 -5.76 -12.89 -20.48
N ASP A 1012 -4.55 -12.69 -19.97
CA ASP A 1012 -3.36 -13.29 -20.55
C ASP A 1012 -2.51 -13.90 -19.46
N ALA A 1013 -1.74 -14.92 -19.82
CA ALA A 1013 -0.79 -15.50 -18.89
C ALA A 1013 0.47 -14.66 -18.83
N PHE A 1014 1.28 -14.92 -17.79
CA PHE A 1014 2.58 -14.28 -17.63
C PHE A 1014 2.45 -12.76 -17.58
N TRP A 1015 1.86 -12.28 -16.47
CA TRP A 1015 1.69 -10.85 -16.29
C TRP A 1015 3.01 -10.10 -16.36
N SER A 1016 4.12 -10.77 -16.05
CA SER A 1016 5.43 -10.14 -16.15
C SER A 1016 5.85 -9.94 -17.60
N SER A 1017 5.32 -10.74 -18.53
CA SER A 1017 5.64 -10.63 -19.95
C SER A 1017 4.34 -10.56 -20.76
N PRO A 1018 3.68 -9.40 -20.74
CA PRO A 1018 2.39 -9.30 -21.42
C PRO A 1018 2.52 -9.37 -22.93
N SER A 1019 1.51 -9.96 -23.57
CA SER A 1019 1.46 -10.01 -25.03
C SER A 1019 -0.03 -10.00 -25.44
N ASP A 1020 -0.54 -8.79 -25.70
CA ASP A 1020 -1.82 -8.51 -26.35
C ASP A 1020 -2.94 -9.49 -26.02
N GLY A 1021 -3.03 -9.89 -24.76
CA GLY A 1021 -4.09 -10.77 -24.33
C GLY A 1021 -4.03 -12.17 -24.90
N SER A 1022 -4.82 -13.08 -24.34
CA SER A 1022 -4.94 -14.45 -24.84
C SER A 1022 -6.42 -14.81 -24.82
N SER A 1023 -7.00 -15.03 -26.00
CA SER A 1023 -8.45 -15.20 -26.09
C SER A 1023 -8.90 -16.47 -25.40
N TRP A 1024 -8.18 -17.58 -25.56
CA TRP A 1024 -8.58 -18.82 -24.93
C TRP A 1024 -8.53 -18.71 -23.41
N LEU A 1025 -7.48 -18.11 -22.87
CA LEU A 1025 -7.39 -17.95 -21.42
C LEU A 1025 -8.47 -17.00 -20.92
N SER A 1026 -8.79 -15.97 -21.70
CA SER A 1026 -9.89 -15.08 -21.32
C SER A 1026 -11.20 -15.83 -21.26
N ALA A 1027 -11.46 -16.70 -22.24
CA ALA A 1027 -12.68 -17.50 -22.22
C ALA A 1027 -12.70 -18.41 -20.99
N TYR A 1028 -11.57 -19.04 -20.68
CA TYR A 1028 -11.50 -19.94 -19.53
C TYR A 1028 -11.79 -19.18 -18.24
N THR A 1029 -11.15 -18.03 -18.04
CA THR A 1029 -11.36 -17.28 -16.82
C THR A 1029 -12.78 -16.75 -16.73
N PHE A 1030 -13.34 -16.28 -17.85
CA PHE A 1030 -14.71 -15.80 -17.83
C PHE A 1030 -15.68 -16.92 -17.46
N LYS A 1031 -15.49 -18.09 -18.05
CA LYS A 1031 -16.36 -19.23 -17.74
C LYS A 1031 -16.26 -19.61 -16.27
N THR A 1032 -15.04 -19.68 -15.74
CA THR A 1032 -14.88 -20.08 -14.34
C THR A 1032 -15.46 -19.03 -13.41
N PHE A 1033 -15.27 -17.75 -13.70
CA PHE A 1033 -15.83 -16.70 -12.85
C PHE A 1033 -17.36 -16.73 -12.88
N GLU A 1034 -17.94 -16.93 -14.06
CA GLU A 1034 -19.40 -17.02 -14.14
C GLU A 1034 -19.93 -18.21 -13.37
N LYS A 1035 -19.22 -19.35 -13.44
CA LYS A 1035 -19.66 -20.52 -12.68
C LYS A 1035 -19.49 -20.31 -11.18
N ALA A 1036 -18.46 -19.57 -10.76
CA ALA A 1036 -18.10 -19.47 -9.35
C ALA A 1036 -18.50 -18.14 -8.73
N LYS A 1037 -19.34 -17.36 -9.40
CA LYS A 1037 -19.84 -16.12 -8.80
C LYS A 1037 -21.05 -16.35 -7.91
N LYS A 1038 -21.52 -17.58 -7.78
CA LYS A 1038 -22.64 -17.85 -6.89
C LYS A 1038 -22.24 -17.70 -5.43
N TYR A 1039 -21.02 -18.08 -5.08
CA TYR A 1039 -20.56 -18.05 -3.69
C TYR A 1039 -19.82 -16.77 -3.34
N ILE A 1040 -18.73 -16.48 -4.04
CA ILE A 1040 -17.87 -15.37 -3.70
C ILE A 1040 -18.28 -14.14 -4.52
N TYR A 1041 -17.83 -12.98 -4.08
CA TYR A 1041 -18.09 -11.75 -4.80
C TYR A 1041 -17.34 -11.74 -6.12
N VAL A 1042 -18.02 -11.36 -7.19
CA VAL A 1042 -17.40 -11.22 -8.51
C VAL A 1042 -17.94 -9.94 -9.14
N ASP A 1043 -17.03 -9.09 -9.63
CA ASP A 1043 -17.43 -7.85 -10.26
C ASP A 1043 -18.18 -8.15 -11.56
N GLY A 1044 -19.32 -7.49 -11.74
CA GLY A 1044 -20.05 -7.63 -12.99
C GLY A 1044 -19.41 -6.86 -14.14
N LYS A 1045 -18.73 -5.75 -13.83
CA LYS A 1045 -18.06 -4.98 -14.87
C LYS A 1045 -16.94 -5.78 -15.52
N ILE A 1046 -16.22 -6.58 -14.74
CA ILE A 1046 -15.16 -7.39 -15.30
C ILE A 1046 -15.71 -8.42 -16.29
N GLN A 1047 -16.80 -9.10 -15.91
CA GLN A 1047 -17.41 -10.06 -16.81
C GLN A 1047 -17.94 -9.38 -18.06
N GLN A 1048 -18.55 -8.20 -17.90
CA GLN A 1048 -19.04 -7.48 -19.06
C GLN A 1048 -17.91 -7.09 -20.00
N GLN A 1049 -16.78 -6.64 -19.44
CA GLN A 1049 -15.66 -6.21 -20.26
C GLN A 1049 -15.03 -7.39 -20.98
N THR A 1050 -14.88 -8.53 -20.31
CA THR A 1050 -14.33 -9.71 -20.97
C THR A 1050 -15.27 -10.20 -22.08
N LEU A 1051 -16.58 -10.17 -21.82
CA LEU A 1051 -17.53 -10.56 -22.86
C LEU A 1051 -17.47 -9.59 -24.03
N LEU A 1052 -17.28 -8.30 -23.76
CA LEU A 1052 -17.13 -7.32 -24.83
C LEU A 1052 -15.87 -7.58 -25.64
N TYR A 1053 -14.78 -7.96 -24.97
CA TYR A 1053 -13.57 -8.32 -25.71
C TYR A 1053 -13.82 -9.52 -26.61
N LEU A 1054 -14.57 -10.51 -26.12
CA LEU A 1054 -14.93 -11.64 -26.96
C LEU A 1054 -15.80 -11.20 -28.13
N GLN A 1055 -16.69 -10.23 -27.89
CA GLN A 1055 -17.46 -9.63 -28.98
C GLN A 1055 -16.55 -9.08 -30.06
N THR A 1056 -15.58 -8.24 -29.66
CA THR A 1056 -14.71 -7.59 -30.64
C THR A 1056 -13.79 -8.59 -31.33
N SER A 1057 -13.45 -9.69 -30.65
CA SER A 1057 -12.55 -10.70 -31.23
C SER A 1057 -13.31 -11.52 -32.27
N GLN A 1058 -13.69 -10.84 -33.36
CA GLN A 1058 -14.40 -11.53 -34.43
C GLN A 1058 -13.43 -12.25 -35.35
N LYS A 1059 -12.59 -11.50 -36.06
CA LYS A 1059 -11.56 -12.03 -36.95
C LYS A 1059 -12.05 -13.23 -37.74
N LEU A 1060 -13.23 -13.09 -38.34
CA LEU A 1060 -13.91 -14.22 -38.94
C LEU A 1060 -13.21 -14.69 -40.20
N ASP A 1061 -12.34 -15.69 -40.07
CA ASP A 1061 -11.76 -16.36 -41.23
C ASP A 1061 -12.82 -17.28 -41.81
N ASN A 1062 -13.47 -16.84 -42.89
CA ASN A 1062 -14.64 -17.53 -43.46
C ASN A 1062 -15.69 -17.58 -42.36
N GLY A 1063 -16.27 -18.74 -42.04
CA GLY A 1063 -17.25 -18.85 -41.00
C GLY A 1063 -16.73 -19.16 -39.61
N CYS A 1064 -15.42 -19.11 -39.41
CA CYS A 1064 -14.79 -19.52 -38.17
C CYS A 1064 -14.25 -18.33 -37.41
N PHE A 1065 -14.30 -18.42 -36.08
CA PHE A 1065 -13.64 -17.42 -35.25
C PHE A 1065 -12.13 -17.62 -35.28
N LYS A 1066 -11.40 -16.61 -34.82
CA LYS A 1066 -9.94 -16.70 -34.74
C LYS A 1066 -9.50 -16.32 -33.34
N ALA A 1067 -8.56 -17.07 -32.80
CA ALA A 1067 -8.10 -16.89 -31.44
C ALA A 1067 -6.81 -16.06 -31.40
N GLU A 1068 -6.59 -15.42 -30.27
CA GLU A 1068 -5.37 -14.65 -30.02
C GLU A 1068 -4.42 -15.47 -29.16
N GLY A 1069 -3.14 -15.17 -29.28
CA GLY A 1069 -2.12 -15.93 -28.59
C GLY A 1069 -1.78 -17.21 -29.34
N ASN A 1070 -0.60 -17.75 -29.00
CA ASN A 1070 -0.11 -18.93 -29.70
C ASN A 1070 0.60 -19.90 -28.76
N LEU A 1071 0.16 -20.01 -27.51
CA LEU A 1071 0.84 -20.87 -26.55
C LEU A 1071 -0.08 -21.83 -25.80
N PHE A 1072 -1.32 -22.03 -26.26
CA PHE A 1072 -2.23 -22.93 -25.56
C PHE A 1072 -2.69 -24.10 -26.42
N MET A 1073 -3.24 -23.86 -27.61
CA MET A 1073 -3.61 -24.95 -28.50
C MET A 1073 -2.48 -25.19 -29.49
N ARG A 1074 -1.31 -25.52 -28.94
CA ARG A 1074 -0.12 -25.76 -29.73
C ARG A 1074 -0.08 -27.15 -30.34
N GLN A 1075 -1.01 -28.03 -29.97
CA GLN A 1075 -1.00 -29.40 -30.44
C GLN A 1075 -2.16 -29.75 -31.36
N CYS A 1076 -3.15 -28.87 -31.51
CA CYS A 1076 -4.26 -29.15 -32.40
C CYS A 1076 -3.92 -28.90 -33.87
N GLY A 1077 -2.81 -28.22 -34.15
CA GLY A 1077 -2.39 -27.99 -35.51
C GLY A 1077 -3.07 -26.82 -36.17
N GLN A 1078 -3.40 -26.96 -37.45
CA GLN A 1078 -4.08 -25.90 -38.19
C GLN A 1078 -5.54 -25.75 -37.78
N GLU A 1079 -6.07 -26.66 -36.97
CA GLU A 1079 -7.46 -26.62 -36.52
C GLU A 1079 -7.63 -25.78 -35.27
N ARG A 1080 -6.68 -24.87 -35.01
CA ARG A 1080 -6.72 -24.09 -33.77
C ARG A 1080 -7.96 -23.20 -33.74
N ASP A 1081 -8.33 -22.60 -34.87
CA ASP A 1081 -9.52 -21.76 -34.91
C ASP A 1081 -10.77 -22.57 -34.59
N LEU A 1082 -10.92 -23.75 -35.18
CA LEU A 1082 -12.09 -24.57 -34.90
C LEU A 1082 -12.13 -25.03 -33.45
N CYS A 1083 -10.97 -25.42 -32.91
CA CYS A 1083 -10.93 -25.82 -31.51
C CYS A 1083 -11.31 -24.67 -30.60
N PHE A 1084 -10.83 -23.46 -30.91
CA PHE A 1084 -11.18 -22.31 -30.08
C PHE A 1084 -12.66 -21.97 -30.19
N THR A 1085 -13.24 -22.10 -31.39
CA THR A 1085 -14.68 -21.86 -31.52
C THR A 1085 -15.47 -22.88 -30.70
N ALA A 1086 -15.07 -24.15 -30.75
CA ALA A 1086 -15.76 -25.15 -29.97
C ALA A 1086 -15.65 -24.87 -28.48
N TYR A 1087 -14.46 -24.49 -28.01
CA TYR A 1087 -14.31 -24.18 -26.59
C TYR A 1087 -15.10 -22.94 -26.19
N LEU A 1088 -15.16 -21.93 -27.07
CA LEU A 1088 -15.96 -20.75 -26.78
C LEU A 1088 -17.43 -21.11 -26.67
N ALA A 1089 -17.91 -21.99 -27.55
CA ALA A 1089 -19.28 -22.45 -27.44
C ALA A 1089 -19.50 -23.21 -26.13
N ILE A 1090 -18.54 -24.04 -25.72
CA ILE A 1090 -18.69 -24.78 -24.47
C ILE A 1090 -18.80 -23.81 -23.30
N ALA A 1091 -17.93 -22.80 -23.28
CA ALA A 1091 -17.97 -21.80 -22.21
C ALA A 1091 -19.30 -21.07 -22.20
N LEU A 1092 -19.79 -20.66 -23.37
CA LEU A 1092 -21.04 -19.91 -23.42
C LEU A 1092 -22.22 -20.77 -22.94
N LEU A 1093 -22.29 -22.04 -23.37
CA LEU A 1093 -23.37 -22.90 -22.90
C LEU A 1093 -23.31 -23.10 -21.39
N GLU A 1094 -22.14 -23.47 -20.85
CA GLU A 1094 -22.12 -23.82 -19.44
C GLU A 1094 -21.94 -22.60 -18.54
N SER A 1095 -21.91 -21.39 -19.11
CA SER A 1095 -22.04 -20.17 -18.32
C SER A 1095 -23.48 -19.69 -18.23
N ASN A 1096 -24.46 -20.57 -18.50
CA ASN A 1096 -25.89 -20.24 -18.41
C ASN A 1096 -26.29 -19.17 -19.42
N TYR A 1097 -25.94 -19.39 -20.67
CA TYR A 1097 -26.38 -18.54 -21.78
C TYR A 1097 -27.19 -19.38 -22.74
N SER A 1098 -28.34 -18.86 -23.16
CA SER A 1098 -29.17 -19.56 -24.14
C SER A 1098 -28.55 -19.44 -25.53
N SER A 1099 -29.16 -20.10 -26.51
CA SER A 1099 -28.67 -20.10 -27.87
C SER A 1099 -29.20 -18.94 -28.70
N GLY A 1100 -29.58 -17.84 -28.05
CA GLY A 1100 -30.06 -16.67 -28.77
C GLY A 1100 -29.01 -15.60 -28.94
N MET A 1101 -27.87 -15.76 -28.29
CA MET A 1101 -26.80 -14.78 -28.38
C MET A 1101 -26.15 -14.82 -29.76
N THR A 1102 -25.58 -13.68 -30.16
CA THR A 1102 -24.93 -13.60 -31.47
C THR A 1102 -23.71 -14.51 -31.55
N LEU A 1103 -22.84 -14.49 -30.53
CA LEU A 1103 -21.66 -15.34 -30.55
C LEU A 1103 -22.06 -16.81 -30.59
N LEU A 1104 -23.03 -17.19 -29.76
CA LEU A 1104 -23.43 -18.59 -29.71
C LEU A 1104 -24.08 -19.03 -31.01
N ASP A 1105 -24.94 -18.21 -31.59
CA ASP A 1105 -25.58 -18.59 -32.85
C ASP A 1105 -24.54 -18.71 -33.96
N ASP A 1106 -23.59 -17.78 -34.01
CA ASP A 1106 -22.53 -17.86 -35.02
C ASP A 1106 -21.68 -19.09 -34.82
N ALA A 1107 -21.36 -19.43 -33.56
CA ALA A 1107 -20.55 -20.61 -33.28
C ALA A 1107 -21.28 -21.88 -33.66
N LEU A 1108 -22.57 -21.97 -33.37
CA LEU A 1108 -23.34 -23.14 -33.78
C LEU A 1108 -23.41 -23.26 -35.29
N GLY A 1109 -23.60 -22.12 -35.98
CA GLY A 1109 -23.57 -22.16 -37.43
C GLY A 1109 -22.23 -22.63 -37.97
N CYS A 1110 -21.13 -22.21 -37.33
CA CYS A 1110 -19.81 -22.65 -37.74
C CYS A 1110 -19.63 -24.15 -37.51
N LEU A 1111 -20.03 -24.64 -36.34
CA LEU A 1111 -19.85 -26.05 -36.01
C LEU A 1111 -20.77 -26.97 -36.78
N GLU A 1112 -21.91 -26.47 -37.26
CA GLU A 1112 -22.83 -27.34 -38.00
C GLU A 1112 -22.19 -27.86 -39.28
N ALA A 1113 -21.44 -27.01 -39.98
CA ALA A 1113 -20.79 -27.40 -41.23
C ALA A 1113 -19.35 -27.83 -40.97
N ALA A 1114 -19.20 -28.89 -40.16
CA ALA A 1114 -17.88 -29.39 -39.82
C ALA A 1114 -17.77 -30.91 -39.81
N MET A 1115 -18.83 -31.65 -40.16
CA MET A 1115 -18.75 -33.10 -40.12
C MET A 1115 -17.87 -33.64 -41.24
N SER A 1116 -18.01 -33.11 -42.45
CA SER A 1116 -17.23 -33.61 -43.58
C SER A 1116 -15.73 -33.42 -43.34
N SER A 1117 -15.34 -32.24 -42.87
CA SER A 1117 -13.97 -31.98 -42.50
C SER A 1117 -13.79 -32.30 -41.02
N ALA A 1118 -12.70 -31.80 -40.43
CA ALA A 1118 -12.44 -31.91 -39.00
C ALA A 1118 -12.34 -33.37 -38.55
N SER A 1119 -11.33 -34.06 -39.08
CA SER A 1119 -11.06 -35.45 -38.71
C SER A 1119 -10.03 -35.49 -37.58
N THR A 1120 -10.44 -34.96 -36.43
CA THR A 1120 -9.60 -34.93 -35.25
C THR A 1120 -10.37 -35.48 -34.06
N LEU A 1121 -9.76 -36.43 -33.34
CA LEU A 1121 -10.41 -36.99 -32.16
C LEU A 1121 -10.41 -36.00 -31.00
N TYR A 1122 -9.55 -34.98 -31.04
CA TYR A 1122 -9.60 -33.92 -30.05
C TYR A 1122 -10.78 -32.99 -30.31
N PHE A 1123 -11.01 -32.63 -31.58
CA PHE A 1123 -12.10 -31.72 -31.92
C PHE A 1123 -13.45 -32.41 -31.84
N LYS A 1124 -13.49 -33.72 -32.12
CA LYS A 1124 -14.75 -34.44 -32.06
C LYS A 1124 -15.32 -34.45 -30.65
N SER A 1125 -14.47 -34.55 -29.64
CA SER A 1125 -14.95 -34.52 -28.26
C SER A 1125 -15.57 -33.18 -27.91
N TYR A 1126 -14.93 -32.08 -28.31
CA TYR A 1126 -15.51 -30.76 -28.09
C TYR A 1126 -16.85 -30.62 -28.78
N THR A 1127 -16.95 -31.09 -30.02
CA THR A 1127 -18.21 -30.96 -30.75
C THR A 1127 -19.30 -31.81 -30.11
N VAL A 1128 -18.96 -33.02 -29.65
CA VAL A 1128 -19.94 -33.86 -28.96
C VAL A 1128 -20.43 -33.17 -27.70
N TYR A 1129 -19.52 -32.58 -26.92
CA TYR A 1129 -19.95 -31.92 -25.69
C TYR A 1129 -20.85 -30.73 -25.98
N VAL A 1130 -20.51 -29.92 -27.00
CA VAL A 1130 -21.34 -28.74 -27.26
C VAL A 1130 -22.70 -29.15 -27.81
N PHE A 1131 -22.75 -30.21 -28.62
CA PHE A 1131 -24.03 -30.67 -29.15
C PHE A 1131 -24.82 -31.50 -28.15
N THR A 1132 -24.21 -31.88 -27.03
CA THR A 1132 -25.00 -32.40 -25.92
C THR A 1132 -25.52 -31.25 -25.06
N LEU A 1133 -24.73 -30.21 -24.88
CA LEU A 1133 -25.19 -29.04 -24.13
C LEU A 1133 -26.38 -28.39 -24.83
N VAL A 1134 -26.31 -28.23 -26.15
CA VAL A 1134 -27.47 -27.85 -26.94
C VAL A 1134 -28.22 -29.14 -27.23
N GLN A 1135 -29.26 -29.41 -26.44
CA GLN A 1135 -29.93 -30.72 -26.46
C GLN A 1135 -30.40 -31.08 -27.86
N ASN A 1136 -29.77 -32.10 -28.45
CA ASN A 1136 -30.08 -32.54 -29.80
C ASN A 1136 -30.24 -34.05 -29.82
N TRP A 1137 -31.04 -34.54 -30.76
CA TRP A 1137 -31.34 -35.95 -30.85
C TRP A 1137 -30.65 -36.64 -32.02
N GLU A 1138 -30.37 -35.93 -33.11
CA GLU A 1138 -29.80 -36.57 -34.30
C GLU A 1138 -28.31 -36.31 -34.47
N ILE A 1139 -27.88 -35.05 -34.43
CA ILE A 1139 -26.49 -34.73 -34.71
C ILE A 1139 -25.58 -35.23 -33.59
N ARG A 1140 -25.96 -34.98 -32.33
CA ARG A 1140 -25.18 -35.48 -31.21
C ARG A 1140 -25.15 -37.01 -31.20
N ASN A 1141 -26.29 -37.63 -31.49
CA ASN A 1141 -26.37 -39.09 -31.48
C ASN A 1141 -25.45 -39.68 -32.54
N THR A 1142 -25.50 -39.15 -33.77
CA THR A 1142 -24.66 -39.71 -34.82
C THR A 1142 -23.19 -39.42 -34.58
N LEU A 1143 -22.86 -38.27 -33.99
CA LEU A 1143 -21.46 -37.97 -33.73
C LEU A 1143 -20.89 -38.89 -32.65
N LEU A 1144 -21.65 -39.11 -31.57
CA LEU A 1144 -21.16 -40.05 -30.56
C LEU A 1144 -21.14 -41.47 -31.08
N ASN A 1145 -22.08 -41.82 -31.98
CA ASN A 1145 -22.04 -43.15 -32.58
C ASN A 1145 -20.80 -43.34 -33.43
N GLU A 1146 -20.38 -42.30 -34.15
CA GLU A 1146 -19.13 -42.36 -34.89
C GLU A 1146 -17.93 -42.48 -33.95
N LEU A 1147 -17.93 -41.70 -32.87
CA LEU A 1147 -16.79 -41.72 -31.94
C LEU A 1147 -16.66 -43.06 -31.22
N LYS A 1148 -17.80 -43.68 -30.89
CA LYS A 1148 -17.77 -44.95 -30.18
C LYS A 1148 -17.08 -46.05 -30.97
N SER A 1149 -17.01 -45.92 -32.30
CA SER A 1149 -16.32 -46.92 -33.10
C SER A 1149 -14.83 -46.95 -32.78
N LYS A 1150 -14.22 -45.79 -32.57
CA LYS A 1150 -12.78 -45.69 -32.34
C LYS A 1150 -12.46 -45.66 -30.85
N VAL A 1151 -12.80 -46.75 -30.17
CA VAL A 1151 -12.57 -46.88 -28.74
C VAL A 1151 -11.45 -47.90 -28.51
N VAL A 1152 -10.55 -47.58 -27.60
CA VAL A 1152 -9.44 -48.46 -27.24
C VAL A 1152 -9.86 -49.24 -26.01
N SER A 1153 -9.79 -50.57 -26.10
CA SER A 1153 -10.28 -51.45 -25.04
C SER A 1153 -9.11 -52.11 -24.33
N GLU A 1154 -9.12 -52.07 -23.02
CA GLU A 1154 -8.18 -52.76 -22.15
C GLU A 1154 -8.95 -53.76 -21.28
N ARG A 1155 -8.27 -54.30 -20.28
CA ARG A 1155 -8.92 -55.27 -19.40
C ARG A 1155 -9.93 -54.56 -18.49
N GLY A 1156 -11.19 -54.51 -18.92
CA GLY A 1156 -12.24 -53.91 -18.13
C GLY A 1156 -12.33 -52.41 -18.18
N THR A 1157 -11.48 -51.74 -18.96
CA THR A 1157 -11.48 -50.29 -19.05
C THR A 1157 -11.48 -49.85 -20.51
N LEU A 1158 -12.18 -48.75 -20.77
CA LEU A 1158 -12.29 -48.18 -22.11
C LEU A 1158 -11.85 -46.73 -22.08
N HIS A 1159 -11.10 -46.30 -23.10
CA HIS A 1159 -10.62 -44.93 -23.17
C HIS A 1159 -10.26 -44.62 -24.62
N TRP A 1160 -10.11 -43.33 -24.89
CA TRP A 1160 -9.80 -42.82 -26.23
C TRP A 1160 -8.37 -42.31 -26.28
N GLU A 1161 -7.55 -42.92 -27.13
CA GLU A 1161 -6.18 -42.48 -27.33
C GLU A 1161 -6.16 -41.22 -28.20
N ARG A 1162 -5.00 -40.57 -28.23
CA ARG A 1162 -4.85 -39.36 -29.02
C ARG A 1162 -4.97 -39.62 -30.52
N GLU A 1163 -4.70 -40.86 -30.95
CA GLU A 1163 -4.72 -41.24 -32.36
C GLU A 1163 -3.80 -40.32 -33.17
N ASP A 1164 -2.57 -40.16 -32.68
CA ASP A 1164 -1.57 -39.32 -33.34
C ASP A 1164 -0.83 -40.19 -34.34
N LYS A 1165 -1.33 -40.22 -35.57
CA LYS A 1165 -0.73 -41.06 -36.61
C LYS A 1165 0.65 -40.55 -37.00
N LEU A 1166 0.89 -39.25 -36.89
CA LEU A 1166 2.16 -38.66 -37.31
C LEU A 1166 3.28 -39.12 -36.40
N GLY A 1167 4.14 -40.00 -36.91
CA GLY A 1167 5.29 -40.46 -36.17
C GLY A 1167 4.96 -41.37 -35.00
N GLN A 1168 4.43 -42.56 -35.29
CA GLN A 1168 4.09 -43.53 -34.25
C GLN A 1168 5.31 -44.40 -33.99
N GLU A 1169 6.15 -43.97 -33.06
CA GLU A 1169 7.33 -44.73 -32.67
C GLU A 1169 7.45 -44.80 -31.15
N GLY A 1170 8.54 -45.36 -30.65
CA GLY A 1170 8.74 -45.48 -29.22
C GLY A 1170 10.02 -44.85 -28.74
N ILE A 1171 11.01 -44.75 -29.61
CA ILE A 1171 12.32 -44.20 -29.25
C ILE A 1171 12.27 -42.68 -29.20
N PRO A 1172 11.81 -41.98 -30.25
CA PRO A 1172 11.91 -40.50 -30.18
C PRO A 1172 10.85 -39.87 -29.28
N LEU A 1173 10.98 -40.14 -27.98
CA LEU A 1173 10.17 -39.48 -26.95
C LEU A 1173 8.68 -39.68 -27.18
N TYR A 1174 8.28 -40.90 -27.55
CA TYR A 1174 6.87 -41.24 -27.64
C TYR A 1174 6.51 -42.48 -26.83
N TYR A 1175 7.47 -43.06 -26.10
CA TYR A 1175 7.23 -44.21 -25.23
C TYR A 1175 6.36 -43.90 -24.00
N PRO A 1176 6.37 -42.67 -23.42
CA PRO A 1176 5.52 -42.42 -22.26
C PRO A 1176 4.05 -42.77 -22.49
N ASN A 1177 3.55 -43.73 -21.72
CA ASN A 1177 2.17 -44.18 -21.90
C ASN A 1177 1.17 -43.18 -21.34
N TYR A 1178 1.52 -42.48 -20.26
CA TYR A 1178 0.59 -41.55 -19.62
C TYR A 1178 0.63 -40.21 -20.35
N SER A 1179 0.06 -40.20 -21.54
CA SER A 1179 -0.10 -38.96 -22.29
C SER A 1179 -1.22 -38.14 -21.64
N PRO A 1180 -0.95 -36.90 -21.22
CA PRO A 1180 -2.02 -36.10 -20.58
C PRO A 1180 -3.18 -35.78 -21.50
N ALA A 1181 -2.98 -35.79 -22.82
CA ALA A 1181 -4.02 -35.34 -23.73
C ALA A 1181 -5.26 -36.22 -23.65
N GLU A 1182 -5.07 -37.55 -23.57
CA GLU A 1182 -6.21 -38.46 -23.61
C GLU A 1182 -7.13 -38.32 -22.41
N VAL A 1183 -6.64 -37.82 -21.29
CA VAL A 1183 -7.49 -37.67 -20.11
C VAL A 1183 -8.59 -36.66 -20.38
N GLU A 1184 -8.26 -35.54 -21.02
CA GLU A 1184 -9.27 -34.53 -21.32
C GLU A 1184 -10.32 -35.06 -22.27
N ILE A 1185 -9.90 -35.79 -23.31
CA ILE A 1185 -10.85 -36.34 -24.27
C ILE A 1185 -11.77 -37.35 -23.59
N THR A 1186 -11.20 -38.25 -22.77
CA THR A 1186 -12.03 -39.22 -22.07
C THR A 1186 -12.98 -38.54 -21.09
N ALA A 1187 -12.55 -37.44 -20.47
CA ALA A 1187 -13.41 -36.74 -19.52
C ALA A 1187 -14.60 -36.09 -20.23
N TYR A 1188 -14.34 -35.42 -21.36
CA TYR A 1188 -15.47 -34.92 -22.16
C TYR A 1188 -16.37 -36.04 -22.66
N MET A 1189 -15.79 -37.18 -23.03
CA MET A 1189 -16.64 -38.28 -23.49
C MET A 1189 -17.55 -38.77 -22.36
N LEU A 1190 -17.00 -38.93 -21.15
CA LEU A 1190 -17.80 -39.34 -20.01
C LEU A 1190 -18.87 -38.30 -19.69
N LEU A 1191 -18.51 -37.01 -19.72
CA LEU A 1191 -19.49 -35.97 -19.46
C LEU A 1191 -20.62 -36.01 -20.48
N SER A 1192 -20.28 -36.16 -21.76
CA SER A 1192 -21.30 -36.14 -22.80
C SER A 1192 -22.21 -37.35 -22.69
N ILE A 1193 -21.66 -38.53 -22.44
CA ILE A 1193 -22.52 -39.69 -22.30
C ILE A 1193 -23.38 -39.60 -21.05
N ALA A 1194 -22.83 -39.04 -19.96
CA ALA A 1194 -23.61 -38.87 -18.73
C ALA A 1194 -24.75 -37.89 -18.93
N LYS A 1195 -24.52 -36.80 -19.65
CA LYS A 1195 -25.56 -35.80 -19.90
C LYS A 1195 -26.49 -36.26 -21.03
N GLY A 1196 -27.05 -37.46 -20.83
CA GLY A 1196 -27.94 -38.04 -21.79
C GLY A 1196 -29.41 -37.86 -21.42
N SER A 1197 -30.28 -38.30 -22.33
CA SER A 1197 -31.71 -38.20 -22.06
C SER A 1197 -32.12 -39.08 -20.89
N ASP A 1198 -31.70 -40.35 -20.92
CA ASP A 1198 -31.99 -41.29 -19.84
C ASP A 1198 -30.96 -42.41 -19.86
N PRO A 1199 -29.95 -42.36 -18.98
CA PRO A 1199 -28.94 -43.43 -18.94
C PRO A 1199 -29.57 -44.78 -18.65
N THR A 1200 -29.46 -45.69 -19.62
CA THR A 1200 -30.06 -47.01 -19.52
C THR A 1200 -29.11 -48.00 -18.86
N HIS A 1201 -29.66 -49.16 -18.49
CA HIS A 1201 -28.86 -50.19 -17.84
C HIS A 1201 -27.71 -50.64 -18.72
N ASP A 1202 -27.91 -50.65 -20.04
CA ASP A 1202 -26.82 -50.92 -20.97
C ASP A 1202 -25.79 -49.80 -21.01
N ASP A 1203 -26.09 -48.65 -20.42
CA ASP A 1203 -25.16 -47.53 -20.42
C ASP A 1203 -24.50 -47.28 -19.07
N LEU A 1204 -25.07 -47.78 -17.98
CA LEU A 1204 -24.37 -47.70 -16.70
C LEU A 1204 -23.08 -48.50 -16.72
N THR A 1205 -23.07 -49.66 -17.40
CA THR A 1205 -21.83 -50.40 -17.55
C THR A 1205 -20.81 -49.63 -18.37
N TYR A 1206 -21.26 -48.88 -19.38
CA TYR A 1206 -20.34 -48.01 -20.12
C TYR A 1206 -19.79 -46.91 -19.23
N MET A 1207 -20.64 -46.34 -18.38
CA MET A 1207 -20.19 -45.37 -17.40
C MET A 1207 -19.07 -45.94 -16.54
N ALA A 1208 -19.28 -47.15 -16.02
CA ALA A 1208 -18.28 -47.78 -15.17
C ALA A 1208 -16.98 -48.04 -15.94
N GLN A 1209 -17.10 -48.55 -17.17
CA GLN A 1209 -15.91 -48.91 -17.94
C GLN A 1209 -15.14 -47.69 -18.42
N ILE A 1210 -15.79 -46.53 -18.55
CA ILE A 1210 -15.07 -45.31 -18.87
C ILE A 1210 -14.58 -44.58 -17.62
N SER A 1211 -15.19 -44.82 -16.46
CA SER A 1211 -14.80 -44.13 -15.25
C SER A 1211 -13.66 -44.83 -14.51
N VAL A 1212 -13.59 -46.16 -14.59
CA VAL A 1212 -12.52 -46.86 -13.89
C VAL A 1212 -11.17 -46.47 -14.47
N TRP A 1213 -11.05 -46.42 -15.79
CA TRP A 1213 -9.79 -46.01 -16.41
C TRP A 1213 -9.44 -44.58 -16.04
N LEU A 1214 -10.43 -43.69 -16.06
CA LEU A 1214 -10.16 -42.29 -15.75
C LEU A 1214 -9.69 -42.13 -14.31
N ILE A 1215 -10.32 -42.84 -13.37
CA ILE A 1215 -9.91 -42.74 -11.98
C ILE A 1215 -8.60 -43.46 -11.74
N GLN A 1216 -8.18 -44.34 -12.66
CA GLN A 1216 -6.87 -44.99 -12.51
C GLN A 1216 -5.73 -43.99 -12.60
N GLN A 1217 -5.86 -42.97 -13.46
CA GLN A 1217 -4.80 -41.97 -13.59
C GLN A 1217 -5.00 -40.80 -12.63
N GLN A 1218 -5.04 -41.14 -11.34
CA GLN A 1218 -5.15 -40.14 -10.28
C GLN A 1218 -3.97 -40.29 -9.34
N ASN A 1219 -3.18 -39.22 -9.19
CA ASN A 1219 -2.04 -39.27 -8.29
C ASN A 1219 -2.50 -39.19 -6.84
N SER A 1220 -1.53 -39.27 -5.93
CA SER A 1220 -1.83 -39.29 -4.50
C SER A 1220 -2.43 -37.99 -4.00
N TYR A 1221 -2.38 -36.91 -4.78
CA TYR A 1221 -2.93 -35.64 -4.35
C TYR A 1221 -4.28 -35.33 -4.99
N GLY A 1222 -4.65 -36.03 -6.04
CA GLY A 1222 -5.93 -35.78 -6.69
C GLY A 1222 -5.80 -35.33 -8.13
N GLY A 1223 -4.82 -34.48 -8.41
CA GLY A 1223 -4.57 -34.06 -9.78
C GLY A 1223 -4.22 -35.25 -10.65
N PHE A 1224 -4.77 -35.27 -11.86
CA PHE A 1224 -4.62 -36.45 -12.71
C PHE A 1224 -3.30 -36.43 -13.48
N ARG A 1225 -3.18 -35.52 -14.42
CA ARG A 1225 -1.94 -35.38 -15.19
C ARG A 1225 -1.47 -33.95 -15.29
N SER A 1226 -2.38 -33.00 -15.44
CA SER A 1226 -2.05 -31.59 -15.60
C SER A 1226 -3.28 -30.78 -15.27
N THR A 1227 -3.11 -29.45 -15.22
CA THR A 1227 -4.20 -28.57 -14.77
C THR A 1227 -5.41 -28.65 -15.70
N GLN A 1228 -5.19 -28.45 -17.00
CA GLN A 1228 -6.30 -28.47 -17.95
C GLN A 1228 -6.94 -29.85 -18.04
N ASP A 1229 -6.22 -30.88 -17.60
CA ASP A 1229 -6.75 -32.24 -17.55
C ASP A 1229 -7.42 -32.57 -16.22
N THR A 1230 -6.81 -32.17 -15.11
CA THR A 1230 -7.42 -32.47 -13.82
C THR A 1230 -8.71 -31.69 -13.61
N VAL A 1231 -8.82 -30.48 -14.18
CA VAL A 1231 -10.06 -29.73 -14.04
C VAL A 1231 -11.22 -30.50 -14.68
N VAL A 1232 -11.03 -30.93 -15.93
CA VAL A 1232 -12.09 -31.64 -16.63
C VAL A 1232 -12.33 -33.01 -16.01
N ALA A 1233 -11.27 -33.69 -15.56
CA ALA A 1233 -11.44 -34.99 -14.92
C ALA A 1233 -12.26 -34.87 -13.65
N LEU A 1234 -11.98 -33.83 -12.84
CA LEU A 1234 -12.74 -33.65 -11.60
C LEU A 1234 -14.19 -33.29 -11.90
N GLN A 1235 -14.43 -32.45 -12.91
CA GLN A 1235 -15.81 -32.12 -13.26
C GLN A 1235 -16.57 -33.36 -13.71
N ALA A 1236 -15.96 -34.17 -14.58
CA ALA A 1236 -16.62 -35.38 -15.05
C ALA A 1236 -16.85 -36.38 -13.92
N LEU A 1237 -15.87 -36.52 -13.02
CA LEU A 1237 -16.03 -37.44 -11.89
C LEU A 1237 -17.13 -36.97 -10.96
N ALA A 1238 -17.23 -35.66 -10.71
CA ALA A 1238 -18.33 -35.15 -9.90
C ALA A 1238 -19.67 -35.46 -10.55
N PHE A 1239 -19.80 -35.20 -11.86
CA PHE A 1239 -21.06 -35.46 -12.52
C PHE A 1239 -21.41 -36.94 -12.53
N TYR A 1240 -20.41 -37.81 -12.68
CA TYR A 1240 -20.68 -39.24 -12.70
C TYR A 1240 -21.05 -39.77 -11.32
N ALA A 1241 -20.32 -39.34 -10.28
CA ALA A 1241 -20.66 -39.75 -8.93
C ALA A 1241 -21.97 -39.14 -8.44
N GLN A 1242 -22.44 -38.08 -9.11
CA GLN A 1242 -23.78 -37.58 -8.83
C GLN A 1242 -24.83 -38.65 -9.06
N LEU A 1243 -24.65 -39.50 -10.08
CA LEU A 1243 -25.63 -40.50 -10.46
C LEU A 1243 -25.49 -41.80 -9.69
N LEU A 1244 -24.45 -41.96 -8.88
CA LEU A 1244 -24.25 -43.18 -8.08
C LEU A 1244 -23.91 -42.77 -6.66
N PHE A 1245 -24.80 -43.10 -5.73
CA PHE A 1245 -24.62 -42.74 -4.33
C PHE A 1245 -25.37 -43.74 -3.48
N LYS A 1246 -24.75 -44.14 -2.37
CA LYS A 1246 -25.34 -45.10 -1.45
C LYS A 1246 -25.64 -44.41 -0.12
N SER A 1247 -26.81 -44.69 0.44
CA SER A 1247 -27.21 -44.06 1.69
C SER A 1247 -26.31 -44.48 2.83
N ASN A 1248 -26.07 -45.79 2.97
CA ASN A 1248 -25.25 -46.32 4.07
C ASN A 1248 -23.83 -46.65 3.63
N ALA A 1249 -23.69 -47.52 2.62
CA ALA A 1249 -22.39 -47.89 2.05
C ALA A 1249 -21.45 -48.45 3.12
N HIS A 1250 -21.85 -49.61 3.65
CA HIS A 1250 -21.02 -50.30 4.64
C HIS A 1250 -19.73 -50.78 4.00
N HIS A 1251 -18.59 -50.39 4.58
CA HIS A 1251 -17.29 -50.86 4.13
C HIS A 1251 -16.38 -51.03 5.33
N ASN A 1252 -15.75 -52.21 5.42
CA ASN A 1252 -14.62 -52.41 6.32
C ASN A 1252 -13.46 -52.98 5.53
N VAL A 1253 -12.28 -52.39 5.74
CA VAL A 1253 -11.09 -52.75 4.99
C VAL A 1253 -9.98 -53.10 5.98
N PHE A 1254 -9.27 -54.19 5.68
CA PHE A 1254 -8.14 -54.59 6.49
C PHE A 1254 -7.04 -55.16 5.60
N LEU A 1255 -5.79 -54.87 5.96
CA LEU A 1255 -4.62 -55.27 5.19
C LEU A 1255 -3.83 -56.30 6.00
N ARG A 1256 -3.44 -57.39 5.35
CA ARG A 1256 -2.73 -58.47 6.00
C ARG A 1256 -1.41 -58.71 5.27
N SER A 1257 -0.52 -59.43 5.96
CA SER A 1257 0.72 -59.90 5.36
C SER A 1257 0.90 -61.36 5.76
N GLU A 1258 2.05 -61.93 5.39
CA GLU A 1258 2.33 -63.31 5.78
C GLU A 1258 2.67 -63.42 7.26
N TYR A 1259 2.82 -62.30 7.97
CA TYR A 1259 3.15 -62.30 9.38
C TYR A 1259 2.02 -61.85 10.28
N GLY A 1260 1.19 -60.91 9.85
CA GLY A 1260 0.12 -60.44 10.71
C GLY A 1260 -0.75 -59.42 10.00
N ASP A 1261 -1.72 -58.90 10.77
CA ASP A 1261 -2.69 -57.92 10.28
C ASP A 1261 -2.20 -56.52 10.65
N VAL A 1262 -2.09 -55.65 9.65
CA VAL A 1262 -1.57 -54.31 9.89
C VAL A 1262 -2.63 -53.43 10.54
N GLY A 1263 -3.75 -53.23 9.87
CA GLY A 1263 -4.80 -52.39 10.40
C GLY A 1263 -6.19 -52.80 9.96
N GLN A 1264 -7.19 -52.52 10.80
CA GLN A 1264 -8.58 -52.87 10.54
C GLN A 1264 -9.39 -51.56 10.52
N LEU A 1265 -9.48 -50.95 9.34
CA LEU A 1265 -10.18 -49.69 9.18
C LEU A 1265 -11.65 -49.93 8.88
N ASN A 1266 -12.48 -48.96 9.25
CA ASN A 1266 -13.92 -49.03 9.06
C ASN A 1266 -14.40 -47.76 8.36
N LEU A 1267 -15.29 -47.93 7.38
CA LEU A 1267 -15.83 -46.84 6.60
C LEU A 1267 -17.35 -46.84 6.69
N SER A 1268 -17.92 -45.66 6.96
CA SER A 1268 -19.37 -45.53 7.10
C SER A 1268 -19.76 -44.13 6.66
N GLU A 1269 -20.98 -43.72 7.02
CA GLU A 1269 -21.43 -42.37 6.68
C GLU A 1269 -20.58 -41.31 7.37
N HIS A 1270 -20.26 -41.51 8.65
CA HIS A 1270 -19.39 -40.58 9.36
C HIS A 1270 -17.99 -40.58 8.76
N ASN A 1271 -17.47 -41.76 8.42
CA ASN A 1271 -16.15 -41.88 7.80
C ASN A 1271 -16.33 -41.99 6.28
N ARG A 1272 -16.75 -40.86 5.69
CA ARG A 1272 -16.98 -40.80 4.26
C ARG A 1272 -16.22 -39.70 3.54
N LEU A 1273 -15.73 -38.68 4.25
CA LEU A 1273 -15.00 -37.60 3.62
C LEU A 1273 -13.57 -37.44 4.13
N VAL A 1274 -13.17 -38.20 5.13
CA VAL A 1274 -11.81 -38.13 5.65
C VAL A 1274 -11.00 -39.28 5.05
N VAL A 1275 -9.73 -39.01 4.78
CA VAL A 1275 -8.87 -39.94 4.07
C VAL A 1275 -8.13 -40.82 5.08
N GLN A 1276 -8.17 -42.13 4.85
CA GLN A 1276 -7.45 -43.07 5.70
C GLN A 1276 -6.07 -43.32 5.09
N ARG A 1277 -5.04 -43.01 5.86
CA ARG A 1277 -3.65 -43.09 5.41
C ARG A 1277 -2.92 -44.16 6.20
N LEU A 1278 -2.15 -45.00 5.53
CA LEU A 1278 -1.37 -46.02 6.21
C LEU A 1278 -0.01 -46.14 5.53
N GLN A 1279 1.00 -46.46 6.33
CA GLN A 1279 2.37 -46.65 5.84
C GLN A 1279 2.81 -48.07 6.15
N LEU A 1280 3.30 -48.78 5.14
CA LEU A 1280 3.79 -50.13 5.35
C LEU A 1280 5.15 -50.09 6.03
N PRO A 1281 5.31 -50.77 7.18
CA PRO A 1281 6.62 -50.74 7.87
C PRO A 1281 7.75 -51.30 7.03
N GLU A 1282 7.48 -52.29 6.19
CA GLU A 1282 8.49 -52.88 5.32
C GLU A 1282 8.18 -52.51 3.87
N VAL A 1283 9.19 -51.99 3.17
CA VAL A 1283 8.98 -51.56 1.79
C VAL A 1283 9.06 -52.70 0.79
N SER A 1284 9.46 -53.88 1.22
CA SER A 1284 9.57 -55.05 0.35
C SER A 1284 8.89 -56.26 0.97
N GLY A 1285 7.68 -56.06 1.50
CA GLY A 1285 6.94 -57.12 2.15
C GLY A 1285 6.05 -57.88 1.18
N ASN A 1286 5.12 -58.65 1.76
CA ASN A 1286 4.16 -59.46 1.00
C ASN A 1286 2.79 -59.15 1.59
N TYR A 1287 2.10 -58.18 0.98
CA TYR A 1287 0.88 -57.63 1.55
C TYR A 1287 -0.32 -57.92 0.64
N SER A 1288 -1.49 -57.96 1.26
CA SER A 1288 -2.75 -58.18 0.55
C SER A 1288 -3.87 -57.49 1.30
N ILE A 1289 -4.68 -56.73 0.59
CA ILE A 1289 -5.75 -55.94 1.18
C ILE A 1289 -7.06 -56.71 1.06
N SER A 1290 -8.06 -56.29 1.84
CA SER A 1290 -9.37 -56.89 1.79
C SER A 1290 -10.41 -55.82 2.10
N ILE A 1291 -11.45 -55.76 1.28
CA ILE A 1291 -12.57 -54.84 1.47
C ILE A 1291 -13.86 -55.66 1.48
N ASN A 1292 -14.71 -55.39 2.47
CA ASN A 1292 -15.96 -56.13 2.63
C ASN A 1292 -17.08 -55.14 2.87
N GLY A 1293 -18.26 -55.44 2.30
CA GLY A 1293 -19.43 -54.60 2.45
C GLY A 1293 -20.04 -54.30 1.10
N THR A 1294 -20.83 -53.22 1.05
CA THR A 1294 -21.53 -52.82 -0.16
C THR A 1294 -21.28 -51.35 -0.45
N GLY A 1295 -21.07 -51.02 -1.72
CA GLY A 1295 -20.86 -49.67 -2.17
C GLY A 1295 -19.64 -49.58 -3.06
N CYS A 1296 -19.18 -48.35 -3.27
CA CYS A 1296 -18.00 -48.08 -4.09
C CYS A 1296 -16.96 -47.34 -3.26
N CYS A 1297 -15.71 -47.82 -3.33
CA CYS A 1297 -14.62 -47.23 -2.58
C CYS A 1297 -13.38 -47.18 -3.46
N LEU A 1298 -12.46 -46.28 -3.10
CA LEU A 1298 -11.20 -46.11 -3.82
C LEU A 1298 -10.05 -46.60 -2.95
N VAL A 1299 -9.19 -47.43 -3.53
CA VAL A 1299 -8.00 -47.93 -2.86
C VAL A 1299 -6.80 -47.52 -3.71
N GLN A 1300 -5.83 -46.86 -3.10
CA GLN A 1300 -4.66 -46.37 -3.82
C GLN A 1300 -3.40 -46.83 -3.10
N SER A 1301 -2.44 -47.36 -3.87
CA SER A 1301 -1.17 -47.82 -3.32
C SER A 1301 -0.04 -47.11 -4.07
N THR A 1302 0.81 -46.41 -3.33
CA THR A 1302 1.88 -45.62 -3.92
C THR A 1302 3.22 -46.02 -3.31
N ILE A 1303 4.28 -45.84 -4.10
CA ILE A 1303 5.65 -46.08 -3.66
C ILE A 1303 6.44 -44.81 -3.92
N ARG A 1304 7.16 -44.33 -2.91
CA ARG A 1304 7.93 -43.11 -3.01
C ARG A 1304 9.40 -43.43 -2.76
N TYR A 1305 10.26 -43.04 -3.71
CA TYR A 1305 11.68 -43.35 -3.62
C TYR A 1305 12.45 -42.27 -4.38
N ASN A 1306 13.74 -42.54 -4.63
CA ASN A 1306 14.61 -41.60 -5.33
C ASN A 1306 15.47 -42.36 -6.34
N ILE A 1307 15.88 -41.65 -7.39
CA ILE A 1307 16.75 -42.21 -8.42
C ILE A 1307 17.85 -41.22 -8.71
N PRO A 1308 19.09 -41.65 -8.95
CA PRO A 1308 20.21 -40.69 -9.14
C PRO A 1308 20.36 -40.19 -10.57
N VAL A 1309 19.43 -39.32 -10.98
CA VAL A 1309 19.50 -38.58 -12.24
C VAL A 1309 19.72 -39.53 -13.40
N PRO A 1310 18.71 -40.26 -13.85
CA PRO A 1310 18.89 -41.24 -14.93
C PRO A 1310 19.03 -40.62 -16.31
N LYS A 1311 20.20 -40.04 -16.57
CA LYS A 1311 20.51 -39.43 -17.87
C LYS A 1311 21.33 -40.41 -18.71
N GLU A 1312 20.63 -41.39 -19.28
CA GLU A 1312 21.28 -42.42 -20.07
C GLU A 1312 20.67 -42.60 -21.47
N ASN A 1313 19.57 -41.93 -21.78
CA ASN A 1313 18.86 -42.15 -23.03
C ASN A 1313 18.57 -40.82 -23.71
N SER A 1314 17.99 -40.93 -24.92
CA SER A 1314 17.57 -39.75 -25.66
C SER A 1314 16.27 -39.21 -25.09
N ALA A 1315 16.25 -37.91 -24.81
CA ALA A 1315 15.08 -37.28 -24.20
C ALA A 1315 15.14 -35.78 -24.49
N PHE A 1316 14.35 -35.00 -23.77
CA PHE A 1316 14.43 -33.55 -23.81
C PHE A 1316 15.82 -33.14 -23.32
N TYR A 1317 16.71 -32.76 -24.25
CA TYR A 1317 18.13 -32.68 -23.92
C TYR A 1317 18.41 -31.45 -23.07
N VAL A 1318 18.87 -31.67 -21.84
CA VAL A 1318 19.25 -30.60 -20.92
C VAL A 1318 20.66 -30.89 -20.41
N ALA A 1319 21.51 -29.86 -20.44
CA ALA A 1319 22.88 -29.98 -19.96
C ALA A 1319 23.21 -28.74 -19.16
N ALA A 1320 23.56 -28.92 -17.89
CA ALA A 1320 23.84 -27.80 -17.01
C ALA A 1320 25.25 -27.90 -16.46
N ASP A 1321 25.96 -26.78 -16.48
CA ASP A 1321 27.29 -26.70 -15.89
C ASP A 1321 27.46 -25.32 -15.30
N SER A 1322 28.62 -25.08 -14.69
CA SER A 1322 28.78 -23.88 -13.89
C SER A 1322 30.23 -23.40 -13.94
N VAL A 1323 30.40 -22.12 -13.55
CA VAL A 1323 31.71 -21.51 -13.43
C VAL A 1323 31.73 -20.66 -12.17
N SER A 1324 32.86 -20.67 -11.47
CA SER A 1324 33.04 -19.80 -10.32
C SER A 1324 33.73 -18.51 -10.73
N LYS A 1325 33.59 -17.49 -9.88
CA LYS A 1325 34.22 -16.20 -10.14
C LYS A 1325 35.07 -15.77 -8.95
N ASN A 1326 34.62 -16.10 -7.74
CA ASN A 1326 35.28 -15.70 -6.52
C ASN A 1326 35.75 -16.93 -5.73
N CYS A 1327 36.29 -17.92 -6.42
CA CYS A 1327 36.73 -19.14 -5.76
C CYS A 1327 37.91 -18.84 -4.84
N LEU A 1328 37.70 -19.04 -3.54
CA LEU A 1328 38.72 -18.80 -2.53
C LEU A 1328 38.77 -19.98 -1.59
N ASN A 1329 40.00 -20.43 -1.28
CA ASN A 1329 40.30 -21.49 -0.32
C ASN A 1329 39.27 -22.61 -0.28
N GLY A 1330 38.89 -23.11 -1.46
CA GLY A 1330 37.88 -24.15 -1.52
C GLY A 1330 36.54 -23.67 -2.02
N VAL A 1331 35.59 -23.49 -1.08
CA VAL A 1331 34.24 -23.09 -1.44
C VAL A 1331 34.24 -21.72 -2.10
N ALA A 1332 33.47 -21.59 -3.18
CA ALA A 1332 33.39 -20.35 -3.93
C ALA A 1332 32.18 -19.54 -3.47
N TYR A 1333 32.40 -18.24 -3.25
CA TYR A 1333 31.34 -17.40 -2.71
C TYR A 1333 30.22 -17.18 -3.72
N THR A 1334 30.58 -16.96 -4.99
CA THR A 1334 29.61 -16.71 -6.04
C THR A 1334 29.74 -17.76 -7.13
N ILE A 1335 28.61 -18.26 -7.60
CA ILE A 1335 28.56 -19.31 -8.60
C ILE A 1335 27.76 -18.79 -9.79
N THR A 1336 28.02 -19.33 -10.97
CA THR A 1336 27.28 -18.98 -12.16
C THR A 1336 26.85 -20.25 -12.86
N ILE A 1337 25.53 -20.45 -12.96
CA ILE A 1337 24.95 -21.63 -13.60
C ILE A 1337 24.54 -21.27 -15.01
N THR A 1338 25.00 -22.06 -15.98
CA THR A 1338 24.52 -21.96 -17.35
C THR A 1338 23.99 -23.32 -17.78
N VAL A 1339 22.80 -23.29 -18.37
CA VAL A 1339 22.07 -24.49 -18.79
C VAL A 1339 21.75 -24.37 -20.27
N SER A 1340 21.63 -25.53 -20.92
CA SER A 1340 21.33 -25.62 -22.33
C SER A 1340 20.18 -26.59 -22.50
N VAL A 1341 19.14 -26.15 -23.21
CA VAL A 1341 17.94 -26.95 -23.45
C VAL A 1341 17.71 -27.07 -24.95
N SER A 1342 17.39 -28.29 -25.39
CA SER A 1342 17.09 -28.55 -26.79
C SER A 1342 16.09 -29.68 -26.86
N TYR A 1343 15.37 -29.73 -27.97
CA TYR A 1343 14.26 -30.67 -28.14
C TYR A 1343 14.60 -31.64 -29.26
N ARG A 1344 14.46 -32.94 -28.98
CA ARG A 1344 14.83 -33.98 -29.93
C ARG A 1344 13.69 -34.94 -30.23
N GLY A 1345 12.45 -34.58 -29.88
CA GLY A 1345 11.31 -35.43 -30.15
C GLY A 1345 10.79 -35.29 -31.56
N LEU A 1346 9.71 -36.01 -31.83
CA LEU A 1346 9.11 -36.09 -33.16
C LEU A 1346 7.88 -35.21 -33.32
N ARG A 1347 7.57 -34.36 -32.34
CA ARG A 1347 6.35 -33.58 -32.39
C ARG A 1347 6.51 -32.34 -33.29
N ASN A 1348 5.37 -31.80 -33.70
CA ASN A 1348 5.30 -30.61 -34.55
C ASN A 1348 6.02 -29.45 -33.90
N GLU A 1349 5.47 -28.96 -32.78
CA GLU A 1349 6.07 -27.92 -31.96
C GLU A 1349 5.87 -28.29 -30.50
N THR A 1350 6.63 -27.64 -29.63
CA THR A 1350 6.50 -27.86 -28.19
C THR A 1350 5.60 -26.81 -27.56
N ASN A 1351 5.07 -27.15 -26.38
CA ASN A 1351 4.22 -26.27 -25.61
C ASN A 1351 5.04 -25.66 -24.45
N MET A 1352 4.36 -24.95 -23.56
CA MET A 1352 5.02 -24.29 -22.45
C MET A 1352 5.84 -25.29 -21.64
N VAL A 1353 7.08 -24.95 -21.34
CA VAL A 1353 7.99 -25.88 -20.67
C VAL A 1353 8.54 -25.20 -19.43
N ILE A 1354 8.88 -26.00 -18.42
CA ILE A 1354 9.46 -25.50 -17.18
C ILE A 1354 10.78 -26.19 -16.93
N ILE A 1355 11.78 -25.41 -16.52
CA ILE A 1355 13.03 -25.95 -16.00
C ILE A 1355 13.13 -25.53 -14.53
N ASP A 1356 13.25 -26.51 -13.64
CA ASP A 1356 13.45 -26.24 -12.23
C ASP A 1356 14.83 -26.73 -11.83
N ILE A 1357 15.57 -25.86 -11.15
CA ILE A 1357 16.94 -26.10 -10.72
C ILE A 1357 16.95 -26.15 -9.20
N GLN A 1358 17.60 -27.18 -8.65
CA GLN A 1358 17.78 -27.28 -7.21
C GLN A 1358 19.10 -26.62 -6.83
N MET A 1359 19.05 -25.73 -5.85
CA MET A 1359 20.28 -25.07 -5.40
C MET A 1359 21.23 -26.03 -4.72
N LEU A 1360 22.51 -25.70 -4.84
CA LEU A 1360 23.62 -26.56 -4.43
C LEU A 1360 23.75 -26.47 -2.92
N SER A 1361 23.02 -27.34 -2.22
CA SER A 1361 23.07 -27.45 -0.76
C SER A 1361 22.66 -26.11 -0.16
N GLY A 1362 23.52 -25.43 0.60
CA GLY A 1362 23.13 -24.21 1.27
C GLY A 1362 23.44 -22.93 0.52
N TYR A 1363 22.81 -22.74 -0.63
CA TYR A 1363 22.97 -21.52 -1.43
C TYR A 1363 21.65 -20.76 -1.48
N GLN A 1364 21.64 -19.67 -2.24
CA GLN A 1364 20.43 -18.88 -2.40
C GLN A 1364 20.44 -18.26 -3.79
N ALA A 1365 19.25 -17.98 -4.30
CA ALA A 1365 19.13 -17.41 -5.64
C ALA A 1365 19.56 -15.95 -5.65
N ASP A 1366 20.17 -15.54 -6.75
CA ASP A 1366 20.54 -14.14 -6.96
C ASP A 1366 19.34 -13.42 -7.56
N TYR A 1367 18.60 -12.72 -6.70
CA TYR A 1367 17.39 -12.05 -7.14
C TYR A 1367 17.63 -11.03 -8.26
N PRO A 1368 18.68 -10.19 -8.22
CA PRO A 1368 18.94 -9.34 -9.40
C PRO A 1368 19.16 -10.13 -10.67
N SER A 1369 19.85 -11.27 -10.62
CA SER A 1369 20.05 -12.06 -11.83
C SER A 1369 18.74 -12.65 -12.33
N LEU A 1370 17.91 -13.17 -11.42
CA LEU A 1370 16.61 -13.69 -11.84
C LEU A 1370 15.75 -12.60 -12.45
N ARG A 1371 15.76 -11.41 -11.85
CA ARG A 1371 15.01 -10.29 -12.41
C ARG A 1371 15.56 -9.88 -13.77
N GLN A 1372 16.88 -9.94 -13.95
CA GLN A 1372 17.46 -9.63 -15.25
C GLN A 1372 16.99 -10.62 -16.31
N LEU A 1373 16.97 -11.91 -15.98
CA LEU A 1373 16.40 -12.89 -16.89
C LEU A 1373 14.94 -12.60 -17.19
N GLU A 1374 14.19 -12.16 -16.19
CA GLU A 1374 12.78 -11.84 -16.40
C GLU A 1374 12.62 -10.67 -17.36
N ASN A 1375 13.41 -9.60 -17.17
CA ASN A 1375 13.31 -8.44 -18.06
C ASN A 1375 13.74 -8.79 -19.47
N SER A 1376 14.83 -9.53 -19.61
CA SER A 1376 15.23 -9.99 -20.93
C SER A 1376 14.22 -11.01 -21.46
N GLN A 1377 14.08 -11.06 -22.78
CA GLN A 1377 12.99 -11.83 -23.39
C GLN A 1377 13.49 -13.21 -23.82
N GLN A 1378 13.85 -14.01 -22.82
CA GLN A 1378 14.14 -15.42 -23.06
C GLN A 1378 13.32 -16.36 -22.20
N VAL A 1379 13.13 -16.04 -20.91
CA VAL A 1379 12.28 -16.81 -20.01
C VAL A 1379 11.06 -15.97 -19.67
N SER A 1380 9.88 -16.57 -19.81
CA SER A 1380 8.65 -15.82 -19.62
C SER A 1380 8.45 -15.40 -18.17
N LYS A 1381 8.84 -16.26 -17.22
CA LYS A 1381 8.64 -15.96 -15.82
C LYS A 1381 9.65 -16.75 -14.99
N THR A 1382 10.15 -16.14 -13.93
CA THR A 1382 11.10 -16.75 -13.01
C THR A 1382 10.55 -16.72 -11.61
N GLU A 1383 10.77 -17.81 -10.87
CA GLU A 1383 10.21 -17.96 -9.54
C GLU A 1383 11.20 -18.74 -8.69
N GLU A 1384 11.24 -18.43 -7.39
CA GLU A 1384 12.09 -19.15 -6.45
C GLU A 1384 11.27 -19.54 -5.23
N GLN A 1385 11.47 -20.77 -4.76
CA GLN A 1385 10.81 -21.22 -3.55
C GLN A 1385 11.44 -22.52 -3.10
N ASP A 1386 11.69 -22.63 -1.80
CA ASP A 1386 12.22 -23.86 -1.18
C ASP A 1386 13.36 -24.46 -2.00
N ASN A 1387 14.39 -23.65 -2.21
CA ASN A 1387 15.64 -24.00 -2.90
C ASN A 1387 15.44 -24.55 -4.30
N HIS A 1388 14.26 -24.41 -4.90
CA HIS A 1388 14.03 -24.73 -6.29
C HIS A 1388 13.69 -23.43 -7.01
N VAL A 1389 14.34 -23.18 -8.14
CA VAL A 1389 13.98 -22.07 -9.01
C VAL A 1389 13.34 -22.60 -10.26
N PHE A 1390 12.16 -22.11 -10.57
CA PHE A 1390 11.39 -22.49 -11.74
C PHE A 1390 11.48 -21.38 -12.77
N LEU A 1391 11.83 -21.75 -14.00
CA LEU A 1391 11.84 -20.84 -15.13
C LEU A 1391 10.86 -21.39 -16.16
N TYR A 1392 9.87 -20.56 -16.54
CA TYR A 1392 8.84 -20.94 -17.48
C TYR A 1392 9.24 -20.45 -18.86
N LEU A 1393 9.72 -21.36 -19.70
CA LEU A 1393 10.02 -21.02 -21.08
C LEU A 1393 8.76 -21.16 -21.93
N ASN A 1394 8.51 -20.14 -22.75
CA ASN A 1394 7.35 -20.15 -23.63
C ASN A 1394 7.43 -21.28 -24.64
N ALA A 1395 8.61 -21.53 -25.19
CA ALA A 1395 8.81 -22.62 -26.12
C ALA A 1395 10.28 -22.97 -26.18
N VAL A 1396 10.57 -24.18 -26.65
CA VAL A 1396 11.94 -24.64 -26.83
C VAL A 1396 12.07 -25.31 -28.20
N PRO A 1397 12.74 -24.67 -29.16
CA PRO A 1397 12.86 -25.26 -30.49
C PRO A 1397 14.01 -26.26 -30.57
N LEU A 1398 14.26 -26.79 -31.77
CA LEU A 1398 15.36 -27.73 -31.97
C LEU A 1398 16.71 -27.05 -31.79
N LYS A 1399 16.80 -25.76 -32.08
CA LYS A 1399 18.03 -25.02 -31.82
C LYS A 1399 18.23 -24.86 -30.33
N THR A 1400 19.46 -25.09 -29.87
CA THR A 1400 19.74 -25.08 -28.45
C THR A 1400 19.57 -23.68 -27.87
N ILE A 1401 18.94 -23.60 -26.70
CA ILE A 1401 18.73 -22.35 -25.98
C ILE A 1401 19.59 -22.40 -24.71
N GLN A 1402 20.39 -21.36 -24.51
CA GLN A 1402 21.31 -21.29 -23.38
C GLN A 1402 20.89 -20.17 -22.44
N LEU A 1403 20.77 -20.50 -21.16
CA LEU A 1403 20.42 -19.54 -20.12
C LEU A 1403 21.50 -19.52 -19.06
N SER A 1404 21.61 -18.40 -18.35
CA SER A 1404 22.66 -18.26 -17.35
C SER A 1404 22.20 -17.32 -16.25
N PHE A 1405 22.51 -17.68 -15.00
CA PHE A 1405 22.21 -16.81 -13.88
C PHE A 1405 23.13 -17.13 -12.71
N LYS A 1406 23.25 -16.17 -11.80
CA LYS A 1406 24.20 -16.24 -10.70
C LYS A 1406 23.53 -16.77 -9.43
N VAL A 1407 24.38 -17.19 -8.49
CA VAL A 1407 23.94 -17.74 -7.21
C VAL A 1407 24.93 -17.29 -6.13
N LEU A 1408 24.41 -16.75 -5.04
CA LEU A 1408 25.25 -16.31 -3.93
C LEU A 1408 25.53 -17.49 -3.01
N ILE A 1409 26.02 -17.20 -1.81
CA ILE A 1409 26.23 -18.21 -0.78
C ILE A 1409 25.58 -17.75 0.51
N GLY A 1410 24.89 -18.68 1.18
CA GLY A 1410 24.33 -18.41 2.48
C GLY A 1410 25.20 -19.02 3.56
N SER A 1411 24.66 -20.00 4.29
CA SER A 1411 25.46 -20.71 5.28
C SER A 1411 26.45 -21.62 4.55
N ARG A 1412 27.73 -21.43 4.84
CA ARG A 1412 28.76 -22.21 4.17
C ARG A 1412 28.67 -23.68 4.57
N VAL A 1413 29.02 -24.55 3.63
CA VAL A 1413 28.98 -25.98 3.85
C VAL A 1413 30.05 -26.63 2.98
N LEU A 1414 30.68 -27.68 3.50
CA LEU A 1414 31.72 -28.40 2.79
C LEU A 1414 31.22 -29.77 2.37
N ASN A 1415 32.03 -30.44 1.55
CA ASN A 1415 31.68 -31.76 0.99
C ASN A 1415 30.34 -31.68 0.26
N VAL A 1416 30.15 -30.63 -0.52
CA VAL A 1416 28.89 -30.40 -1.21
C VAL A 1416 28.70 -31.46 -2.29
N LYS A 1417 27.54 -32.10 -2.28
CA LYS A 1417 27.20 -33.10 -3.29
C LYS A 1417 26.54 -32.40 -4.49
N SER A 1418 26.06 -33.21 -5.43
CA SER A 1418 25.55 -32.68 -6.68
C SER A 1418 24.13 -32.15 -6.51
N ALA A 1419 23.68 -31.44 -7.54
CA ALA A 1419 22.33 -30.89 -7.62
C ALA A 1419 21.72 -31.28 -8.97
N SER A 1420 20.42 -31.03 -9.11
CA SER A 1420 19.68 -31.52 -10.26
C SER A 1420 18.94 -30.40 -10.98
N VAL A 1421 18.98 -30.46 -12.31
CA VAL A 1421 18.18 -29.60 -13.17
C VAL A 1421 17.19 -30.49 -13.91
N TYR A 1422 15.92 -30.12 -13.88
CA TYR A 1422 14.85 -30.95 -14.43
C TYR A 1422 14.03 -30.10 -15.40
N VAL A 1423 13.80 -30.62 -16.60
CA VAL A 1423 13.06 -29.91 -17.63
C VAL A 1423 11.88 -30.78 -18.05
N TYR A 1424 10.69 -30.17 -18.15
CA TYR A 1424 9.54 -30.93 -18.61
C TYR A 1424 8.50 -29.97 -19.19
N ASP A 1425 7.77 -30.46 -20.19
CA ASP A 1425 6.62 -29.73 -20.72
C ASP A 1425 5.52 -29.70 -19.68
N TYR A 1426 4.95 -28.52 -19.44
CA TYR A 1426 3.97 -28.39 -18.37
C TYR A 1426 2.72 -29.19 -18.69
N TYR A 1427 2.33 -29.22 -19.96
CA TYR A 1427 1.12 -29.94 -20.38
C TYR A 1427 1.39 -31.37 -20.84
N GLU A 1428 2.65 -31.78 -20.93
CA GLU A 1428 2.98 -33.18 -21.23
C GLU A 1428 4.26 -33.53 -20.48
N THR A 1429 4.11 -34.14 -19.31
CA THR A 1429 5.27 -34.54 -18.52
C THR A 1429 6.00 -35.74 -19.10
N GLY A 1430 5.45 -36.38 -20.13
CA GLY A 1430 6.13 -37.51 -20.72
C GLY A 1430 7.47 -37.15 -21.34
N GLU A 1431 7.57 -35.97 -21.94
CA GLU A 1431 8.79 -35.50 -22.59
C GLU A 1431 9.55 -34.66 -21.57
N ASN A 1432 10.52 -35.27 -20.91
CA ASN A 1432 11.29 -34.59 -19.87
C ASN A 1432 12.76 -34.97 -19.98
N GLY A 1433 13.59 -34.13 -19.39
CA GLY A 1433 15.02 -34.37 -19.37
C GLY A 1433 15.61 -34.00 -18.02
N PHE A 1434 16.72 -34.67 -17.70
CA PHE A 1434 17.42 -34.47 -16.45
C PHE A 1434 18.88 -34.10 -16.73
N ALA A 1435 19.46 -33.29 -15.85
CA ALA A 1435 20.85 -32.90 -15.97
C ALA A 1435 21.45 -32.73 -14.59
N SER A 1436 22.74 -33.01 -14.50
CA SER A 1436 23.46 -32.92 -13.24
C SER A 1436 24.13 -31.56 -13.09
N TYR A 1437 24.48 -31.23 -11.85
CA TYR A 1437 25.07 -29.96 -11.51
C TYR A 1437 26.08 -30.17 -10.40
N SER A 1438 27.27 -29.59 -10.54
CA SER A 1438 28.32 -29.77 -9.56
C SER A 1438 28.95 -28.43 -9.19
N GLN A 1439 29.62 -28.42 -8.04
CA GLN A 1439 30.30 -27.23 -7.57
C GLN A 1439 31.49 -26.93 -8.49
N PRO A 1440 31.68 -25.67 -8.88
CA PRO A 1440 32.83 -25.34 -9.74
C PRO A 1440 34.17 -25.66 -9.11
N CYS A 1441 34.29 -25.52 -7.79
CA CYS A 1441 35.57 -25.78 -7.13
C CYS A 1441 35.46 -26.98 -6.20
C1 NAG B . -41.57 40.22 8.65
C2 NAG B . -41.85 41.63 9.21
C3 NAG B . -41.16 42.70 8.35
C4 NAG B . -41.54 42.57 6.89
C5 NAG B . -41.55 41.10 6.46
C6 NAG B . -40.88 40.86 5.13
C7 NAG B . -44.05 41.36 10.25
C8 NAG B . -45.50 41.72 10.18
N2 NAG B . -43.28 41.89 9.29
O3 NAG B . -39.74 42.59 8.51
O4 NAG B . -42.81 43.14 6.65
O5 NAG B . -40.86 40.32 7.43
O6 NAG B . -41.23 39.59 4.59
O7 NAG B . -43.61 40.61 11.11
C1 NAG C . -30.16 38.26 22.26
C2 NAG C . -29.79 37.45 23.54
C3 NAG C . -31.03 37.18 24.38
C4 NAG C . -31.81 38.47 24.65
C5 NAG C . -32.15 39.14 23.33
C6 NAG C . -32.88 40.44 23.49
C7 NAG C . -29.70 35.19 22.54
C8 NAG C . -28.83 33.99 22.30
N2 NAG C . -29.13 36.21 23.20
O3 NAG C . -30.65 36.58 25.61
O4 NAG C . -33.03 38.18 25.34
O5 NAG C . -30.93 39.43 22.63
O6 NAG C . -34.02 40.29 24.33
O7 NAG C . -30.86 35.25 22.13
C1 NAG D . 29.90 11.69 10.23
C2 NAG D . 31.40 11.55 10.56
C3 NAG D . 31.81 12.57 11.59
C4 NAG D . 31.33 13.96 11.18
C5 NAG D . 29.81 13.99 11.22
C6 NAG D . 29.19 14.78 10.10
C7 NAG D . 32.45 9.35 10.29
C8 NAG D . 32.67 8.00 10.92
N2 NAG D . 31.71 10.21 11.01
O3 NAG D . 33.23 12.57 11.73
O4 NAG D . 31.85 14.94 12.06
O5 NAG D . 29.27 12.66 11.16
O6 NAG D . 30.06 14.83 8.97
O7 NAG D . 32.92 9.65 9.20
C1 NAG E . 40.18 5.82 -10.45
C2 NAG E . 41.59 5.28 -10.18
C3 NAG E . 42.54 5.71 -11.30
C4 NAG E . 41.98 5.29 -12.65
C5 NAG E . 40.56 5.82 -12.81
C6 NAG E . 39.90 5.34 -14.09
C7 NAG E . 42.89 5.02 -8.11
C8 NAG E . 43.30 5.66 -6.82
N2 NAG E . 42.08 5.74 -8.88
O3 NAG E . 43.81 5.10 -11.09
O4 NAG E . 42.80 5.82 -13.69
O5 NAG E . 39.74 5.36 -11.73
O6 NAG E . 40.21 6.19 -15.18
O7 NAG E . 43.27 3.91 -8.44
C1 NAG F . 5.59 53.23 -9.12
C2 NAG F . 5.90 51.94 -9.89
C3 NAG F . 7.34 51.94 -10.40
C4 NAG F . 7.65 53.22 -11.18
C5 NAG F . 7.29 54.44 -10.32
C6 NAG F . 7.47 55.74 -11.07
C7 NAG F . 6.29 50.45 -7.96
C8 NAG F . 5.84 49.19 -7.27
N2 NAG F . 5.62 50.76 -9.09
O3 NAG F . 7.55 50.81 -11.24
O4 NAG F . 9.02 53.26 -11.52
O5 NAG F . 5.92 54.37 -9.92
O6 NAG F . 8.42 55.62 -12.12
O7 NAG F . 7.19 51.15 -7.52
C1 NAG G . 0.75 40.79 27.58
C2 NAG G . 0.75 39.86 28.79
C3 NAG G . -0.03 40.51 29.92
C4 NAG G . 0.55 41.88 30.24
C5 NAG G . 0.64 42.73 28.98
C6 NAG G . 1.38 44.03 29.20
C7 NAG G . 0.93 37.45 28.31
C8 NAG G . 2.41 37.63 28.54
N2 NAG G . 0.19 38.56 28.45
O3 NAG G . 0.04 39.67 31.08
O4 NAG G . -0.29 42.54 31.18
O5 NAG G . 1.35 42.03 27.94
O6 NAG G . 0.93 44.68 30.38
O7 NAG G . 0.45 36.37 28.03
C1 NAG H . -10.53 32.01 27.95
C2 NAG H . -10.78 32.46 29.38
C3 NAG H . -10.93 31.25 30.30
C4 NAG H . -12.01 30.31 29.77
C5 NAG H . -11.74 29.96 28.30
C6 NAG H . -12.87 29.17 27.68
C7 NAG H . -9.92 34.57 30.29
C8 NAG H . -8.71 35.33 30.73
N2 NAG H . -9.71 33.33 29.85
O3 NAG H . -11.24 31.68 31.61
O4 NAG H . -12.04 29.12 30.54
O5 NAG H . -11.61 31.17 27.53
O6 NAG H . -14.12 29.82 27.86
O7 NAG H . -11.05 35.06 30.32
C1 NAG I . -1.03 -10.38 31.59
C2 NAG I . -0.46 -11.61 30.89
C3 NAG I . 0.46 -12.40 31.83
C4 NAG I . 0.00 -12.29 33.29
C5 NAG I . -0.16 -10.83 33.74
C6 NAG I . 0.95 -10.39 34.66
C7 NAG I . -1.36 -13.29 29.33
C8 NAG I . -2.56 -14.08 28.94
N2 NAG I . -1.52 -12.46 30.38
O3 NAG I . 1.79 -11.91 31.71
O4 NAG I . -1.24 -12.97 33.45
O5 NAG I . -0.14 -9.96 32.61
O6 NAG I . 1.43 -9.09 34.30
O7 NAG I . -0.30 -13.36 28.73
C1 NAG J . 8.50 -10.88 8.72
C2 NAG J . 9.22 -12.22 8.59
C3 NAG J . 8.28 -13.35 8.99
C4 NAG J . 7.92 -13.22 10.46
C5 NAG J . 7.30 -11.84 10.72
C6 NAG J . 8.04 -11.04 11.77
C7 NAG J . 10.98 -12.21 6.89
C8 NAG J . 11.31 -12.46 5.45
N2 NAG J . 9.70 -12.42 7.24
O3 NAG J . 8.94 -14.60 8.77
O4 NAG J . 7.00 -14.23 10.83
O5 NAG J . 7.26 -11.04 9.53
O6 NAG J . 7.15 -10.31 12.59
O7 NAG J . 11.82 -11.85 7.69
C1 NAG K . 7.03 10.04 21.53
C2 NAG K . 7.64 11.15 22.37
C3 NAG K . 7.40 12.51 21.72
C4 NAG K . 7.89 12.50 20.28
C5 NAG K . 7.26 11.34 19.52
C6 NAG K . 7.78 11.21 18.11
C7 NAG K . 5.85 11.29 24.08
C8 NAG K . 5.55 11.22 25.54
N2 NAG K . 7.14 11.12 23.74
O3 NAG K . 8.08 13.52 22.46
O4 NAG K . 7.54 13.72 19.64
O5 NAG K . 7.56 10.11 20.19
O6 NAG K . 7.86 12.48 17.47
O7 NAG K . 4.97 11.49 23.23
C1 NAG L . 4.00 -55.52 -11.59
C2 NAG L . 5.43 -55.22 -11.15
C3 NAG L . 6.41 -55.53 -12.29
C4 NAG L . 6.20 -56.95 -12.80
C5 NAG L . 4.73 -57.18 -13.16
C6 NAG L . 4.43 -58.60 -13.55
C7 NAG L . 5.36 -52.77 -11.47
C8 NAG L . 5.58 -51.44 -10.80
N2 NAG L . 5.58 -53.84 -10.71
O3 NAG L . 7.74 -55.38 -11.82
O4 NAG L . 7.00 -57.18 -13.95
O5 NAG L . 3.90 -56.88 -12.03
O6 NAG L . 3.55 -58.66 -14.68
O7 NAG L . 5.01 -52.85 -12.64
C1 NAG M . -27.71 -26.45 -2.41
C2 NAG M . -27.48 -24.96 -2.25
C3 NAG M . -28.77 -24.25 -1.89
C4 NAG M . -29.86 -24.59 -2.90
C5 NAG M . -30.01 -26.10 -3.03
C6 NAG M . -31.00 -26.52 -4.09
C7 NAG M . -25.31 -24.05 -1.53
C8 NAG M . -24.37 -23.87 -0.39
N2 NAG M . -26.45 -24.70 -1.26
O3 NAG M . -28.55 -22.84 -1.87
O4 NAG M . -31.11 -24.03 -2.47
O5 NAG M . -28.74 -26.69 -3.38
O6 NAG M . -31.59 -25.38 -4.71
O7 NAG M . -25.06 -23.63 -2.66
C1 NAG N . -29.75 -18.46 -16.32
C2 NAG N . -30.64 -18.77 -17.53
C3 NAG N . -32.11 -18.52 -17.20
C4 NAG N . -32.51 -19.24 -15.91
C5 NAG N . -31.54 -18.88 -14.79
C6 NAG N . -31.82 -19.64 -13.52
C7 NAG N . -30.25 -16.69 -18.79
C8 NAG N . -29.79 -16.11 -20.10
N2 NAG N . -30.24 -18.03 -18.71
O3 NAG N . -32.93 -18.96 -18.28
O4 NAG N . -33.83 -18.85 -15.54
O5 NAG N . -30.20 -19.20 -15.19
O6 NAG N . -31.38 -18.91 -12.38
O7 NAG N . -30.62 -15.97 -17.87
C1 NAG O . -16.63 -49.19 12.63
C2 NAG O . -15.95 -50.30 13.44
C3 NAG O . -14.98 -49.70 14.47
C4 NAG O . -15.55 -48.46 15.13
C5 NAG O . -16.00 -47.43 14.10
C6 NAG O . -15.16 -46.17 14.11
C7 NAG O . -17.26 -52.37 13.66
C8 NAG O . -16.54 -52.86 12.43
N2 NAG O . -16.93 -51.14 14.09
O3 NAG O . -13.75 -49.40 13.83
O4 NAG O . -16.66 -48.81 15.95
O5 NAG O . -15.90 -47.98 12.77
O6 NAG O . -14.63 -45.93 15.40
O7 NAG O . -18.10 -53.06 14.23
C1 NAG P . 4.58 -63.77 -1.42
C2 NAG P . 5.50 -64.99 -1.30
C3 NAG P . 4.84 -66.23 -1.90
C4 NAG P . 4.02 -65.88 -3.15
C5 NAG P . 3.04 -64.75 -2.90
C6 NAG P . 1.60 -65.20 -2.95
C7 NAG P . 7.91 -64.46 -1.25
C8 NAG P . 7.77 -64.45 0.24
N2 NAG P . 6.79 -64.73 -1.94
O3 NAG P . 3.99 -66.83 -0.93
O4 NAG P . 4.90 -65.51 -4.21
O5 NAG P . 3.25 -64.19 -1.59
O6 NAG P . 1.37 -66.09 -4.03
O7 NAG P . 8.97 -64.26 -1.81
C1 NAG Q . -18.38 -58.93 6.05
C2 NAG Q . -19.17 -59.94 5.21
C3 NAG Q . -20.17 -60.71 6.08
C4 NAG Q . -19.49 -61.29 7.31
C5 NAG Q . -18.76 -60.19 8.07
C6 NAG Q . -18.00 -60.71 9.26
C7 NAG Q . -20.81 -58.37 4.24
C8 NAG Q . -21.37 -57.83 2.96
N2 NAG Q . -19.85 -59.30 4.09
O3 NAG Q . -20.76 -61.75 5.32
O4 NAG Q . -20.47 -61.88 8.17
O5 NAG Q . -17.81 -59.57 7.19
O6 NAG Q . -17.53 -59.64 10.08
O7 NAG Q . -21.19 -57.97 5.33
C1 NAG R . 4.02 -30.76 -37.74
C2 NAG R . 4.10 -31.60 -39.02
C3 NAG R . 3.73 -30.76 -40.27
C4 NAG R . 4.26 -29.34 -40.23
C5 NAG R . 4.14 -28.70 -38.86
C6 NAG R . 3.42 -27.36 -38.89
C7 NAG R . 6.58 -31.71 -39.11
C8 NAG R . 7.75 -32.62 -39.32
N2 NAG R . 5.37 -32.28 -39.19
O3 NAG R . 2.32 -30.75 -40.42
O4 NAG R . 5.62 -29.31 -40.65
O5 NAG R . 3.37 -29.55 -38.00
O6 NAG R . 4.20 -26.38 -39.56
O7 NAG R . 6.73 -30.51 -38.91
#